data_6YDX
#
_entry.id   6YDX
#
_cell.length_a   73.419
_cell.length_b   118.631
_cell.length_c   141.389
_cell.angle_alpha   90.000
_cell.angle_beta   102.767
_cell.angle_gamma   90.000
#
_symmetry.space_group_name_H-M   'P 1 21 1'
#
loop_
_entity.id
_entity.type
_entity.pdbx_description
1 polymer 'Leucyl-cystinyl aminopeptidase'
2 branched 2-acetamido-2-deoxy-beta-D-glucopyranose-(1-4)-2-acetamido-2-deoxy-beta-D-glucopyranose
3 branched beta-D-mannopyranose-(1-4)-2-acetamido-2-deoxy-beta-D-glucopyranose-(1-4)-2-acetamido-2-deoxy-beta-D-glucopyranose
4 non-polymer '2-[2-[[[(4~{R},8~{S},11~{S})-11-azanyl-8-[(4-hydroxyphenyl)methyl]-6,10-bis(oxidanylidene)-1,2-dithia-5,9-diazacyclotridec-4-yl]carbonylamino]methyl]phenyl]ethanoic acid'
5 non-polymer 'ZINC ION'
6 non-polymer 2-acetamido-2-deoxy-beta-D-glucopyranose
7 non-polymer 'SUCCINIC ACID'
8 non-polymer 1,2-ETHANEDIOL
9 non-polymer 'TRIETHYLENE GLYCOL'
10 non-polymer 'TETRAETHYLENE GLYCOL'
11 non-polymer 'PHOSPHATE ION'
12 non-polymer DI(HYDROXYETHYL)ETHER
13 water water
#
_entity_poly.entity_id   1
_entity_poly.type   'polypeptide(L)'
_entity_poly.pdbx_seq_one_letter_code
;MGILPSPGNPALLSLVSLLSVLLMGCVAETGATNGKLFPWAQIRLPTAVVPLRYELSLHPNLTSMTFRGSVTISVQALQV
TWNIILHSTGHNISRVTFMSAVSSQEKQAEILEYAYHGQIAIVAPEALLAGHNYTLKIEYSANISSSYYGFYGFSYTDES
NEKKYFAATQFEPLAARSAFPCFDEPAFKATFIIKIIRDEQYTALSNMPKKSSVVLDDGLVQDEFSESVKMSTYLVAFIV
GEMKNLSQDVNGTLVSIYAVPEKIGQVHYALETTVKLLEFFQNYFEIQYPLKKLDLVAIPDFEAGAMENWGLLTFREETL
LYDSNTSSMADRKLVTKIIAHELAHQWFGNLVTMKWWNDLWLNEGFATFMEYFSLEKIFKELSSYEDFLDARFKTMKKDS
LNSSHPISSSVQSSEQIEEMFDSLSYFKGSSLLLMLKTYLSEDVFQHAVVLYLHNHSYASIQSDDLWDSFNEVTNQTLDV
KRMMKTWTLQKGFPLVTVQKKGKELFIQQERFFLNMKPEIQPSDTSYLWHIPLSYVTEGRNYSKYQSVSLLDKKSGVINL
TEEVLWVKVNINMNGYYIVHYADDDWEALIHQLKINPYVLSDKDRANLINNIFELAGLGKVPLKRAFDLINYLGNENHTA
PITEALFQTDLIYNLLEKLGYMDLASRLVTRVFKLLQNQIQQQTWTDEGTPSMRELRSALLEFACTHNLGNCSTTAMKLF
DDWMASNGTQSLPTDVMTTVFKVGAKTDKGWSFLLGKYISIGSEAEKNKILEALASSEDVRKLYWLMKSSLNGDNFRTQK
LSFIIRTVGRHFPGHLLAWDFVKENWNKLVQKFPLGSYTIQNIVAGSTYLFSTKTHLSEVQAFFENQSEATFRLRCVQEA
LEVIQLNIQWMEKNLKSLTWWLRTETSQVAPA
;
_entity_poly.pdbx_strand_id   A,B
#
loop_
_chem_comp.id
_chem_comp.type
_chem_comp.name
_chem_comp.formula
BMA D-saccharide, beta linking beta-D-mannopyranose 'C6 H12 O6'
EDO non-polymer 1,2-ETHANEDIOL 'C2 H6 O2'
NAG D-saccharide, beta linking 2-acetamido-2-deoxy-beta-D-glucopyranose 'C8 H15 N O6'
ONN non-polymer '2-[2-[[[(4~{R},8~{S},11~{S})-11-azanyl-8-[(4-hydroxyphenyl)methyl]-6,10-bis(oxidanylidene)-1,2-dithia-5,9-diazacyclotridec-4-yl]carbonylamino]methyl]phenyl]ethanoic acid' 'C26 H32 N4 O6 S2'
PEG non-polymer DI(HYDROXYETHYL)ETHER 'C4 H10 O3'
PG4 non-polymer 'TETRAETHYLENE GLYCOL' 'C8 H18 O5'
PGE non-polymer 'TRIETHYLENE GLYCOL' 'C6 H14 O4'
PO4 non-polymer 'PHOSPHATE ION' 'O4 P -3'
SIN non-polymer 'SUCCINIC ACID' 'C4 H6 O4'
ZN non-polymer 'ZINC ION' 'Zn 2'
#
# COMPACT_ATOMS: atom_id res chain seq x y z
N ASN A 34 -24.63 68.81 20.52
CA ASN A 34 -23.37 68.80 19.79
C ASN A 34 -23.35 69.77 18.61
N GLY A 35 -23.29 71.06 18.91
CA GLY A 35 -23.31 72.12 17.92
C GLY A 35 -22.21 72.05 16.88
N LYS A 36 -21.00 72.46 17.26
CA LYS A 36 -19.86 72.43 16.34
C LYS A 36 -19.32 71.01 16.18
N LEU A 37 -18.68 70.77 15.05
CA LEU A 37 -18.12 69.46 14.79
C LEU A 37 -16.76 69.32 15.46
N PHE A 38 -16.26 68.09 15.47
CA PHE A 38 -15.02 67.76 16.15
C PHE A 38 -13.85 68.34 15.35
N PRO A 39 -12.80 68.83 16.02
CA PRO A 39 -11.68 69.48 15.34
C PRO A 39 -10.62 68.58 14.70
N TRP A 40 -10.65 67.25 14.84
CA TRP A 40 -9.64 66.38 14.24
C TRP A 40 -10.34 65.32 13.39
N ALA A 41 -9.83 65.10 12.18
CA ALA A 41 -10.49 64.18 11.25
C ALA A 41 -9.65 62.97 10.88
N GLN A 42 -8.66 62.62 11.69
CA GLN A 42 -7.80 61.49 11.39
C GLN A 42 -7.76 60.56 12.59
N ILE A 43 -7.35 59.32 12.33
CA ILE A 43 -7.27 58.33 13.40
C ILE A 43 -6.15 58.68 14.37
N ARG A 44 -4.98 59.01 13.85
CA ARG A 44 -3.82 59.28 14.71
C ARG A 44 -3.78 60.70 15.30
N LEU A 45 -3.31 60.75 16.54
CA LEU A 45 -3.27 61.98 17.34
C LEU A 45 -2.32 63.03 16.76
N PRO A 46 -2.66 64.30 16.95
CA PRO A 46 -1.79 65.40 16.54
C PRO A 46 -0.56 65.47 17.43
N THR A 47 0.54 65.95 16.86
CA THR A 47 1.79 65.99 17.61
C THR A 47 2.06 67.32 18.31
N ALA A 48 1.13 68.27 18.26
CA ALA A 48 1.34 69.53 18.96
C ALA A 48 1.41 69.29 20.45
N VAL A 49 0.44 68.54 20.97
CA VAL A 49 0.33 68.33 22.40
C VAL A 49 1.22 67.16 22.80
N VAL A 50 1.91 67.30 23.93
CA VAL A 50 2.77 66.22 24.39
C VAL A 50 2.63 66.08 25.90
N PRO A 51 2.22 64.92 26.42
CA PRO A 51 2.05 64.80 27.87
C PRO A 51 3.36 64.60 28.62
N LEU A 52 3.39 65.12 29.85
CA LEU A 52 4.56 64.93 30.71
C LEU A 52 4.23 64.09 31.94
N ARG A 53 3.12 64.37 32.63
CA ARG A 53 2.80 63.65 33.84
CA ARG A 53 2.80 63.65 33.84
C ARG A 53 1.29 63.53 34.04
N TYR A 54 0.86 62.30 34.34
CA TYR A 54 -0.51 61.86 34.52
C TYR A 54 -0.74 61.53 35.99
N GLU A 55 -1.82 62.04 36.56
CA GLU A 55 -2.24 61.66 37.90
C GLU A 55 -3.56 60.92 37.78
N LEU A 56 -3.57 59.65 38.10
CA LEU A 56 -4.79 58.90 37.93
C LEU A 56 -5.27 58.49 39.33
N SER A 57 -6.34 59.11 39.81
CA SER A 57 -6.93 58.74 41.09
C SER A 57 -8.36 58.26 40.80
N LEU A 58 -8.59 56.96 41.01
CA LEU A 58 -9.85 56.29 40.69
C LEU A 58 -10.45 55.60 41.91
N HIS A 59 -11.77 55.53 41.99
CA HIS A 59 -12.48 54.90 43.11
C HIS A 59 -13.55 53.91 42.59
N PRO A 60 -13.29 52.55 42.65
CA PRO A 60 -14.19 51.55 42.05
C PRO A 60 -15.07 50.67 42.94
N ASN A 61 -16.36 50.58 42.64
CA ASN A 61 -17.22 49.70 43.45
C ASN A 61 -17.51 48.42 42.67
N LEU A 62 -16.93 47.32 43.16
CA LEU A 62 -17.08 45.99 42.59
C LEU A 62 -18.52 45.47 42.72
N THR A 63 -19.25 45.90 43.76
CA THR A 63 -20.65 45.47 43.93
C THR A 63 -21.51 45.87 42.75
N SER A 64 -21.44 47.13 42.34
CA SER A 64 -22.19 47.61 41.20
C SER A 64 -21.38 47.61 39.91
N MET A 65 -20.10 47.23 40.00
CA MET A 65 -19.20 47.25 38.84
C MET A 65 -19.17 48.64 38.22
N THR A 66 -18.62 49.56 39.02
CA THR A 66 -18.58 50.96 38.67
C THR A 66 -17.42 51.64 39.39
N PHE A 67 -16.90 52.73 38.79
CA PHE A 67 -15.84 53.51 39.44
C PHE A 67 -15.86 54.98 39.04
N ARG A 68 -15.14 55.78 39.85
CA ARG A 68 -14.94 57.20 39.64
C ARG A 68 -13.45 57.48 39.51
N GLY A 69 -13.04 58.19 38.46
CA GLY A 69 -11.65 58.49 38.21
C GLY A 69 -11.39 59.95 37.85
N SER A 70 -10.22 60.43 38.27
CA SER A 70 -9.78 61.80 37.98
C SER A 70 -8.41 61.79 37.32
N VAL A 71 -8.29 62.39 36.14
CA VAL A 71 -7.04 62.44 35.39
C VAL A 71 -6.51 63.86 35.34
N THR A 72 -5.30 64.05 35.87
CA THR A 72 -4.56 65.31 35.81
C THR A 72 -3.40 65.09 34.84
N ILE A 73 -3.35 65.89 33.77
CA ILE A 73 -2.31 65.69 32.76
C ILE A 73 -1.45 66.93 32.68
N SER A 74 -0.15 66.71 32.70
CA SER A 74 0.86 67.75 32.49
C SER A 74 1.19 67.71 31.01
N VAL A 75 0.89 68.78 30.28
CA VAL A 75 1.07 68.79 28.84
C VAL A 75 1.83 70.03 28.39
N GLN A 76 2.82 69.81 27.53
CA GLN A 76 3.56 70.88 26.87
C GLN A 76 3.19 70.87 25.40
N ALA A 77 2.80 72.03 24.87
CA ALA A 77 2.49 72.18 23.45
C ALA A 77 3.68 72.83 22.74
N LEU A 78 4.27 72.12 21.79
CA LEU A 78 5.37 72.69 21.02
C LEU A 78 4.85 73.38 19.76
N GLN A 79 3.53 73.45 19.59
CA GLN A 79 2.93 74.05 18.41
C GLN A 79 1.86 75.06 18.80
N VAL A 80 1.68 76.07 17.95
CA VAL A 80 0.62 77.07 18.13
C VAL A 80 -0.75 76.45 17.88
N THR A 81 -1.39 75.87 18.89
CA THR A 81 -2.68 75.22 18.64
C THR A 81 -3.78 75.79 19.50
N TRP A 82 -5.01 75.71 18.99
CA TRP A 82 -6.19 76.18 19.71
C TRP A 82 -7.05 75.04 20.24
N ASN A 83 -6.80 73.80 19.83
CA ASN A 83 -7.60 72.65 20.26
C ASN A 83 -6.69 71.53 20.70
N ILE A 84 -7.16 70.75 21.69
CA ILE A 84 -6.45 69.62 22.27
C ILE A 84 -7.29 68.36 22.06
N ILE A 85 -6.65 67.30 21.56
CA ILE A 85 -7.30 66.03 21.23
C ILE A 85 -6.74 64.89 22.05
N LEU A 86 -7.64 64.04 22.54
CA LEU A 86 -7.35 62.88 23.38
C LEU A 86 -8.18 61.69 22.91
N HIS A 87 -7.80 60.49 23.36
CA HIS A 87 -8.53 59.25 23.08
C HIS A 87 -9.41 58.94 24.28
N SER A 88 -10.73 58.85 24.08
CA SER A 88 -11.57 58.54 25.23
C SER A 88 -12.88 57.89 24.82
N THR A 89 -13.28 56.86 25.56
CA THR A 89 -14.45 56.08 25.22
C THR A 89 -15.17 55.63 26.49
N GLY A 90 -16.49 55.43 26.37
CA GLY A 90 -17.28 54.90 27.45
C GLY A 90 -17.15 55.66 28.75
N HIS A 91 -17.09 56.98 28.67
CA HIS A 91 -16.82 57.83 29.80
C HIS A 91 -17.93 58.86 30.03
N ASN A 92 -18.30 59.04 31.29
CA ASN A 92 -19.19 60.12 31.74
C ASN A 92 -18.34 61.28 32.25
N ILE A 93 -18.26 62.38 31.50
CA ILE A 93 -17.42 63.50 31.94
C ILE A 93 -18.25 64.54 32.66
N SER A 94 -17.77 64.96 33.83
CA SER A 94 -18.44 65.98 34.63
C SER A 94 -17.78 67.35 34.55
N ARG A 95 -16.46 67.46 34.70
CA ARG A 95 -15.80 68.76 34.70
C ARG A 95 -14.34 68.63 34.24
N VAL A 96 -13.85 69.67 33.55
CA VAL A 96 -12.47 69.73 33.06
C VAL A 96 -11.84 71.08 33.42
N THR A 97 -10.52 71.07 33.66
CA THR A 97 -9.79 72.26 34.07
C THR A 97 -8.61 72.59 33.17
N PHE A 98 -8.47 73.87 32.82
CA PHE A 98 -7.33 74.39 32.08
C PHE A 98 -6.63 75.30 33.08
N MET A 99 -5.36 75.01 33.45
CA MET A 99 -4.76 75.77 34.57
C MET A 99 -3.24 75.95 34.48
N SER A 100 -2.80 76.79 33.55
CA SER A 100 -1.38 77.10 33.53
C SER A 100 -1.17 78.59 33.35
N ALA A 101 -2.09 79.38 33.89
CA ALA A 101 -1.97 80.82 33.89
C ALA A 101 -1.03 81.23 35.02
N VAL A 102 -0.65 82.51 35.04
CA VAL A 102 0.39 82.95 35.97
C VAL A 102 -0.03 82.72 37.42
N SER A 103 -1.25 83.14 37.77
CA SER A 103 -1.73 82.86 39.12
C SER A 103 -3.13 82.26 39.16
N SER A 104 -3.72 81.94 38.01
CA SER A 104 -5.06 81.38 38.01
C SER A 104 -5.03 79.99 38.62
N GLN A 105 -6.00 79.72 39.49
CA GLN A 105 -6.09 78.40 40.10
C GLN A 105 -6.53 77.35 39.09
N GLU A 106 -7.56 77.67 38.29
CA GLU A 106 -8.13 76.75 37.30
C GLU A 106 -9.18 77.50 36.50
N LYS A 107 -9.46 76.99 35.30
CA LYS A 107 -10.51 77.52 34.44
C LYS A 107 -11.33 76.39 33.84
N GLN A 108 -12.64 76.58 33.73
CA GLN A 108 -13.54 75.57 33.18
C GLN A 108 -13.44 75.57 31.66
N ALA A 109 -13.55 74.39 31.05
CA ALA A 109 -13.39 74.25 29.61
C ALA A 109 -14.49 73.38 29.00
N GLU A 110 -14.62 73.47 27.67
CA GLU A 110 -15.61 72.69 26.92
C GLU A 110 -14.97 71.47 26.28
N ILE A 111 -15.65 70.33 26.43
CA ILE A 111 -15.20 69.06 25.88
C ILE A 111 -16.12 68.62 24.74
N LEU A 112 -15.51 68.20 23.62
CA LEU A 112 -16.20 67.66 22.45
C LEU A 112 -15.82 66.20 22.20
N GLU A 113 -16.78 65.38 21.74
CA GLU A 113 -16.55 63.95 21.49
C GLU A 113 -16.97 63.52 20.09
N TYR A 114 -16.13 62.71 19.44
CA TYR A 114 -16.43 62.16 18.11
C TYR A 114 -17.09 60.81 18.25
N ALA A 115 -16.39 59.84 18.82
CA ALA A 115 -16.79 58.48 19.20
C ALA A 115 -16.67 57.47 18.05
N TYR A 116 -16.55 57.90 16.80
CA TYR A 116 -16.26 56.91 15.76
C TYR A 116 -14.83 56.43 15.89
N HIS A 117 -13.92 57.38 16.17
CA HIS A 117 -12.51 57.13 16.38
C HIS A 117 -12.19 56.99 17.85
N GLY A 118 -13.19 57.02 18.72
CA GLY A 118 -12.94 56.99 20.15
C GLY A 118 -12.02 58.12 20.58
N GLN A 119 -12.30 59.33 20.12
CA GLN A 119 -11.48 60.49 20.40
C GLN A 119 -12.35 61.59 21.01
N ILE A 120 -11.75 62.43 21.85
CA ILE A 120 -12.44 63.58 22.42
C ILE A 120 -11.52 64.79 22.26
N ALA A 121 -12.14 65.94 22.02
CA ALA A 121 -11.42 67.18 21.81
C ALA A 121 -11.75 68.17 22.91
N ILE A 122 -10.73 68.77 23.47
CA ILE A 122 -10.87 69.79 24.49
C ILE A 122 -10.56 71.15 23.86
N VAL A 123 -11.60 71.96 23.65
CA VAL A 123 -11.42 73.31 23.08
C VAL A 123 -10.91 74.27 24.16
N ALA A 124 -9.61 74.30 24.39
CA ALA A 124 -9.11 75.09 25.51
C ALA A 124 -9.17 76.57 25.19
N PRO A 125 -9.58 77.42 26.14
CA PRO A 125 -9.53 78.86 25.92
C PRO A 125 -8.11 79.41 25.98
N GLU A 126 -7.83 80.32 25.04
CA GLU A 126 -6.52 80.95 24.88
C GLU A 126 -5.47 79.94 24.45
N ALA A 127 -5.03 80.10 23.19
CA ALA A 127 -4.21 79.11 22.51
C ALA A 127 -2.88 78.86 23.22
N LEU A 128 -2.49 77.60 23.22
CA LEU A 128 -1.27 77.11 23.83
C LEU A 128 -0.08 77.53 22.97
N LEU A 129 1.00 77.94 23.64
CA LEU A 129 2.18 78.46 22.96
C LEU A 129 3.31 77.44 22.93
N ALA A 130 4.15 77.53 21.89
CA ALA A 130 5.17 76.54 21.67
C ALA A 130 6.18 76.56 22.80
N GLY A 131 6.40 75.40 23.44
CA GLY A 131 7.35 75.31 24.54
C GLY A 131 6.81 75.68 25.92
N HIS A 132 5.51 76.02 25.97
CA HIS A 132 4.87 76.43 27.22
C HIS A 132 4.10 75.26 27.82
N ASN A 133 4.33 74.97 29.09
CA ASN A 133 3.69 73.87 29.78
C ASN A 133 2.35 74.28 30.38
N TYR A 134 1.35 73.41 30.22
CA TYR A 134 0.03 73.57 30.79
C TYR A 134 -0.35 72.32 31.60
N THR A 135 -1.42 72.41 32.38
CA THR A 135 -1.90 71.29 33.18
C THR A 135 -3.39 71.09 33.02
N LEU A 136 -3.80 69.95 32.45
CA LEU A 136 -5.22 69.66 32.20
C LEU A 136 -5.74 68.53 33.09
N LYS A 137 -6.81 68.82 33.84
CA LYS A 137 -7.50 67.85 34.70
C LYS A 137 -8.94 67.65 34.26
N ILE A 138 -9.32 66.39 34.04
CA ILE A 138 -10.67 66.04 33.60
C ILE A 138 -11.30 65.06 34.58
N GLU A 139 -12.56 65.33 34.97
CA GLU A 139 -13.31 64.49 35.90
C GLU A 139 -14.33 63.63 35.16
N TYR A 140 -14.41 62.34 35.50
CA TYR A 140 -15.29 61.44 34.76
C TYR A 140 -15.73 60.24 35.60
N SER A 141 -16.80 59.58 35.14
CA SER A 141 -17.33 58.35 35.71
C SER A 141 -17.58 57.31 34.62
N ALA A 142 -17.41 56.03 34.96
CA ALA A 142 -17.63 54.93 34.02
C ALA A 142 -17.98 53.65 34.77
N ASN A 143 -18.17 52.56 34.02
CA ASN A 143 -18.49 51.23 34.51
C ASN A 143 -17.31 50.30 34.29
N ILE A 144 -17.27 49.26 35.11
CA ILE A 144 -16.30 48.20 34.91
C ILE A 144 -16.83 47.34 33.78
N SER A 145 -15.99 47.00 32.80
CA SER A 145 -16.56 46.33 31.65
C SER A 145 -16.76 44.84 31.90
N SER A 146 -17.71 44.26 31.16
CA SER A 146 -17.91 42.82 31.21
C SER A 146 -17.05 42.09 30.20
N SER A 147 -16.42 42.82 29.28
CA SER A 147 -15.56 42.21 28.27
C SER A 147 -14.17 41.95 28.85
N TYR A 148 -13.38 41.14 28.14
CA TYR A 148 -12.00 40.84 28.55
C TYR A 148 -11.10 41.89 27.91
N TYR A 149 -11.01 43.05 28.56
CA TYR A 149 -10.29 44.16 27.95
C TYR A 149 -10.25 45.29 28.97
N GLY A 150 -9.20 46.11 28.89
CA GLY A 150 -9.14 47.32 29.69
C GLY A 150 -9.33 47.05 31.17
N PHE A 151 -10.11 47.90 31.82
CA PHE A 151 -10.42 47.74 33.25
C PHE A 151 -11.66 46.87 33.37
N TYR A 152 -11.49 45.67 33.93
CA TYR A 152 -12.59 44.71 34.04
C TYR A 152 -12.57 44.06 35.42
N GLY A 153 -13.73 43.56 35.81
CA GLY A 153 -13.90 42.90 37.09
C GLY A 153 -14.67 41.61 36.95
N PHE A 154 -14.54 40.77 37.97
CA PHE A 154 -15.24 39.50 37.96
C PHE A 154 -15.40 38.97 39.37
N SER A 155 -16.29 37.97 39.49
CA SER A 155 -16.57 37.33 40.75
C SER A 155 -16.11 35.88 40.69
N TYR A 156 -15.34 35.46 41.67
CA TYR A 156 -14.84 34.10 41.75
C TYR A 156 -15.20 33.51 43.11
N THR A 157 -15.31 32.18 43.15
CA THR A 157 -15.74 31.49 44.34
C THR A 157 -14.60 30.79 45.05
N ASP A 158 -14.56 30.96 46.38
CA ASP A 158 -13.53 30.54 47.32
C ASP A 158 -13.65 29.06 47.70
N GLU A 159 -12.63 28.59 48.42
CA GLU A 159 -12.70 27.24 48.96
C GLU A 159 -13.75 27.18 50.07
N SER A 160 -13.91 28.30 50.78
CA SER A 160 -14.93 28.44 51.81
C SER A 160 -16.24 28.87 51.18
N ASN A 161 -16.24 29.08 49.87
CA ASN A 161 -17.42 29.40 49.05
C ASN A 161 -18.09 30.72 49.43
N GLU A 162 -17.28 31.77 49.58
CA GLU A 162 -17.79 33.14 49.70
C GLU A 162 -17.38 33.90 48.45
N LYS A 163 -18.35 34.52 47.78
CA LYS A 163 -18.06 35.25 46.56
C LYS A 163 -17.08 36.38 46.85
N LYS A 164 -16.10 36.53 45.97
CA LYS A 164 -15.11 37.58 46.11
C LYS A 164 -14.95 38.25 44.76
N TYR A 165 -14.44 39.47 44.78
CA TYR A 165 -14.30 40.23 43.56
C TYR A 165 -12.84 40.60 43.30
N PHE A 166 -12.52 40.77 42.02
CA PHE A 166 -11.17 41.05 41.53
C PHE A 166 -11.23 41.97 40.33
N ALA A 167 -10.37 42.99 40.30
CA ALA A 167 -10.31 43.96 39.20
C ALA A 167 -8.92 43.92 38.56
N ALA A 168 -8.86 43.95 37.24
CA ALA A 168 -7.59 43.84 36.53
C ALA A 168 -7.52 44.79 35.35
N THR A 169 -6.33 44.83 34.74
CA THR A 169 -6.07 45.74 33.64
C THR A 169 -5.51 44.98 32.46
N GLN A 170 -6.04 45.29 31.27
CA GLN A 170 -5.51 44.83 30.01
C GLN A 170 -5.57 46.01 29.04
N PHE A 171 -4.59 46.91 29.11
CA PHE A 171 -4.68 48.07 28.23
C PHE A 171 -4.08 47.79 26.85
N GLU A 172 -3.04 46.95 26.76
CA GLU A 172 -2.48 46.63 25.46
C GLU A 172 -3.52 45.90 24.62
N PRO A 173 -3.75 46.31 23.38
CA PRO A 173 -3.15 47.47 22.72
C PRO A 173 -3.87 48.82 22.90
N LEU A 174 -5.18 48.92 22.68
CA LEU A 174 -5.88 50.20 22.71
C LEU A 174 -7.00 50.28 23.74
N ALA A 175 -6.82 49.61 24.87
CA ALA A 175 -7.84 49.61 25.90
C ALA A 175 -7.66 50.72 26.92
N ALA A 176 -6.55 51.46 26.86
CA ALA A 176 -6.37 52.57 27.79
C ALA A 176 -7.42 53.64 27.56
N ARG A 177 -7.87 53.78 26.30
CA ARG A 177 -8.85 54.79 25.95
C ARG A 177 -10.06 54.67 26.87
N SER A 178 -10.57 53.44 27.02
CA SER A 178 -11.73 53.15 27.85
C SER A 178 -11.48 53.45 29.31
N ALA A 179 -10.27 53.20 29.80
CA ALA A 179 -10.04 53.35 31.21
C ALA A 179 -10.09 54.80 31.62
N PHE A 180 -9.17 55.60 31.09
CA PHE A 180 -9.13 57.01 31.41
C PHE A 180 -8.79 57.78 30.15
N PRO A 181 -9.18 59.04 30.08
CA PRO A 181 -8.84 59.87 28.92
C PRO A 181 -7.35 60.15 28.87
N CYS A 182 -6.74 59.81 27.74
CA CYS A 182 -5.30 60.01 27.60
C CYS A 182 -4.95 60.08 26.12
N PHE A 183 -3.66 60.32 25.86
CA PHE A 183 -3.08 60.24 24.53
C PHE A 183 -2.72 58.77 24.30
N ASP A 184 -3.67 58.01 23.75
CA ASP A 184 -3.54 56.55 23.67
C ASP A 184 -2.77 56.12 22.42
N GLU A 185 -1.46 56.40 22.46
CA GLU A 185 -0.51 56.02 21.42
C GLU A 185 0.84 55.71 22.08
N PRO A 186 1.48 54.60 21.72
CA PRO A 186 2.69 54.19 22.48
C PRO A 186 3.83 55.16 22.41
N ALA A 187 3.90 56.05 21.41
CA ALA A 187 5.04 56.97 21.28
C ALA A 187 4.99 58.09 22.33
N PHE A 188 3.80 58.40 22.84
CA PHE A 188 3.60 59.45 23.83
C PHE A 188 3.92 58.96 25.25
N LYS A 189 5.21 58.69 25.47
CA LYS A 189 5.69 58.23 26.76
C LYS A 189 5.57 59.34 27.80
N ALA A 190 5.31 58.95 29.06
CA ALA A 190 5.17 59.95 30.12
C ALA A 190 5.29 59.28 31.48
N THR A 191 5.47 60.10 32.51
CA THR A 191 5.55 59.59 33.86
C THR A 191 4.14 59.42 34.43
N PHE A 192 3.98 58.44 35.31
CA PHE A 192 2.66 58.14 35.88
C PHE A 192 2.71 57.99 37.39
N ILE A 193 1.69 58.56 38.06
CA ILE A 193 1.46 58.40 39.50
C ILE A 193 0.01 57.97 39.71
N ILE A 194 -0.19 56.76 40.24
CA ILE A 194 -1.51 56.17 40.38
C ILE A 194 -1.92 56.25 41.84
N LYS A 195 -3.12 56.78 42.10
CA LYS A 195 -3.71 56.87 43.43
C LYS A 195 -5.01 56.06 43.42
N ILE A 196 -5.01 54.92 44.11
CA ILE A 196 -6.16 54.02 44.10
C ILE A 196 -6.70 53.76 45.50
N ILE A 197 -8.01 53.53 45.52
CA ILE A 197 -8.83 53.38 46.73
C ILE A 197 -9.35 51.95 46.84
N ARG A 198 -9.21 51.35 48.04
CA ARG A 198 -9.63 49.97 48.26
C ARG A 198 -10.76 49.86 49.28
N ASP A 199 -11.60 48.83 49.08
CA ASP A 199 -12.89 48.72 49.80
C ASP A 199 -12.72 48.24 51.24
N GLU A 200 -11.94 47.19 51.46
CA GLU A 200 -11.82 46.65 52.81
C GLU A 200 -10.36 46.72 53.25
N GLN A 201 -9.68 45.63 53.02
CA GLN A 201 -8.24 45.42 53.22
C GLN A 201 -7.80 44.44 52.14
N TYR A 202 -7.95 44.92 50.92
CA TYR A 202 -7.63 44.24 49.68
C TYR A 202 -6.14 44.40 49.40
N THR A 203 -5.70 43.91 48.24
CA THR A 203 -4.36 44.16 47.76
C THR A 203 -4.47 45.12 46.58
N ALA A 204 -3.94 46.33 46.74
CA ALA A 204 -3.93 47.31 45.66
C ALA A 204 -2.51 47.39 45.12
N LEU A 205 -2.34 47.05 43.85
CA LEU A 205 -1.01 46.96 43.26
C LEU A 205 -0.96 47.68 41.93
N SER A 206 0.26 48.07 41.55
CA SER A 206 0.47 48.73 40.26
C SER A 206 1.95 48.66 39.89
N ASN A 207 2.36 49.56 39.00
CA ASN A 207 3.73 49.62 38.52
C ASN A 207 4.71 49.94 39.65
N MET A 208 4.45 51.05 40.40
CA MET A 208 5.38 51.51 41.44
C MET A 208 4.93 51.12 42.86
N PRO A 209 5.88 50.94 43.79
CA PRO A 209 5.53 50.55 45.17
C PRO A 209 4.62 51.54 45.89
N LYS A 210 3.80 51.00 46.79
CA LYS A 210 2.80 51.79 47.54
C LYS A 210 3.36 52.51 48.77
N LYS A 211 2.98 53.78 48.93
CA LYS A 211 3.25 54.56 50.13
C LYS A 211 2.02 55.40 50.50
N SER A 212 0.92 54.78 50.89
CA SER A 212 -0.21 55.58 51.30
C SER A 212 -0.79 55.10 52.61
N SER A 213 -1.00 56.05 53.52
CA SER A 213 -1.61 55.76 54.79
C SER A 213 -2.66 56.84 55.14
N GLY A 219 -13.70 56.64 54.58
CA GLY A 219 -13.34 55.54 55.47
C GLY A 219 -12.56 54.43 54.78
N LEU A 220 -12.85 54.23 53.49
CA LEU A 220 -12.15 53.20 52.73
C LEU A 220 -10.73 53.69 52.44
N VAL A 221 -9.77 52.78 52.45
CA VAL A 221 -8.38 53.19 52.29
C VAL A 221 -8.07 53.60 50.85
N GLN A 222 -7.14 54.56 50.71
CA GLN A 222 -6.63 55.03 49.43
C GLN A 222 -5.11 54.89 49.36
N ASP A 223 -4.62 54.05 48.45
CA ASP A 223 -3.19 53.83 48.23
C ASP A 223 -2.70 54.59 47.01
N GLU A 224 -1.60 55.35 47.17
CA GLU A 224 -0.99 56.11 46.06
C GLU A 224 0.36 55.49 45.73
N PHE A 225 0.52 55.06 44.49
CA PHE A 225 1.78 54.44 44.13
C PHE A 225 2.76 55.51 43.67
N SER A 226 4.04 55.17 43.67
CA SER A 226 5.05 56.18 43.41
C SER A 226 5.12 56.56 41.93
N GLU A 227 5.79 57.67 41.68
CA GLU A 227 5.97 58.15 40.31
C GLU A 227 6.91 57.20 39.55
N SER A 228 6.57 56.96 38.28
CA SER A 228 7.27 55.99 37.46
C SER A 228 8.08 56.61 36.33
N VAL A 229 8.79 55.71 35.64
CA VAL A 229 9.63 56.09 34.52
C VAL A 229 8.77 56.55 33.36
N LYS A 230 9.39 57.30 32.44
CA LYS A 230 8.71 57.70 31.22
C LYS A 230 8.30 56.40 30.51
N MET A 231 7.03 56.06 30.58
CA MET A 231 6.53 54.84 29.98
C MET A 231 5.22 55.11 29.24
N SER A 232 4.88 54.21 28.33
CA SER A 232 3.69 54.40 27.51
C SER A 232 2.42 54.20 28.33
N THR A 233 1.32 54.69 27.77
CA THR A 233 0.03 54.63 28.47
C THR A 233 -0.47 53.19 28.60
N TYR A 234 -0.12 52.32 27.63
CA TYR A 234 -0.67 50.98 27.60
C TYR A 234 0.01 50.07 28.61
N LEU A 235 1.11 50.51 29.21
CA LEU A 235 1.79 49.76 30.24
C LEU A 235 1.28 50.12 31.62
N VAL A 236 0.33 51.04 31.71
CA VAL A 236 -0.26 51.39 32.99
C VAL A 236 -1.03 50.18 33.47
N ALA A 237 -0.81 49.79 34.71
CA ALA A 237 -1.53 48.63 35.21
C ALA A 237 -1.82 48.78 36.68
N PHE A 238 -3.02 48.37 37.05
CA PHE A 238 -3.42 48.31 38.45
C PHE A 238 -4.37 47.14 38.70
N ILE A 239 -4.16 46.45 39.82
CA ILE A 239 -4.97 45.29 40.21
C ILE A 239 -5.61 45.50 41.59
N VAL A 240 -6.84 45.01 41.75
CA VAL A 240 -7.58 45.11 43.01
C VAL A 240 -8.30 43.80 43.34
N GLY A 241 -7.79 43.07 44.33
CA GLY A 241 -8.36 41.80 44.77
C GLY A 241 -7.72 41.31 46.05
N GLU A 242 -8.27 40.21 46.60
CA GLU A 242 -7.75 39.58 47.82
C GLU A 242 -6.62 38.62 47.44
N MET A 243 -5.39 38.98 47.81
CA MET A 243 -4.19 38.24 47.42
C MET A 243 -3.22 38.08 48.59
N LYS A 244 -2.24 37.18 48.40
CA LYS A 244 -1.11 36.98 49.32
C LYS A 244 0.20 37.06 48.52
N ASN A 245 1.33 37.31 49.21
CA ASN A 245 2.58 37.53 48.48
C ASN A 245 3.71 36.63 48.99
N LEU A 246 4.46 36.09 48.04
CA LEU A 246 5.70 35.35 48.28
C LEU A 246 6.81 36.06 47.52
N SER A 247 7.88 36.43 48.22
CA SER A 247 8.91 37.23 47.57
C SER A 247 10.31 36.92 48.08
N GLN A 248 11.28 37.44 47.33
CA GLN A 248 12.71 37.34 47.60
C GLN A 248 13.42 38.58 47.07
N ASP A 249 14.58 38.88 47.66
CA ASP A 249 15.42 39.99 47.23
C ASP A 249 16.33 39.50 46.10
N VAL A 250 16.54 40.33 45.08
CA VAL A 250 17.38 39.85 43.98
C VAL A 250 18.49 40.86 43.70
N ASN A 251 19.54 40.82 44.52
CA ASN A 251 20.71 41.70 44.38
C ASN A 251 20.25 43.15 44.27
N GLY A 252 19.34 43.53 45.16
CA GLY A 252 18.80 44.86 45.30
C GLY A 252 17.30 45.01 45.15
N THR A 253 16.68 44.37 44.15
CA THR A 253 15.24 44.47 43.92
C THR A 253 14.50 43.36 44.66
N LEU A 254 13.22 43.61 44.94
CA LEU A 254 12.35 42.63 45.61
C LEU A 254 11.41 42.01 44.59
N VAL A 255 11.59 40.72 44.27
CA VAL A 255 10.72 40.05 43.31
C VAL A 255 9.56 39.44 44.09
N SER A 256 8.34 39.91 43.83
CA SER A 256 7.16 39.46 44.53
C SER A 256 6.25 38.73 43.56
N ILE A 257 5.86 37.50 43.91
CA ILE A 257 4.93 36.74 43.09
C ILE A 257 3.63 36.67 43.88
N TYR A 258 2.62 37.41 43.44
CA TYR A 258 1.37 37.47 44.16
C TYR A 258 0.44 36.42 43.58
N ALA A 259 -0.55 36.04 44.38
CA ALA A 259 -1.56 35.06 43.99
C ALA A 259 -2.73 35.12 44.95
N VAL A 260 -3.85 34.54 44.54
CA VAL A 260 -5.04 34.50 45.41
C VAL A 260 -4.81 33.52 46.57
N PRO A 261 -5.28 33.83 47.74
CA PRO A 261 -4.97 33.01 48.92
C PRO A 261 -5.06 31.52 48.75
N GLU A 262 -5.93 31.08 47.84
CA GLU A 262 -6.19 29.67 47.62
C GLU A 262 -4.95 28.96 47.10
N LYS A 263 -4.30 29.55 46.10
CA LYS A 263 -3.25 28.89 45.37
C LYS A 263 -1.87 29.47 45.67
N ILE A 264 -1.69 30.08 46.85
CA ILE A 264 -0.42 30.75 47.14
C ILE A 264 0.71 29.77 47.33
N GLY A 265 0.40 28.50 47.60
CA GLY A 265 1.42 27.49 47.72
C GLY A 265 1.99 27.02 46.42
N GLN A 266 1.31 27.33 45.32
CA GLN A 266 1.71 26.91 44.00
C GLN A 266 2.64 27.91 43.33
N VAL A 267 3.06 28.97 44.03
CA VAL A 267 3.92 29.99 43.44
C VAL A 267 5.39 29.69 43.69
N HIS A 268 5.71 28.54 44.29
CA HIS A 268 7.10 28.23 44.60
C HIS A 268 7.96 28.14 43.35
N TYR A 269 7.47 27.47 42.30
CA TYR A 269 8.28 27.34 41.09
C TYR A 269 8.51 28.68 40.40
N ALA A 270 7.48 29.53 40.36
CA ALA A 270 7.60 30.78 39.61
C ALA A 270 8.71 31.65 40.17
N LEU A 271 8.79 31.76 41.50
CA LEU A 271 9.85 32.54 42.12
C LEU A 271 11.22 31.95 41.84
N GLU A 272 11.32 30.63 41.85
CA GLU A 272 12.61 29.98 41.59
C GLU A 272 13.16 30.41 40.25
N THR A 273 12.33 30.29 39.20
CA THR A 273 12.74 30.69 37.86
C THR A 273 12.86 32.20 37.70
N THR A 274 11.93 32.96 38.30
CA THR A 274 11.94 34.40 38.09
C THR A 274 13.22 35.03 38.63
N VAL A 275 13.66 34.62 39.82
CA VAL A 275 14.89 35.14 40.37
C VAL A 275 16.08 34.69 39.54
N LYS A 276 16.08 33.42 39.12
CA LYS A 276 17.17 32.93 38.28
C LYS A 276 17.24 33.68 36.95
N LEU A 277 16.10 33.90 36.31
CA LEU A 277 16.10 34.58 35.02
C LEU A 277 16.56 36.03 35.15
N LEU A 278 16.09 36.73 36.17
CA LEU A 278 16.44 38.14 36.30
C LEU A 278 17.93 38.32 36.48
N GLU A 279 18.58 37.40 37.18
CA GLU A 279 20.03 37.47 37.33
C GLU A 279 20.69 37.17 36.00
N PHE A 280 20.03 36.37 35.17
CA PHE A 280 20.59 36.07 33.86
C PHE A 280 20.40 37.23 32.91
N PHE A 281 19.19 37.78 32.86
CA PHE A 281 18.91 38.87 31.95
C PHE A 281 19.72 40.12 32.30
N GLN A 282 19.94 40.38 33.59
CA GLN A 282 20.71 41.57 33.93
C GLN A 282 22.18 41.45 33.53
N ASN A 283 22.71 40.23 33.38
CA ASN A 283 24.09 40.05 32.95
C ASN A 283 24.25 40.14 31.43
N TYR A 284 23.26 39.73 30.65
CA TYR A 284 23.42 39.84 29.21
CA TYR A 284 23.33 39.81 29.19
C TYR A 284 23.03 41.21 28.67
N PHE A 285 22.13 41.95 29.33
CA PHE A 285 21.87 43.35 29.00
C PHE A 285 22.47 44.07 30.20
N GLU A 286 23.57 44.80 30.02
CA GLU A 286 24.18 45.30 31.25
C GLU A 286 23.27 46.32 31.96
N ILE A 287 22.21 46.79 31.34
CA ILE A 287 21.30 47.70 32.05
C ILE A 287 20.55 46.86 33.07
N GLN A 288 20.46 47.36 34.30
CA GLN A 288 19.78 46.58 35.31
C GLN A 288 18.32 47.01 35.42
N TYR A 289 17.52 46.18 36.09
CA TYR A 289 16.10 46.48 36.26
C TYR A 289 15.92 47.86 36.88
N PRO A 290 15.07 48.70 36.33
CA PRO A 290 14.94 50.09 36.80
C PRO A 290 13.91 50.35 37.90
N LEU A 291 13.25 49.33 38.44
CA LEU A 291 12.20 49.54 39.44
C LEU A 291 12.57 48.91 40.78
N LYS A 292 11.99 49.44 41.86
CA LYS A 292 12.30 48.88 43.17
C LYS A 292 11.67 47.51 43.34
N LYS A 293 10.49 47.27 42.76
CA LYS A 293 9.79 46.02 42.99
C LYS A 293 9.34 45.45 41.66
N LEU A 294 9.48 44.15 41.54
CA LEU A 294 9.04 43.36 40.39
C LEU A 294 7.93 42.48 40.89
N ASP A 295 6.72 42.71 40.40
CA ASP A 295 5.54 42.00 40.88
C ASP A 295 4.92 41.17 39.78
N LEU A 296 4.88 39.87 39.98
CA LEU A 296 4.25 38.94 39.06
C LEU A 296 2.98 38.47 39.73
N VAL A 297 1.84 38.58 39.06
CA VAL A 297 0.56 38.20 39.66
C VAL A 297 -0.13 37.14 38.82
N ALA A 298 -0.79 36.20 39.51
CA ALA A 298 -1.61 35.15 38.90
C ALA A 298 -3.10 35.52 38.98
N ILE A 299 -3.68 35.92 37.85
CA ILE A 299 -5.08 36.36 37.78
C ILE A 299 -6.08 35.22 37.63
N PRO A 300 -7.14 35.18 38.38
CA PRO A 300 -8.10 34.06 38.29
C PRO A 300 -8.67 33.80 36.90
N ASP A 301 -9.11 34.85 36.19
CA ASP A 301 -9.61 34.70 34.83
C ASP A 301 -8.48 35.16 33.91
N PHE A 302 -8.68 36.26 33.18
CA PHE A 302 -7.68 36.82 32.25
C PHE A 302 -7.50 35.98 31.00
N GLU A 303 -7.68 36.62 29.84
CA GLU A 303 -7.64 35.90 28.55
C GLU A 303 -6.25 35.70 27.99
N ALA A 304 -5.42 36.73 28.00
CA ALA A 304 -4.10 36.59 27.43
C ALA A 304 -3.25 35.74 28.35
N GLY A 305 -2.25 35.09 27.76
CA GLY A 305 -1.39 34.24 28.56
C GLY A 305 -0.68 35.02 29.64
N ALA A 306 -0.14 36.19 29.29
CA ALA A 306 0.53 37.05 30.25
C ALA A 306 0.71 38.43 29.64
N MET A 307 0.94 39.41 30.52
CA MET A 307 1.18 40.79 30.12
C MET A 307 2.48 41.27 30.75
N GLU A 308 3.03 42.34 30.17
CA GLU A 308 4.37 42.82 30.50
C GLU A 308 4.38 44.12 31.30
N ASN A 309 3.22 44.59 31.77
CA ASN A 309 3.09 45.86 32.48
C ASN A 309 4.24 46.10 33.45
N TRP A 310 4.94 47.23 33.26
CA TRP A 310 6.17 47.52 34.00
C TRP A 310 5.96 47.39 35.51
N GLY A 311 6.71 46.46 36.12
CA GLY A 311 6.65 46.18 37.55
C GLY A 311 5.44 45.41 38.01
N LEU A 312 4.56 45.03 37.08
CA LEU A 312 3.31 44.34 37.36
C LEU A 312 3.05 43.29 36.30
N LEU A 313 3.82 42.21 36.30
CA LEU A 313 3.55 41.20 35.28
C LEU A 313 2.22 40.56 35.61
N THR A 314 1.23 40.79 34.76
CA THR A 314 -0.06 40.17 34.98
C THR A 314 -0.06 38.86 34.20
N PHE A 315 -0.68 37.84 34.79
CA PHE A 315 -0.58 36.51 34.22
C PHE A 315 -1.92 35.81 34.23
N ARG A 316 -1.94 34.63 33.64
CA ARG A 316 -3.04 33.69 33.76
C ARG A 316 -2.67 32.76 34.91
N GLU A 317 -3.65 32.35 35.72
CA GLU A 317 -3.33 31.49 36.85
C GLU A 317 -2.83 30.13 36.37
N GLU A 318 -3.35 29.67 35.23
CA GLU A 318 -2.84 28.43 34.65
C GLU A 318 -1.40 28.58 34.22
N THR A 319 -1.02 29.77 33.79
CA THR A 319 0.31 29.98 33.24
C THR A 319 1.37 30.20 34.30
N LEU A 320 1.02 30.82 35.42
CA LEU A 320 2.08 31.16 36.34
C LEU A 320 2.23 30.11 37.42
N LEU A 321 1.11 29.59 37.89
CA LEU A 321 1.14 28.60 38.95
C LEU A 321 1.68 27.28 38.45
N TYR A 322 2.20 26.50 39.38
CA TYR A 322 2.79 25.20 39.10
C TYR A 322 2.74 24.34 40.34
N ASP A 323 2.51 23.05 40.16
CA ASP A 323 2.69 22.07 41.23
C ASP A 323 3.27 20.82 40.61
N SER A 324 4.46 20.44 41.08
CA SER A 324 5.15 19.26 40.54
C SER A 324 4.24 18.03 40.54
N ASN A 325 3.48 17.82 41.60
CA ASN A 325 2.63 16.63 41.67
C ASN A 325 1.53 16.64 40.62
N THR A 326 0.97 17.80 40.28
CA THR A 326 -0.16 17.86 39.37
C THR A 326 0.15 18.52 38.03
N SER A 327 1.41 18.85 37.76
CA SER A 327 1.77 19.52 36.53
C SER A 327 2.69 18.65 35.67
N SER A 328 2.45 18.70 34.37
CA SER A 328 3.13 17.92 33.35
C SER A 328 4.47 18.57 32.98
N MET A 329 5.22 17.88 32.10
CA MET A 329 6.49 18.45 31.67
C MET A 329 6.23 19.67 30.79
N ALA A 330 5.26 19.55 29.88
CA ALA A 330 4.89 20.68 29.02
C ALA A 330 4.37 21.83 29.86
N ASP A 331 3.65 21.51 30.93
CA ASP A 331 3.19 22.54 31.84
C ASP A 331 4.36 23.21 32.56
N ARG A 332 5.39 22.44 32.93
CA ARG A 332 6.58 23.07 33.50
C ARG A 332 7.29 23.95 32.48
N LYS A 333 7.31 23.51 31.21
CA LYS A 333 7.94 24.29 30.14
C LYS A 333 7.14 25.54 29.80
N LEU A 334 5.81 25.47 29.89
CA LEU A 334 5.01 26.64 29.54
C LEU A 334 5.20 27.77 30.54
N VAL A 335 5.23 27.45 31.84
CA VAL A 335 5.39 28.49 32.85
C VAL A 335 6.80 29.08 32.79
N THR A 336 7.79 28.29 32.35
CA THR A 336 9.17 28.78 32.32
C THR A 336 9.37 29.79 31.20
N LYS A 337 8.85 29.46 30.02
CA LYS A 337 9.00 30.34 28.86
C LYS A 337 8.22 31.63 29.02
N ILE A 338 7.00 31.57 29.57
CA ILE A 338 6.24 32.80 29.72
C ILE A 338 6.95 33.74 30.68
N ILE A 339 7.44 33.22 31.81
CA ILE A 339 8.18 34.08 32.73
C ILE A 339 9.44 34.60 32.05
N ALA A 340 10.10 33.76 31.24
CA ALA A 340 11.25 34.21 30.47
C ALA A 340 10.84 35.24 29.44
N HIS A 341 9.71 35.01 28.78
CA HIS A 341 9.19 35.93 27.78
C HIS A 341 8.79 37.26 28.40
N GLU A 342 8.11 37.21 29.54
CA GLU A 342 7.63 38.43 30.19
C GLU A 342 8.78 39.30 30.67
N LEU A 343 9.80 38.68 31.25
CA LEU A 343 10.94 39.43 31.76
C LEU A 343 11.69 40.16 30.65
N ALA A 344 11.76 39.55 29.46
CA ALA A 344 12.46 40.19 28.35
C ALA A 344 11.79 41.50 27.96
N HIS A 345 10.46 41.56 28.04
CA HIS A 345 9.73 42.77 27.68
C HIS A 345 10.13 43.95 28.54
N GLN A 346 10.47 43.72 29.80
CA GLN A 346 10.94 44.78 30.69
C GLN A 346 11.94 45.68 29.99
N TRP A 347 12.82 45.11 29.18
CA TRP A 347 13.73 45.90 28.38
C TRP A 347 13.18 46.11 26.96
N PHE A 348 12.68 45.05 26.31
CA PHE A 348 12.16 45.16 24.95
C PHE A 348 10.66 45.44 25.03
N GLY A 349 10.27 46.71 24.83
CA GLY A 349 8.88 47.10 24.93
C GLY A 349 8.60 48.00 26.11
N ASN A 350 8.90 47.57 27.33
CA ASN A 350 8.68 48.49 28.44
C ASN A 350 9.68 49.62 28.37
N LEU A 351 10.97 49.30 28.44
CA LEU A 351 11.99 50.35 28.43
C LEU A 351 12.07 51.05 27.08
N VAL A 352 12.40 50.30 26.04
CA VAL A 352 12.46 50.81 24.67
C VAL A 352 11.35 50.12 23.89
N THR A 353 10.42 50.90 23.34
CA THR A 353 9.25 50.35 22.69
C THR A 353 9.07 50.93 21.29
N MET A 354 8.17 50.29 20.56
CA MET A 354 7.89 50.66 19.18
C MET A 354 7.31 52.07 19.08
N LYS A 355 7.63 52.73 17.97
CA LYS A 355 7.06 54.04 17.70
C LYS A 355 5.57 53.90 17.42
N TRP A 356 5.21 52.89 16.62
CA TRP A 356 3.86 52.58 16.22
C TRP A 356 3.80 51.07 16.03
N TRP A 357 2.58 50.50 16.16
CA TRP A 357 2.37 49.06 16.04
C TRP A 357 2.81 48.44 14.73
N ASN A 358 2.91 49.21 13.64
CA ASN A 358 3.38 48.61 12.40
C ASN A 358 4.75 47.98 12.56
N ASP A 359 5.43 48.32 13.64
CA ASP A 359 6.68 47.69 14.03
C ASP A 359 6.51 46.99 15.37
N LEU A 360 5.38 46.30 15.56
CA LEU A 360 5.20 45.55 16.79
C LEU A 360 6.16 44.38 16.87
N TRP A 361 6.55 43.81 15.73
CA TRP A 361 7.53 42.73 15.79
C TRP A 361 8.83 43.20 16.42
N LEU A 362 9.00 44.51 16.63
CA LEU A 362 10.20 45.01 17.27
C LEU A 362 10.20 44.79 18.77
N ASN A 363 9.09 44.28 19.32
CA ASN A 363 9.00 43.97 20.74
C ASN A 363 8.74 42.49 20.97
N GLU A 364 7.64 41.96 20.44
CA GLU A 364 7.32 40.55 20.64
C GLU A 364 8.34 39.68 19.92
N GLY A 365 8.77 40.11 18.72
CA GLY A 365 9.78 39.36 18.00
C GLY A 365 11.08 39.28 18.77
N PHE A 366 11.44 40.38 19.45
CA PHE A 366 12.64 40.35 20.28
C PHE A 366 12.39 39.54 21.54
N ALA A 367 11.20 39.67 22.13
CA ALA A 367 10.91 38.93 23.34
C ALA A 367 10.90 37.44 23.07
N THR A 368 10.24 37.02 21.99
CA THR A 368 10.22 35.59 21.68
C THR A 368 11.63 35.08 21.42
N PHE A 369 12.44 35.84 20.67
CA PHE A 369 13.81 35.42 20.47
C PHE A 369 14.54 35.34 21.80
N MET A 370 14.42 36.38 22.62
CA MET A 370 15.09 36.40 23.92
C MET A 370 14.49 35.39 24.88
N GLU A 371 13.21 35.02 24.67
CA GLU A 371 12.57 34.02 25.53
C GLU A 371 13.23 32.65 25.36
N TYR A 372 13.37 32.18 24.12
CA TYR A 372 13.96 30.89 23.83
C TYR A 372 15.49 30.92 23.89
N PHE A 373 16.10 32.09 23.73
CA PHE A 373 17.54 32.18 23.85
C PHE A 373 17.94 32.03 25.30
N SER A 374 17.24 32.73 26.19
CA SER A 374 17.52 32.62 27.62
C SER A 374 17.39 31.19 28.08
N LEU A 375 16.35 30.51 27.62
CA LEU A 375 16.11 29.13 28.04
C LEU A 375 17.28 28.24 27.65
N GLU A 376 17.76 28.37 26.42
CA GLU A 376 18.80 27.48 25.90
C GLU A 376 20.11 27.57 26.67
N LYS A 377 20.40 28.67 27.37
CA LYS A 377 21.64 28.80 28.12
C LYS A 377 21.52 28.37 29.59
N ILE A 378 20.48 28.83 30.30
CA ILE A 378 20.27 28.49 31.71
C ILE A 378 19.32 27.31 31.92
N PHE A 379 18.42 27.03 30.96
CA PHE A 379 17.50 25.89 31.10
C PHE A 379 17.60 24.91 29.91
N LYS A 380 18.80 24.41 29.60
CA LYS A 380 18.97 23.47 28.49
C LYS A 380 18.24 22.14 28.67
N GLU A 381 18.00 21.71 29.91
CA GLU A 381 17.32 20.44 30.18
C GLU A 381 15.98 20.32 29.45
N LEU A 382 15.23 21.41 29.41
CA LEU A 382 13.87 21.45 28.87
C LEU A 382 13.78 21.15 27.38
N SER A 383 14.89 21.20 26.65
CA SER A 383 14.89 21.02 25.20
C SER A 383 13.84 21.93 24.55
N SER A 384 13.95 23.22 24.85
CA SER A 384 12.96 24.21 24.40
C SER A 384 13.11 24.57 22.93
N TYR A 385 14.18 24.13 22.26
CA TYR A 385 14.32 24.40 20.83
C TYR A 385 13.20 23.80 20.02
N GLU A 386 12.57 22.75 20.54
CA GLU A 386 11.51 22.05 19.82
C GLU A 386 10.31 22.96 19.56
N ASP A 387 9.83 23.67 20.60
CA ASP A 387 8.64 24.51 20.45
C ASP A 387 8.91 25.63 19.47
N PHE A 388 10.10 26.22 19.55
CA PHE A 388 10.50 27.29 18.66
C PHE A 388 10.46 26.81 17.22
N LEU A 389 10.98 25.60 16.99
CA LEU A 389 10.97 25.01 15.67
C LEU A 389 9.55 24.82 15.18
N ASP A 390 8.72 24.17 15.98
CA ASP A 390 7.35 23.85 15.59
C ASP A 390 6.59 25.14 15.32
N ALA A 391 6.76 26.14 16.19
CA ALA A 391 6.07 27.40 16.01
C ALA A 391 6.50 28.11 14.73
N ARG A 392 7.77 27.93 14.33
CA ARG A 392 8.26 28.54 13.11
C ARG A 392 7.73 27.79 11.90
N PHE A 393 7.65 26.47 12.01
CA PHE A 393 7.06 25.68 10.93
C PHE A 393 5.63 26.13 10.70
N LYS A 394 4.90 26.36 11.78
CA LYS A 394 3.49 26.75 11.70
C LYS A 394 3.37 28.20 11.25
N THR A 395 4.34 29.03 11.60
CA THR A 395 4.33 30.44 11.20
C THR A 395 4.66 30.59 9.72
N MET A 396 5.60 29.77 9.23
CA MET A 396 6.01 29.79 7.83
C MET A 396 4.88 29.36 6.89
N LYS A 397 3.98 28.51 7.34
CA LYS A 397 2.84 28.16 6.51
C LYS A 397 1.88 29.34 6.39
N LYS A 398 1.63 30.06 7.49
CA LYS A 398 0.75 31.22 7.43
C LYS A 398 1.40 32.31 6.61
N ASP A 399 2.72 32.46 6.75
CA ASP A 399 3.48 33.48 6.03
C ASP A 399 3.49 33.22 4.53
N SER A 400 3.52 31.94 4.13
CA SER A 400 3.57 31.59 2.72
C SER A 400 2.29 31.95 1.98
N LEU A 401 1.18 32.12 2.68
CA LEU A 401 -0.10 32.46 2.07
C LEU A 401 -0.05 33.87 1.47
N ASN A 402 -0.93 34.13 0.50
CA ASN A 402 -1.00 35.45 -0.11
C ASN A 402 -1.68 36.45 0.82
N SER A 403 -2.31 35.99 1.90
CA SER A 403 -2.95 36.85 2.88
C SER A 403 -1.95 37.51 3.82
N SER A 404 -0.73 37.01 3.89
CA SER A 404 0.33 37.50 4.76
C SER A 404 0.82 38.89 4.36
N HIS A 405 1.36 39.61 5.35
CA HIS A 405 1.92 40.94 5.22
C HIS A 405 3.35 40.98 5.73
N PRO A 406 4.13 42.00 5.36
CA PRO A 406 5.45 42.21 5.97
C PRO A 406 5.37 42.51 7.47
N ILE A 407 6.39 42.06 8.20
CA ILE A 407 6.42 42.30 9.64
C ILE A 407 6.37 43.79 9.93
N SER A 408 6.90 44.63 9.04
CA SER A 408 6.69 46.07 9.10
C SER A 408 5.66 46.42 8.03
N SER A 409 4.40 46.55 8.43
CA SER A 409 3.31 46.75 7.50
C SER A 409 2.42 47.89 7.97
N SER A 410 1.99 48.71 7.02
CA SER A 410 1.15 49.85 7.32
C SER A 410 -0.09 49.42 8.07
N VAL A 411 -0.32 50.05 9.22
CA VAL A 411 -1.48 49.76 10.04
C VAL A 411 -2.18 51.06 10.38
N GLN A 412 -3.48 51.16 10.06
CA GLN A 412 -4.23 52.38 10.28
C GLN A 412 -5.48 52.17 11.16
N SER A 413 -6.34 51.25 10.78
CA SER A 413 -7.60 51.05 11.49
C SER A 413 -7.37 50.40 12.85
N SER A 414 -8.36 50.53 13.74
CA SER A 414 -8.25 49.86 15.03
C SER A 414 -8.18 48.35 14.84
N GLU A 415 -9.05 47.81 13.99
CA GLU A 415 -9.03 46.37 13.73
C GLU A 415 -7.71 45.94 13.09
N GLN A 416 -7.13 46.81 12.25
CA GLN A 416 -5.85 46.49 11.64
C GLN A 416 -4.76 46.36 12.70
N ILE A 417 -4.84 47.18 13.76
CA ILE A 417 -3.90 47.13 14.87
C ILE A 417 -4.04 45.82 15.64
N GLU A 418 -5.27 45.36 15.82
CA GLU A 418 -5.55 44.19 16.66
C GLU A 418 -4.99 42.91 16.06
N GLU A 419 -4.85 42.84 14.74
CA GLU A 419 -4.37 41.66 14.05
C GLU A 419 -2.86 41.64 13.95
N MET A 420 -2.19 42.65 14.50
CA MET A 420 -0.74 42.68 14.51
C MET A 420 -0.16 41.66 15.48
N PHE A 421 -0.97 41.20 16.44
CA PHE A 421 -0.56 40.16 17.38
C PHE A 421 -0.88 38.81 16.76
N ASP A 422 -0.09 38.45 15.75
CA ASP A 422 -0.21 37.19 15.02
C ASP A 422 1.12 36.45 15.08
N SER A 423 1.16 35.27 14.47
CA SER A 423 2.38 34.47 14.50
C SER A 423 3.57 35.17 13.87
N LEU A 424 3.35 36.00 12.84
CA LEU A 424 4.48 36.66 12.17
C LEU A 424 5.24 37.56 13.13
N SER A 425 4.52 38.40 13.90
CA SER A 425 5.19 39.32 14.81
C SER A 425 5.98 38.56 15.86
N TYR A 426 5.41 37.50 16.39
CA TYR A 426 6.11 36.71 17.40
C TYR A 426 7.23 35.88 16.78
N PHE A 427 6.93 35.12 15.73
CA PHE A 427 7.89 34.17 15.17
C PHE A 427 8.55 34.51 13.83
N LYS A 428 7.97 35.38 12.99
CA LYS A 428 8.79 35.78 11.84
C LYS A 428 9.77 36.89 12.24
N GLY A 429 9.38 37.77 13.18
CA GLY A 429 10.33 38.70 13.76
C GLY A 429 11.37 38.00 14.62
N SER A 430 10.99 36.88 15.24
CA SER A 430 11.93 36.06 16.01
C SER A 430 12.86 35.23 15.12
N SER A 431 12.39 34.73 13.98
CA SER A 431 13.32 34.07 13.07
C SER A 431 14.30 35.07 12.48
N LEU A 432 13.81 36.25 12.08
CA LEU A 432 14.68 37.28 11.55
C LEU A 432 15.81 37.56 12.51
N LEU A 433 15.50 37.70 13.81
CA LEU A 433 16.55 37.90 14.80
C LEU A 433 17.44 36.67 14.90
N LEU A 434 16.85 35.48 14.90
CA LEU A 434 17.65 34.26 15.04
C LEU A 434 18.60 34.10 13.89
N MET A 435 18.12 34.38 12.67
CA MET A 435 18.96 34.24 11.49
C MET A 435 20.20 35.12 11.58
N LEU A 436 20.04 36.34 12.06
CA LEU A 436 21.17 37.25 12.16
C LEU A 436 22.20 36.73 13.15
N LYS A 437 21.74 36.18 14.27
CA LYS A 437 22.67 35.66 15.27
C LYS A 437 23.52 34.54 14.70
N THR A 438 22.92 33.62 13.93
CA THR A 438 23.70 32.54 13.35
C THR A 438 24.61 33.01 12.22
N TYR A 439 24.11 33.89 11.34
CA TYR A 439 24.95 34.40 10.26
C TYR A 439 26.10 35.23 10.82
N LEU A 440 25.77 36.13 11.76
CA LEU A 440 26.75 36.96 12.43
C LEU A 440 27.22 36.19 13.67
N SER A 441 28.07 36.80 14.49
CA SER A 441 28.48 36.05 15.66
C SER A 441 27.50 36.19 16.82
N GLU A 442 27.66 35.30 17.79
CA GLU A 442 26.89 35.36 19.02
C GLU A 442 27.32 36.55 19.86
N ASP A 443 28.62 36.81 19.93
CA ASP A 443 29.12 37.94 20.71
C ASP A 443 28.69 39.27 20.09
N VAL A 444 28.73 39.37 18.76
CA VAL A 444 28.33 40.60 18.09
C VAL A 444 26.88 40.92 18.40
N PHE A 445 26.04 39.89 18.48
CA PHE A 445 24.63 40.10 18.80
C PHE A 445 24.49 40.78 20.16
N GLN A 446 25.32 40.37 21.13
CA GLN A 446 25.29 40.99 22.45
C GLN A 446 25.61 42.47 22.34
N HIS A 447 26.64 42.79 21.56
CA HIS A 447 27.05 44.18 21.36
C HIS A 447 25.98 44.97 20.60
N ALA A 448 25.38 44.37 19.58
CA ALA A 448 24.28 45.04 18.91
C ALA A 448 23.11 45.23 19.86
N VAL A 449 22.84 44.23 20.69
CA VAL A 449 21.75 44.31 21.65
C VAL A 449 22.03 45.40 22.69
N VAL A 450 23.21 45.36 23.31
CA VAL A 450 23.50 46.29 24.40
C VAL A 450 23.52 47.72 23.91
N LEU A 451 24.16 47.96 22.76
CA LEU A 451 24.18 49.31 22.21
C LEU A 451 22.78 49.79 21.89
N TYR A 452 21.95 48.89 21.34
CA TYR A 452 20.58 49.23 20.95
C TYR A 452 19.80 49.75 22.15
N LEU A 453 19.92 49.06 23.28
CA LEU A 453 19.12 49.37 24.45
C LEU A 453 19.53 50.71 25.09
N HIS A 454 20.84 50.95 25.18
CA HIS A 454 21.32 52.18 25.81
C HIS A 454 21.02 53.40 24.95
N ASN A 455 21.27 53.30 23.66
CA ASN A 455 21.08 54.44 22.77
C ASN A 455 19.63 54.88 22.71
N HIS A 456 18.71 53.93 22.69
CA HIS A 456 17.29 54.22 22.54
C HIS A 456 16.50 54.07 23.83
N SER A 457 17.18 53.99 24.97
CA SER A 457 16.50 53.81 26.24
C SER A 457 15.47 54.91 26.48
N TYR A 458 14.29 54.51 26.98
CA TYR A 458 13.19 55.43 27.25
C TYR A 458 12.82 56.26 26.03
N ALA A 459 12.82 55.61 24.88
CA ALA A 459 12.53 56.28 23.61
C ALA A 459 11.78 55.33 22.69
N SER A 460 11.19 55.90 21.66
CA SER A 460 10.47 55.14 20.64
C SER A 460 11.41 54.78 19.49
N ILE A 461 11.34 53.52 19.06
CA ILE A 461 12.19 53.03 18.00
C ILE A 461 11.36 52.59 16.79
N GLN A 462 12.07 52.44 15.68
CA GLN A 462 11.53 52.06 14.39
C GLN A 462 12.29 50.84 13.88
N SER A 463 11.84 50.31 12.75
CA SER A 463 12.53 49.17 12.15
C SER A 463 13.98 49.54 11.84
N ASP A 464 14.18 50.65 11.14
CA ASP A 464 15.52 51.09 10.75
C ASP A 464 16.41 51.38 11.96
N ASP A 465 15.83 51.84 13.05
CA ASP A 465 16.65 52.15 14.22
C ASP A 465 17.36 50.90 14.71
N LEU A 466 16.68 49.77 14.66
CA LEU A 466 17.29 48.51 15.11
C LEU A 466 18.43 48.08 14.20
N TRP A 467 18.28 48.29 12.89
CA TRP A 467 19.29 47.83 11.93
C TRP A 467 20.58 48.62 11.99
N ASP A 468 20.51 49.94 12.23
CA ASP A 468 21.74 50.71 12.34
C ASP A 468 22.60 50.18 13.48
N SER A 469 21.95 49.82 14.59
CA SER A 469 22.65 49.29 15.75
C SER A 469 23.52 48.10 15.40
N PHE A 470 23.02 47.19 14.56
CA PHE A 470 23.88 46.10 14.13
C PHE A 470 25.05 46.69 13.36
N ASN A 471 24.74 47.55 12.39
CA ASN A 471 25.73 48.15 11.51
C ASN A 471 26.70 49.05 12.28
N GLU A 472 26.23 49.66 13.37
CA GLU A 472 27.08 50.56 14.16
C GLU A 472 28.25 49.81 14.80
N VAL A 473 27.95 48.68 15.46
CA VAL A 473 29.00 47.88 16.08
C VAL A 473 29.85 47.15 15.05
N THR A 474 29.33 46.93 13.80
CA THR A 474 30.05 46.22 12.73
C THR A 474 30.18 47.13 11.49
N ASN A 475 31.16 48.04 11.50
CA ASN A 475 31.36 48.93 10.36
C ASN A 475 32.21 48.27 9.28
N GLN A 476 31.62 47.28 8.62
CA GLN A 476 32.39 46.64 7.55
C GLN A 476 31.67 46.84 6.23
N THR A 477 31.70 45.86 5.33
CA THR A 477 30.98 45.95 4.06
C THR A 477 29.63 45.27 4.14
N LEU A 478 29.04 45.21 5.33
CA LEU A 478 27.84 44.43 5.51
C LEU A 478 26.59 45.20 5.13
N ASP A 479 26.46 46.43 5.63
CA ASP A 479 25.27 47.25 5.42
C ASP A 479 24.01 46.43 5.69
N VAL A 480 23.82 46.17 6.98
CA VAL A 480 22.75 45.28 7.41
C VAL A 480 21.41 45.80 6.94
N LYS A 481 21.24 47.12 6.97
CA LYS A 481 19.91 47.66 6.68
C LYS A 481 19.48 47.35 5.27
N ARG A 482 20.43 47.12 4.36
CA ARG A 482 20.03 46.70 3.03
C ARG A 482 19.70 45.21 2.99
N MET A 483 20.42 44.40 3.77
CA MET A 483 20.14 42.96 3.76
C MET A 483 18.80 42.64 4.41
N MET A 484 18.47 43.34 5.50
CA MET A 484 17.23 43.06 6.19
C MET A 484 16.05 43.82 5.60
N LYS A 485 16.29 44.77 4.71
CA LYS A 485 15.18 45.47 4.07
C LYS A 485 14.31 44.50 3.29
N THR A 486 14.91 43.45 2.73
CA THR A 486 14.13 42.47 1.97
C THR A 486 13.21 41.68 2.90
N TRP A 487 13.72 41.28 4.06
CA TRP A 487 12.94 40.47 5.00
C TRP A 487 11.81 41.23 5.68
N THR A 488 12.00 42.51 5.98
CA THR A 488 11.02 43.26 6.75
C THR A 488 10.02 44.02 5.89
N LEU A 489 10.24 44.15 4.58
CA LEU A 489 9.31 44.89 3.73
C LEU A 489 8.53 44.04 2.73
N GLN A 490 8.61 42.70 2.77
CA GLN A 490 7.82 41.93 1.82
C GLN A 490 7.31 40.62 2.41
N LYS A 491 6.24 40.12 1.80
CA LYS A 491 5.56 38.89 2.23
C LYS A 491 6.43 37.66 2.07
N GLY A 492 6.28 36.72 3.01
CA GLY A 492 6.92 35.45 2.80
C GLY A 492 8.42 35.37 2.97
N PHE A 493 8.92 34.24 2.52
CA PHE A 493 10.33 33.86 2.59
C PHE A 493 10.75 33.23 1.29
N PRO A 494 12.06 33.20 1.02
CA PRO A 494 12.52 32.67 -0.25
C PRO A 494 12.40 31.16 -0.34
N LEU A 495 12.42 30.67 -1.57
CA LEU A 495 12.57 29.23 -1.81
C LEU A 495 13.94 28.96 -2.45
N VAL A 496 14.79 28.23 -1.71
CA VAL A 496 16.13 27.90 -2.20
C VAL A 496 16.08 26.54 -2.87
N THR A 497 16.26 26.52 -4.19
CA THR A 497 16.28 25.31 -4.98
C THR A 497 17.74 24.92 -5.17
N VAL A 498 18.06 23.69 -4.81
CA VAL A 498 19.43 23.21 -4.77
C VAL A 498 19.63 22.07 -5.75
N GLN A 499 20.58 22.24 -6.66
CA GLN A 499 20.95 21.26 -7.67
C GLN A 499 22.44 20.96 -7.53
N LYS A 500 22.80 19.68 -7.37
CA LYS A 500 24.20 19.28 -7.27
C LYS A 500 24.64 18.47 -8.48
N LYS A 501 25.62 19.00 -9.22
CA LYS A 501 26.23 18.30 -10.35
C LYS A 501 27.73 18.32 -10.14
N GLY A 502 28.33 17.13 -10.03
CA GLY A 502 29.76 17.07 -9.75
C GLY A 502 30.08 17.66 -8.39
N LYS A 503 31.08 18.55 -8.36
CA LYS A 503 31.55 19.19 -7.14
C LYS A 503 31.06 20.63 -7.05
N GLU A 504 29.92 20.94 -7.64
CA GLU A 504 29.36 22.28 -7.62
C GLU A 504 27.95 22.26 -7.05
N LEU A 505 27.66 23.21 -6.18
CA LEU A 505 26.33 23.37 -5.61
C LEU A 505 25.67 24.55 -6.31
N PHE A 506 24.60 24.29 -7.05
CA PHE A 506 23.91 25.35 -7.77
C PHE A 506 22.70 25.79 -6.96
N ILE A 507 22.65 27.09 -6.66
CA ILE A 507 21.65 27.68 -5.77
C ILE A 507 20.92 28.80 -6.48
N GLN A 508 19.59 28.72 -6.50
CA GLN A 508 18.78 29.80 -7.03
C GLN A 508 17.69 30.12 -6.03
N GLN A 509 17.35 31.39 -5.93
CA GLN A 509 16.36 31.82 -4.95
C GLN A 509 15.08 32.20 -5.68
N GLU A 510 13.97 31.68 -5.18
CA GLU A 510 12.68 31.80 -5.82
C GLU A 510 11.63 32.10 -4.77
N ARG A 511 10.56 32.76 -5.19
CA ARG A 511 9.51 33.06 -4.25
C ARG A 511 8.65 31.81 -4.03
N PHE A 512 8.06 31.72 -2.84
CA PHE A 512 7.26 30.57 -2.41
C PHE A 512 5.77 30.81 -2.64
N PHE A 513 5.18 30.11 -3.61
CA PHE A 513 3.73 30.21 -3.85
C PHE A 513 3.23 28.97 -4.58
N LEU A 514 1.91 28.82 -4.60
CA LEU A 514 1.28 27.67 -5.23
C LEU A 514 0.42 28.02 -6.45
N TYR A 527 11.62 41.86 -3.92
CA TYR A 527 11.26 40.59 -4.56
C TYR A 527 12.41 39.60 -4.44
N LEU A 528 13.60 40.11 -4.14
CA LEU A 528 14.78 39.28 -3.94
C LEU A 528 15.33 39.51 -2.54
N TRP A 529 15.70 38.43 -1.86
CA TRP A 529 16.26 38.53 -0.51
C TRP A 529 17.75 38.21 -0.59
N HIS A 530 18.43 38.49 0.53
CA HIS A 530 19.84 38.15 0.72
C HIS A 530 19.88 37.00 1.71
N ILE A 531 20.15 35.81 1.19
CA ILE A 531 20.02 34.57 1.96
C ILE A 531 21.36 34.19 2.56
N PRO A 532 21.44 33.98 3.89
CA PRO A 532 22.63 33.36 4.47
C PRO A 532 22.57 31.84 4.35
N LEU A 533 23.16 31.32 3.30
CA LEU A 533 23.13 29.88 3.09
C LEU A 533 24.16 29.21 3.99
N SER A 534 23.78 28.06 4.56
CA SER A 534 24.67 27.29 5.42
C SER A 534 24.47 25.81 5.12
N TYR A 535 25.50 25.14 4.61
CA TYR A 535 25.28 23.77 4.15
C TYR A 535 26.19 22.81 4.87
N VAL A 536 25.64 21.64 5.19
CA VAL A 536 26.35 20.54 5.81
C VAL A 536 26.51 19.46 4.77
N THR A 537 27.75 19.08 4.50
CA THR A 537 28.15 18.13 3.47
C THR A 537 28.76 16.93 4.16
N GLU A 538 28.64 15.78 3.54
CA GLU A 538 29.32 14.58 3.99
C GLU A 538 30.22 14.10 2.87
N GLY A 539 31.48 13.90 3.18
CA GLY A 539 32.38 13.46 2.15
C GLY A 539 32.31 11.96 1.97
N ARG A 540 33.11 11.47 1.04
CA ARG A 540 33.09 10.03 0.80
C ARG A 540 33.71 9.22 1.95
N ASN A 541 34.57 9.81 2.77
CA ASN A 541 34.98 9.11 3.98
C ASN A 541 34.06 9.45 5.14
N TYR A 542 32.89 10.04 4.83
CA TYR A 542 31.84 10.34 5.81
C TYR A 542 32.34 11.26 6.92
N SER A 543 33.05 12.32 6.56
CA SER A 543 33.56 13.22 7.58
C SER A 543 32.80 14.52 7.55
N LYS A 544 32.52 15.05 8.74
CA LYS A 544 31.79 16.30 8.87
C LYS A 544 32.57 17.49 8.34
N TYR A 545 31.89 18.32 7.55
CA TYR A 545 32.46 19.56 7.05
C TYR A 545 31.33 20.54 6.75
N GLN A 546 31.40 21.75 7.34
CA GLN A 546 30.33 22.74 7.21
C GLN A 546 30.86 24.13 6.83
N SER A 547 30.11 24.81 5.95
CA SER A 547 30.46 26.16 5.46
C SER A 547 29.19 27.02 5.36
N VAL A 548 29.40 28.33 5.21
CA VAL A 548 28.32 29.31 5.13
C VAL A 548 28.61 30.30 4.00
N SER A 549 27.56 30.67 3.26
CA SER A 549 27.67 31.63 2.16
C SER A 549 26.42 32.53 2.11
N LEU A 550 26.57 33.72 1.50
CA LEU A 550 25.46 34.66 1.37
C LEU A 550 25.07 34.83 -0.09
N LEU A 551 23.78 34.65 -0.39
CA LEU A 551 23.22 34.78 -1.73
C LEU A 551 22.45 36.08 -1.84
N ASP A 552 22.98 37.04 -2.60
CA ASP A 552 22.29 38.30 -2.81
C ASP A 552 21.75 38.40 -4.23
N LYS A 553 21.83 37.32 -4.99
CA LYS A 553 21.43 37.26 -6.39
C LYS A 553 20.42 36.13 -6.58
N LYS A 554 19.74 36.17 -7.72
CA LYS A 554 18.70 35.18 -8.01
C LYS A 554 19.26 33.78 -8.13
N SER A 555 20.42 33.63 -8.78
CA SER A 555 21.08 32.36 -9.00
C SER A 555 22.49 32.40 -8.42
N GLY A 556 23.03 31.22 -8.15
CA GLY A 556 24.35 31.12 -7.55
C GLY A 556 24.95 29.75 -7.69
N VAL A 557 26.27 29.70 -7.51
CA VAL A 557 27.05 28.47 -7.57
C VAL A 557 28.02 28.45 -6.41
N ILE A 558 27.94 27.40 -5.57
CA ILE A 558 28.82 27.27 -4.41
C ILE A 558 29.87 26.22 -4.71
N ASN A 559 31.13 26.55 -4.41
CA ASN A 559 32.23 25.67 -4.73
C ASN A 559 32.43 24.65 -3.61
N LEU A 560 32.61 23.40 -4.00
CA LEU A 560 32.80 22.29 -3.07
C LEU A 560 34.24 21.80 -3.12
N THR A 561 34.79 21.46 -1.96
CA THR A 561 36.19 21.02 -1.93
C THR A 561 36.35 19.63 -2.52
N GLU A 562 35.48 18.70 -2.15
CA GLU A 562 35.57 17.33 -2.58
C GLU A 562 34.17 16.83 -2.94
N GLU A 563 34.12 15.85 -3.84
CA GLU A 563 32.84 15.27 -4.21
C GLU A 563 32.21 14.69 -2.96
N VAL A 564 30.96 15.08 -2.70
CA VAL A 564 30.36 14.75 -1.42
C VAL A 564 29.42 13.59 -1.59
N LEU A 565 28.90 13.12 -0.46
CA LEU A 565 27.87 12.08 -0.46
C LEU A 565 26.47 12.66 -0.55
N TRP A 566 26.19 13.72 0.21
CA TRP A 566 24.92 14.44 0.26
C TRP A 566 25.17 15.81 0.89
N VAL A 567 24.13 16.65 0.95
CA VAL A 567 24.18 17.95 1.63
C VAL A 567 22.93 18.14 2.48
N LYS A 568 22.94 19.22 3.28
CA LYS A 568 21.79 19.74 4.01
C LYS A 568 21.85 21.25 3.78
N VAL A 569 20.82 21.89 3.24
CA VAL A 569 21.09 23.27 2.86
C VAL A 569 20.78 24.28 3.95
N ASN A 570 20.18 23.87 5.06
CA ASN A 570 19.93 24.80 6.15
C ASN A 570 20.44 24.14 7.42
N ILE A 571 21.44 24.74 8.08
CA ILE A 571 22.24 24.10 9.12
C ILE A 571 21.41 23.42 10.20
N ASN A 572 20.40 24.10 10.70
CA ASN A 572 19.44 23.46 11.58
C ASN A 572 18.13 24.02 11.05
N MET A 573 17.34 24.73 11.85
CA MET A 573 16.36 25.49 11.09
C MET A 573 17.15 26.74 10.71
N ASN A 574 17.34 27.64 11.69
CA ASN A 574 18.19 28.83 11.66
C ASN A 574 17.96 29.82 10.52
N GLY A 575 17.57 29.38 9.33
CA GLY A 575 17.26 30.30 8.24
C GLY A 575 15.76 30.42 8.03
N TYR A 576 15.29 31.61 7.67
CA TYR A 576 13.86 31.81 7.39
C TYR A 576 13.58 31.56 5.91
N TYR A 577 13.74 30.31 5.51
CA TYR A 577 13.47 29.91 4.14
C TYR A 577 13.31 28.40 4.06
N ILE A 578 12.69 27.97 2.96
CA ILE A 578 12.44 26.57 2.63
C ILE A 578 13.35 26.11 1.51
N VAL A 579 13.96 24.94 1.67
CA VAL A 579 14.89 24.40 0.68
C VAL A 579 14.32 23.19 -0.03
N HIS A 580 14.39 23.22 -1.37
CA HIS A 580 13.97 22.14 -2.25
C HIS A 580 15.20 21.59 -2.96
N TYR A 581 15.29 20.27 -3.10
CA TYR A 581 16.47 19.64 -3.68
C TYR A 581 16.12 18.93 -4.99
N ALA A 582 17.15 18.63 -5.76
CA ALA A 582 16.97 17.82 -6.96
C ALA A 582 16.62 16.39 -6.55
N ASP A 583 15.81 15.73 -7.39
CA ASP A 583 15.30 14.41 -7.02
C ASP A 583 16.41 13.48 -6.59
N ASP A 584 17.52 13.43 -7.34
CA ASP A 584 18.64 12.60 -6.93
C ASP A 584 19.23 13.08 -5.61
N ASP A 585 19.38 14.40 -5.45
CA ASP A 585 19.83 14.92 -4.17
C ASP A 585 18.80 14.64 -3.09
N TRP A 586 17.51 14.74 -3.42
CA TRP A 586 16.47 14.37 -2.47
C TRP A 586 16.59 12.90 -2.13
N GLU A 587 16.80 12.06 -3.15
CA GLU A 587 16.95 10.62 -2.93
C GLU A 587 18.20 10.32 -2.11
N ALA A 588 19.26 11.12 -2.31
CA ALA A 588 20.48 10.93 -1.55
C ALA A 588 20.22 11.10 -0.07
N LEU A 589 19.44 12.13 0.29
CA LEU A 589 19.10 12.39 1.68
C LEU A 589 18.27 11.26 2.26
N ILE A 590 17.33 10.72 1.48
CA ILE A 590 16.47 9.64 1.96
C ILE A 590 17.28 8.38 2.26
N HIS A 591 18.26 8.05 1.41
CA HIS A 591 19.07 6.86 1.66
C HIS A 591 19.84 7.00 2.96
N GLN A 592 20.53 8.12 3.12
CA GLN A 592 21.25 8.37 4.36
C GLN A 592 20.31 8.22 5.55
N LEU A 593 19.11 8.79 5.42
CA LEU A 593 18.13 8.73 6.49
C LEU A 593 17.68 7.29 6.73
N LYS A 594 17.53 6.52 5.65
CA LYS A 594 17.17 5.12 5.78
C LYS A 594 18.31 4.31 6.37
N ILE A 595 19.56 4.70 6.09
CA ILE A 595 20.74 4.04 6.64
C ILE A 595 21.05 4.48 8.07
N ASN A 596 21.48 5.73 8.24
CA ASN A 596 21.80 6.27 9.57
C ASN A 596 21.27 7.69 9.71
N PRO A 597 20.22 7.90 10.51
CA PRO A 597 19.68 9.26 10.62
C PRO A 597 20.46 10.16 11.57
N TYR A 598 21.34 9.60 12.37
CA TYR A 598 22.06 10.37 13.38
C TYR A 598 23.21 11.22 12.83
N VAL A 599 23.55 11.10 11.54
CA VAL A 599 24.52 12.05 11.00
C VAL A 599 23.94 13.46 11.02
N LEU A 600 22.62 13.58 10.82
CA LEU A 600 21.91 14.85 10.88
C LEU A 600 21.46 15.14 12.31
N SER A 601 20.91 16.34 12.51
CA SER A 601 20.38 16.75 13.80
C SER A 601 18.93 16.27 13.89
N ASP A 602 18.32 16.40 15.08
CA ASP A 602 16.88 16.24 15.15
C ASP A 602 16.18 17.44 14.56
N LYS A 603 16.75 18.63 14.80
CA LYS A 603 16.25 19.88 14.24
C LYS A 603 16.42 19.88 12.73
N ASP A 604 17.52 19.27 12.28
CA ASP A 604 17.86 19.17 10.88
C ASP A 604 17.05 18.11 10.17
N ARG A 605 16.65 17.05 10.89
CA ARG A 605 15.85 15.97 10.35
C ARG A 605 14.35 16.27 10.36
N ALA A 606 13.86 17.05 11.34
CA ALA A 606 12.47 17.48 11.40
C ALA A 606 12.20 18.68 10.50
N ASN A 607 13.24 19.42 10.12
CA ASN A 607 13.14 20.50 9.15
C ASN A 607 12.98 19.93 7.75
N LEU A 608 13.59 18.76 7.51
CA LEU A 608 13.48 18.04 6.26
C LEU A 608 12.06 17.49 6.09
N ILE A 609 11.47 16.99 7.17
CA ILE A 609 10.10 16.48 7.14
C ILE A 609 9.09 17.61 6.94
N ASN A 610 9.22 18.71 7.69
CA ASN A 610 8.27 19.81 7.50
C ASN A 610 8.37 20.32 6.07
N ASN A 611 9.61 20.50 5.57
CA ASN A 611 9.80 21.04 4.24
C ASN A 611 9.28 20.10 3.16
N ILE A 612 9.57 18.80 3.25
CA ILE A 612 9.14 17.94 2.14
C ILE A 612 7.62 17.90 2.07
N PHE A 613 6.95 17.80 3.21
CA PHE A 613 5.48 17.77 3.18
C PHE A 613 4.91 19.09 2.72
N GLU A 614 5.44 20.21 3.22
CA GLU A 614 4.98 21.50 2.74
C GLU A 614 5.19 21.62 1.24
N LEU A 615 6.38 21.24 0.78
CA LEU A 615 6.64 21.22 -0.66
C LEU A 615 5.74 20.22 -1.35
N ALA A 616 5.52 19.06 -0.73
CA ALA A 616 4.64 18.06 -1.33
C ALA A 616 3.20 18.56 -1.40
N GLY A 617 2.79 19.34 -0.42
CA GLY A 617 1.41 19.82 -0.38
C GLY A 617 1.05 20.69 -1.57
N LEU A 618 1.97 21.56 -1.96
CA LEU A 618 1.62 22.56 -2.95
C LEU A 618 1.77 22.02 -4.37
N GLY A 619 2.31 20.81 -4.50
CA GLY A 619 2.48 20.17 -5.79
C GLY A 619 3.84 20.33 -6.43
N LYS A 620 4.83 20.91 -5.73
CA LYS A 620 6.16 21.02 -6.31
C LYS A 620 6.76 19.64 -6.56
N VAL A 621 6.59 18.72 -5.61
CA VAL A 621 7.15 17.38 -5.69
C VAL A 621 6.07 16.35 -5.39
N PRO A 622 6.07 15.19 -6.05
CA PRO A 622 5.03 14.18 -5.78
C PRO A 622 4.92 13.76 -4.32
N LEU A 623 3.69 13.46 -3.92
CA LEU A 623 3.40 13.13 -2.54
C LEU A 623 4.17 11.90 -2.05
N LYS A 624 4.34 10.90 -2.91
CA LYS A 624 5.01 9.68 -2.47
C LYS A 624 6.41 9.95 -1.97
N ARG A 625 7.13 10.83 -2.67
CA ARG A 625 8.49 11.13 -2.26
C ARG A 625 8.50 11.72 -0.86
N ALA A 626 7.50 12.53 -0.51
CA ALA A 626 7.41 13.03 0.85
C ALA A 626 7.17 11.88 1.84
N PHE A 627 6.23 11.00 1.51
CA PHE A 627 6.01 9.83 2.34
C PHE A 627 7.18 8.84 2.22
N ASP A 628 7.89 8.86 1.10
CA ASP A 628 9.05 7.98 0.94
C ASP A 628 10.12 8.34 1.95
N LEU A 629 10.28 9.62 2.26
CA LEU A 629 11.27 10.03 3.24
C LEU A 629 10.94 9.46 4.61
N ILE A 630 9.68 9.57 5.01
CA ILE A 630 9.28 9.13 6.34
C ILE A 630 9.19 7.62 6.33
N ASN A 631 10.32 6.97 6.08
CA ASN A 631 10.42 5.53 6.20
C ASN A 631 11.55 5.18 7.15
N TYR A 632 12.33 6.16 7.58
CA TYR A 632 13.42 6.03 8.52
C TYR A 632 12.96 5.99 9.97
N LEU A 633 11.64 6.11 10.23
CA LEU A 633 11.12 6.22 11.59
C LEU A 633 11.53 5.07 12.50
N GLY A 634 11.93 3.93 11.94
CA GLY A 634 12.41 2.84 12.77
C GLY A 634 13.66 3.22 13.54
N ASN A 635 14.55 3.99 12.90
CA ASN A 635 15.79 4.44 13.54
C ASN A 635 15.62 5.80 14.19
N GLU A 636 14.45 6.10 14.70
CA GLU A 636 14.14 7.43 15.19
C GLU A 636 13.74 7.31 16.65
N ASN A 637 14.45 8.04 17.50
CA ASN A 637 14.13 8.07 18.90
C ASN A 637 14.02 9.49 19.43
N HIS A 638 14.17 10.52 18.60
CA HIS A 638 14.10 11.90 19.06
C HIS A 638 12.72 12.51 18.80
N THR A 639 12.35 13.48 19.63
CA THR A 639 10.97 13.96 19.65
C THR A 639 10.66 14.85 18.45
N ALA A 640 11.55 15.79 18.14
CA ALA A 640 11.23 16.77 17.10
C ALA A 640 10.90 16.11 15.77
N PRO A 641 11.66 15.12 15.28
CA PRO A 641 11.23 14.45 14.04
C PRO A 641 9.92 13.68 14.21
N ILE A 642 9.72 13.03 15.36
CA ILE A 642 8.52 12.23 15.56
C ILE A 642 7.27 13.11 15.55
N THR A 643 7.32 14.23 16.26
CA THR A 643 6.13 15.08 16.35
C THR A 643 5.80 15.71 15.01
N GLU A 644 6.80 16.29 14.34
CA GLU A 644 6.50 16.95 13.07
C GLU A 644 5.99 15.96 12.05
N ALA A 645 6.44 14.71 12.13
CA ALA A 645 5.82 13.69 11.29
C ALA A 645 4.40 13.44 11.75
N LEU A 646 4.21 13.37 13.08
CA LEU A 646 2.88 13.11 13.63
C LEU A 646 1.93 14.27 13.34
N PHE A 647 2.42 15.51 13.43
CA PHE A 647 1.51 16.61 13.09
C PHE A 647 1.13 16.53 11.61
N GLN A 648 2.11 16.22 10.75
CA GLN A 648 1.82 16.12 9.32
C GLN A 648 0.84 14.99 9.03
N THR A 649 1.00 13.83 9.69
CA THR A 649 0.01 12.77 9.51
C THR A 649 -1.31 13.11 10.21
N ASP A 650 -1.26 13.71 11.40
CA ASP A 650 -2.50 14.06 12.08
C ASP A 650 -3.29 15.11 11.29
N LEU A 651 -2.60 16.04 10.64
CA LEU A 651 -3.30 17.03 9.83
C LEU A 651 -4.02 16.35 8.67
N ILE A 652 -3.33 15.43 7.98
CA ILE A 652 -3.94 14.78 6.82
C ILE A 652 -5.16 13.98 7.27
N TYR A 653 -5.03 13.24 8.38
CA TYR A 653 -6.13 12.40 8.84
C TYR A 653 -7.36 13.22 9.16
N ASN A 654 -7.19 14.36 9.83
CA ASN A 654 -8.33 15.19 10.20
C ASN A 654 -9.05 15.72 8.96
N LEU A 655 -8.30 16.06 7.92
CA LEU A 655 -8.92 16.55 6.70
C LEU A 655 -9.80 15.47 6.07
N LEU A 656 -9.26 14.26 5.98
CA LEU A 656 -9.99 13.16 5.34
C LEU A 656 -11.23 12.79 6.15
N GLU A 657 -11.07 12.69 7.47
CA GLU A 657 -12.17 12.30 8.35
C GLU A 657 -13.35 13.22 8.16
N LYS A 658 -13.08 14.51 7.98
CA LYS A 658 -14.14 15.49 7.77
C LYS A 658 -14.88 15.19 6.48
N LEU A 659 -14.15 14.79 5.45
CA LEU A 659 -14.66 14.60 4.11
C LEU A 659 -15.37 13.28 3.90
N GLY A 660 -15.49 12.44 4.93
CA GLY A 660 -16.19 11.19 4.77
C GLY A 660 -15.31 10.02 4.38
N TYR A 661 -14.01 10.26 4.21
CA TYR A 661 -13.05 9.23 3.85
C TYR A 661 -12.56 8.52 5.10
N MET A 662 -13.49 7.86 5.77
CA MET A 662 -13.10 7.11 6.96
C MET A 662 -12.14 5.99 6.58
N ASP A 663 -12.37 5.38 5.42
CA ASP A 663 -11.54 4.27 4.95
C ASP A 663 -10.08 4.69 4.79
N LEU A 664 -9.85 5.76 4.03
CA LEU A 664 -8.50 6.19 3.72
C LEU A 664 -7.75 6.65 4.97
N ALA A 665 -8.46 7.37 5.85
CA ALA A 665 -7.83 7.98 7.01
C ALA A 665 -7.16 6.96 7.90
N SER A 666 -7.90 5.93 8.33
CA SER A 666 -7.34 4.90 9.19
C SER A 666 -6.22 4.13 8.50
N ARG A 667 -6.26 4.05 7.18
CA ARG A 667 -5.17 3.41 6.46
C ARG A 667 -3.89 4.19 6.66
N LEU A 668 -4.00 5.52 6.73
CA LEU A 668 -2.84 6.37 6.89
C LEU A 668 -2.21 6.23 8.26
N VAL A 669 -3.02 6.34 9.31
CA VAL A 669 -2.47 6.24 10.65
C VAL A 669 -1.98 4.82 10.92
N THR A 670 -2.55 3.82 10.24
CA THR A 670 -2.03 2.47 10.38
C THR A 670 -0.60 2.38 9.88
N ARG A 671 -0.38 2.84 8.65
CA ARG A 671 0.95 2.74 8.06
C ARG A 671 1.99 3.50 8.90
N VAL A 672 1.62 4.66 9.45
CA VAL A 672 2.53 5.41 10.34
C VAL A 672 2.69 4.71 11.68
N PHE A 673 1.64 4.07 12.18
CA PHE A 673 1.73 3.36 13.45
C PHE A 673 2.74 2.21 13.33
N LYS A 674 2.73 1.52 12.19
CA LYS A 674 3.67 0.43 11.93
C LYS A 674 5.11 0.94 11.84
N LEU A 675 5.32 2.15 11.30
CA LEU A 675 6.67 2.72 11.32
C LEU A 675 7.15 2.92 12.73
N LEU A 676 6.29 3.49 13.56
CA LEU A 676 6.62 3.83 14.93
C LEU A 676 6.13 2.76 15.90
N GLN A 677 5.90 1.54 15.42
CA GLN A 677 5.39 0.49 16.29
C GLN A 677 6.40 0.14 17.37
N ASN A 678 7.69 0.14 17.03
CA ASN A 678 8.70 -0.18 18.02
C ASN A 678 8.79 0.91 19.08
N GLN A 679 8.86 2.17 18.65
CA GLN A 679 8.98 3.26 19.61
C GLN A 679 7.71 3.38 20.44
N ILE A 680 6.55 3.19 19.82
CA ILE A 680 5.29 3.29 20.55
C ILE A 680 5.18 2.20 21.60
N GLN A 681 5.54 0.97 21.22
CA GLN A 681 5.27 -0.16 22.10
C GLN A 681 6.13 -0.18 23.35
N GLN A 682 7.29 0.45 23.34
CA GLN A 682 8.14 0.37 24.52
C GLN A 682 7.88 1.50 25.50
N GLN A 683 6.82 2.27 25.27
CA GLN A 683 6.48 3.38 26.15
C GLN A 683 5.88 2.93 27.48
N THR A 684 6.37 3.54 28.56
CA THR A 684 5.96 3.27 29.93
C THR A 684 5.17 4.44 30.49
N TRP A 685 4.11 4.16 31.25
CA TRP A 685 3.27 5.21 31.84
C TRP A 685 3.79 5.55 33.24
N THR A 686 5.00 6.14 33.28
CA THR A 686 5.68 6.30 34.57
C THR A 686 6.38 7.63 34.85
N ASP A 687 6.19 8.67 34.04
CA ASP A 687 6.86 9.96 34.30
C ASP A 687 8.38 9.84 34.39
N GLU A 688 8.98 8.94 33.61
CA GLU A 688 10.42 8.73 33.70
C GLU A 688 11.20 9.30 32.50
N GLY A 689 12.34 9.92 32.79
CA GLY A 689 13.20 10.45 31.73
C GLY A 689 13.37 11.96 31.65
N THR A 690 14.44 12.37 30.98
CA THR A 690 14.73 13.81 30.87
C THR A 690 13.64 14.51 30.06
N PRO A 691 13.16 15.67 30.48
CA PRO A 691 11.99 16.28 29.85
C PRO A 691 11.69 16.03 28.38
N SER A 692 12.68 16.03 27.48
CA SER A 692 12.37 15.78 26.09
C SER A 692 11.83 14.38 25.92
N MET A 693 12.36 13.44 26.71
CA MET A 693 11.84 12.09 26.69
C MET A 693 10.41 12.03 27.24
N ARG A 694 10.08 12.89 28.22
CA ARG A 694 8.75 12.82 28.84
C ARG A 694 7.65 13.22 27.87
N GLU A 695 7.81 14.34 27.16
CA GLU A 695 6.82 14.73 26.18
C GLU A 695 6.87 13.85 24.94
N LEU A 696 7.99 13.18 24.69
CA LEU A 696 8.06 12.22 23.59
C LEU A 696 7.06 11.09 23.81
N ARG A 697 6.82 10.73 25.07
CA ARG A 697 5.86 9.69 25.42
C ARG A 697 4.43 10.10 25.14
N SER A 698 4.06 11.30 25.59
CA SER A 698 2.68 11.74 25.47
C SER A 698 2.22 11.73 24.02
N ALA A 699 3.08 12.21 23.11
CA ALA A 699 2.72 12.30 21.71
C ALA A 699 2.36 10.94 21.14
N LEU A 700 3.16 9.93 21.48
CA LEU A 700 2.89 8.58 20.98
C LEU A 700 1.67 7.96 21.65
N LEU A 701 1.51 8.19 22.95
CA LEU A 701 0.36 7.66 23.68
C LEU A 701 -0.92 8.33 23.18
N GLU A 702 -0.85 9.63 22.90
CA GLU A 702 -2.00 10.34 22.35
C GLU A 702 -2.36 9.77 20.99
N PHE A 703 -1.35 9.60 20.13
CA PHE A 703 -1.55 9.14 18.77
C PHE A 703 -2.16 7.75 18.71
N ALA A 704 -1.68 6.84 19.55
CA ALA A 704 -2.25 5.51 19.55
C ALA A 704 -3.67 5.52 20.11
N CYS A 705 -3.91 6.31 21.16
CA CYS A 705 -5.21 6.30 21.79
C CYS A 705 -6.26 7.08 20.98
N THR A 706 -5.86 8.18 20.34
CA THR A 706 -6.84 9.01 19.64
C THR A 706 -7.50 8.26 18.50
N HIS A 707 -6.77 7.37 17.83
CA HIS A 707 -7.29 6.59 16.73
C HIS A 707 -7.47 5.11 17.06
N ASN A 708 -7.51 4.77 18.36
CA ASN A 708 -7.79 3.41 18.85
C ASN A 708 -6.80 2.41 18.26
N LEU A 709 -5.52 2.63 18.51
CA LEU A 709 -4.46 1.79 17.96
C LEU A 709 -3.72 1.06 19.07
N GLY A 710 -3.51 -0.25 18.88
CA GLY A 710 -2.76 -1.03 19.84
C GLY A 710 -3.52 -1.22 21.14
N ASN A 711 -2.76 -1.31 22.22
CA ASN A 711 -3.28 -1.48 23.57
C ASN A 711 -3.46 -0.19 24.35
N CYS A 712 -3.15 0.96 23.73
CA CYS A 712 -3.24 2.23 24.47
C CYS A 712 -4.61 2.41 25.10
N SER A 713 -5.66 2.16 24.32
CA SER A 713 -7.02 2.30 24.85
C SER A 713 -7.28 1.28 25.95
N THR A 714 -6.77 0.06 25.76
CA THR A 714 -6.99 -1.00 26.75
C THR A 714 -6.37 -0.63 28.09
N THR A 715 -5.14 -0.16 28.07
CA THR A 715 -4.45 0.24 29.29
C THR A 715 -5.07 1.49 29.89
N ALA A 716 -5.36 2.48 29.06
CA ALA A 716 -5.83 3.77 29.59
C ALA A 716 -7.18 3.63 30.25
N MET A 717 -8.02 2.74 29.74
CA MET A 717 -9.32 2.51 30.37
C MET A 717 -9.13 1.98 31.77
N LYS A 718 -8.17 1.07 31.95
CA LYS A 718 -7.90 0.50 33.26
C LYS A 718 -7.38 1.55 34.23
N LEU A 719 -6.44 2.39 33.77
CA LEU A 719 -5.93 3.46 34.62
C LEU A 719 -7.03 4.42 35.02
N PHE A 720 -7.92 4.73 34.07
CA PHE A 720 -8.99 5.66 34.38
C PHE A 720 -9.96 5.06 35.38
N ASP A 721 -10.31 3.80 35.21
CA ASP A 721 -11.19 3.14 36.17
C ASP A 721 -10.54 3.14 37.54
N ASP A 722 -9.22 2.95 37.57
CA ASP A 722 -8.49 2.94 38.82
C ASP A 722 -8.57 4.32 39.45
N TRP A 723 -8.39 5.35 38.62
CA TRP A 723 -8.40 6.73 39.08
C TRP A 723 -9.82 7.14 39.49
N MET A 724 -10.83 6.74 38.70
CA MET A 724 -12.20 7.09 39.02
C MET A 724 -12.68 6.35 40.27
N ALA A 725 -12.22 5.12 40.45
CA ALA A 725 -12.72 4.38 41.59
C ALA A 725 -11.97 4.76 42.86
N SER A 726 -11.13 5.77 42.76
CA SER A 726 -10.39 6.30 43.88
C SER A 726 -10.80 7.72 44.17
N ASN A 727 -11.84 8.20 43.48
CA ASN A 727 -12.37 9.55 43.66
C ASN A 727 -11.31 10.60 43.38
N GLY A 728 -10.36 10.30 42.50
CA GLY A 728 -9.30 11.22 42.11
C GLY A 728 -8.17 11.28 43.11
N THR A 729 -8.20 10.45 44.14
CA THR A 729 -7.17 10.44 45.16
C THR A 729 -5.92 9.75 44.66
N GLN A 730 -6.11 8.61 44.01
CA GLN A 730 -4.99 7.81 43.50
C GLN A 730 -4.11 8.64 42.58
N SER A 731 -2.81 8.43 42.71
CA SER A 731 -1.82 9.12 41.89
C SER A 731 -1.84 8.56 40.47
N LEU A 732 -2.11 9.44 39.50
CA LEU A 732 -2.11 9.14 38.08
C LEU A 732 -1.05 10.00 37.41
N PRO A 733 -0.11 9.45 36.74
CA PRO A 733 1.00 10.27 36.20
C PRO A 733 0.65 11.51 35.37
N THR A 734 1.45 12.59 35.50
CA THR A 734 1.12 13.82 34.78
C THR A 734 1.13 13.63 33.26
N ASP A 735 2.10 12.89 32.71
CA ASP A 735 2.19 12.75 31.26
C ASP A 735 0.96 12.06 30.68
N VAL A 736 0.49 11.01 31.35
CA VAL A 736 -0.59 10.22 30.77
C VAL A 736 -1.97 10.71 31.17
N MET A 737 -2.05 11.80 31.94
CA MET A 737 -3.34 12.28 32.43
C MET A 737 -4.25 12.66 31.26
N THR A 738 -3.81 13.56 30.39
CA THR A 738 -4.66 13.99 29.29
C THR A 738 -5.05 12.81 28.42
N THR A 739 -4.11 11.90 28.14
CA THR A 739 -4.44 10.75 27.32
C THR A 739 -5.46 9.85 28.00
N VAL A 740 -5.34 9.67 29.32
CA VAL A 740 -6.29 8.84 30.05
C VAL A 740 -7.64 9.54 30.14
N PHE A 741 -7.63 10.85 30.36
CA PHE A 741 -8.88 11.59 30.47
C PHE A 741 -9.68 11.50 29.18
N LYS A 742 -8.99 11.55 28.05
CA LYS A 742 -9.69 11.44 26.77
C LYS A 742 -10.43 10.11 26.70
N VAL A 743 -9.80 9.05 27.17
CA VAL A 743 -10.43 7.74 27.15
C VAL A 743 -11.58 7.68 28.16
N GLY A 744 -11.37 8.27 29.33
CA GLY A 744 -12.41 8.27 30.35
C GLY A 744 -13.64 9.05 29.93
N ALA A 745 -13.45 10.12 29.18
CA ALA A 745 -14.57 10.94 28.75
C ALA A 745 -15.53 10.24 27.81
N LYS A 746 -15.11 9.14 27.19
CA LYS A 746 -16.01 8.39 26.31
C LYS A 746 -17.18 7.83 27.10
N THR A 747 -16.95 7.48 28.35
CA THR A 747 -18.02 6.96 29.20
C THR A 747 -18.88 8.12 29.67
N ASP A 748 -20.20 7.92 29.73
CA ASP A 748 -21.04 9.03 30.18
C ASP A 748 -20.81 9.28 31.65
N LYS A 749 -20.63 8.20 32.39
CA LYS A 749 -20.27 8.31 33.79
C LYS A 749 -18.88 8.89 33.93
N GLY A 750 -17.92 8.37 33.15
CA GLY A 750 -16.59 8.96 33.13
C GLY A 750 -16.63 10.42 32.73
N TRP A 751 -17.45 10.76 31.73
CA TRP A 751 -17.58 12.15 31.32
C TRP A 751 -18.18 12.98 32.44
N SER A 752 -19.22 12.45 33.10
CA SER A 752 -19.85 13.16 34.20
C SER A 752 -18.96 13.18 35.44
N PHE A 753 -18.22 12.10 35.69
CA PHE A 753 -17.32 12.08 36.83
C PHE A 753 -16.24 13.12 36.67
N LEU A 754 -15.68 13.20 35.46
CA LEU A 754 -14.63 14.16 35.20
C LEU A 754 -15.15 15.57 35.42
N LEU A 755 -16.35 15.84 34.90
CA LEU A 755 -16.98 17.14 35.06
C LEU A 755 -17.08 17.53 36.52
N GLY A 756 -17.33 16.56 37.39
CA GLY A 756 -17.39 16.87 38.81
C GLY A 756 -16.05 17.28 39.36
N LYS A 757 -14.98 16.66 38.84
CA LYS A 757 -13.65 17.00 39.30
C LYS A 757 -13.26 18.40 38.88
N TYR A 758 -13.56 18.76 37.62
CA TYR A 758 -13.16 20.06 37.10
C TYR A 758 -13.72 21.18 37.98
N ILE A 759 -14.98 21.04 38.36
CA ILE A 759 -15.57 22.04 39.24
C ILE A 759 -14.92 21.95 40.61
N SER A 760 -14.42 20.77 40.98
CA SER A 760 -14.06 20.53 42.36
C SER A 760 -12.61 20.90 42.62
N ILE A 761 -11.70 20.46 41.77
CA ILE A 761 -10.29 20.65 42.05
C ILE A 761 -9.88 22.09 41.77
N GLY A 762 -8.73 22.45 42.34
CA GLY A 762 -8.11 23.75 42.23
C GLY A 762 -6.85 23.78 41.38
N SER A 763 -6.43 22.64 40.85
CA SER A 763 -5.21 22.60 40.04
C SER A 763 -5.60 23.01 38.64
N GLU A 764 -5.27 24.24 38.30
CA GLU A 764 -5.64 24.77 37.00
C GLU A 764 -4.99 23.97 35.89
N ALA A 765 -3.71 23.59 36.08
CA ALA A 765 -3.00 22.80 35.08
C ALA A 765 -3.65 21.44 34.87
N GLU A 766 -4.16 20.83 35.96
CA GLU A 766 -4.81 19.54 35.83
C GLU A 766 -6.19 19.66 35.21
N LYS A 767 -6.88 20.78 35.42
CA LYS A 767 -8.21 20.99 34.85
C LYS A 767 -8.19 21.19 33.34
N ASN A 768 -7.20 21.92 32.81
CA ASN A 768 -7.15 22.12 31.36
C ASN A 768 -6.85 20.82 30.64
N LYS A 769 -6.26 19.85 31.36
CA LYS A 769 -6.05 18.49 30.85
C LYS A 769 -7.39 17.76 30.82
N ILE A 770 -8.18 17.92 31.88
CA ILE A 770 -9.51 17.32 31.96
C ILE A 770 -10.43 17.96 30.93
N LEU A 771 -10.33 19.27 30.78
CA LEU A 771 -11.21 19.98 29.86
C LEU A 771 -10.98 19.49 28.43
N GLU A 772 -9.71 19.26 28.08
CA GLU A 772 -9.39 18.71 26.76
C GLU A 772 -10.11 17.38 26.54
N ALA A 773 -10.30 16.61 27.61
CA ALA A 773 -11.01 15.34 27.53
C ALA A 773 -12.50 15.52 27.30
N LEU A 774 -13.12 16.47 28.02
CA LEU A 774 -14.54 16.69 27.84
C LEU A 774 -14.83 17.15 26.43
N ALA A 775 -14.00 18.05 25.91
CA ALA A 775 -14.25 18.60 24.59
C ALA A 775 -13.93 17.59 23.48
N SER A 776 -13.10 16.59 23.75
CA SER A 776 -12.81 15.55 22.77
C SER A 776 -13.88 14.46 22.74
N SER A 777 -14.96 14.63 23.49
CA SER A 777 -16.10 13.74 23.50
C SER A 777 -16.81 13.78 22.17
N GLU A 778 -17.53 12.69 21.86
CA GLU A 778 -18.26 12.57 20.61
C GLU A 778 -19.76 12.81 20.74
N ASP A 779 -20.27 13.02 21.95
CA ASP A 779 -21.69 13.31 22.13
C ASP A 779 -21.88 14.78 21.81
N VAL A 780 -22.46 15.06 20.64
CA VAL A 780 -22.62 16.43 20.16
C VAL A 780 -23.40 17.25 21.16
N ARG A 781 -24.35 16.63 21.86
CA ARG A 781 -25.14 17.36 22.85
C ARG A 781 -24.27 17.83 23.99
N LYS A 782 -23.33 16.99 24.42
CA LYS A 782 -22.39 17.36 25.47
C LYS A 782 -21.47 18.48 25.01
N LEU A 783 -21.00 18.37 23.77
CA LEU A 783 -20.05 19.33 23.21
C LEU A 783 -20.67 20.72 23.11
N TYR A 784 -21.90 20.81 22.60
CA TYR A 784 -22.55 22.11 22.43
C TYR A 784 -22.60 22.83 23.76
N TRP A 785 -23.02 22.14 24.82
CA TRP A 785 -23.19 22.77 26.11
C TRP A 785 -21.89 23.38 26.62
N LEU A 786 -20.76 22.73 26.35
CA LEU A 786 -19.48 23.23 26.82
C LEU A 786 -19.16 24.60 26.24
N MET A 787 -19.56 24.83 24.99
CA MET A 787 -19.27 26.09 24.32
C MET A 787 -20.20 27.18 24.79
N LYS A 788 -21.45 26.81 25.08
CA LYS A 788 -22.42 27.78 25.56
C LYS A 788 -22.08 28.22 26.98
N SER A 789 -21.53 27.30 27.78
CA SER A 789 -21.22 27.63 29.16
C SER A 789 -20.09 28.65 29.25
N SER A 790 -18.99 28.40 28.54
CA SER A 790 -17.87 29.34 28.57
C SER A 790 -18.28 30.69 27.99
N LEU A 791 -19.03 30.67 26.89
CA LEU A 791 -19.42 31.91 26.23
C LEU A 791 -20.11 32.85 27.21
N ASN A 792 -21.10 32.32 27.93
CA ASN A 792 -21.81 33.09 28.96
C ASN A 792 -21.01 33.16 30.26
N GLY A 793 -20.14 32.18 30.51
CA GLY A 793 -19.26 32.16 31.65
C GLY A 793 -19.74 31.41 32.87
N ASP A 794 -20.89 30.76 32.80
CA ASP A 794 -21.34 29.98 33.94
C ASP A 794 -20.58 28.66 33.97
N ASN A 795 -20.20 28.22 35.17
CA ASN A 795 -19.45 26.98 35.30
C ASN A 795 -18.13 26.95 34.50
N PHE A 796 -18.10 27.45 33.27
CA PHE A 796 -16.84 27.45 32.52
C PHE A 796 -16.41 28.88 32.22
N ARG A 797 -15.15 29.18 32.53
CA ARG A 797 -14.66 30.54 32.32
C ARG A 797 -14.58 30.85 30.84
N THR A 798 -14.89 32.11 30.50
CA THR A 798 -14.95 32.52 29.11
C THR A 798 -13.62 32.38 28.40
N GLN A 799 -12.51 32.36 29.16
CA GLN A 799 -11.19 32.28 28.54
C GLN A 799 -10.98 30.98 27.78
N LYS A 800 -11.67 29.91 28.18
CA LYS A 800 -11.54 28.65 27.48
C LYS A 800 -12.39 28.56 26.23
N LEU A 801 -13.19 29.58 25.91
CA LEU A 801 -14.09 29.47 24.77
C LEU A 801 -13.31 29.17 23.49
N SER A 802 -12.18 29.87 23.29
CA SER A 802 -11.35 29.60 22.12
C SER A 802 -10.80 28.18 22.18
N PHE A 803 -10.45 27.72 23.38
CA PHE A 803 -9.95 26.37 23.57
C PHE A 803 -11.01 25.34 23.23
N ILE A 804 -12.22 25.51 23.78
CA ILE A 804 -13.29 24.54 23.56
C ILE A 804 -13.72 24.52 22.10
N ILE A 805 -13.81 25.69 21.47
CA ILE A 805 -14.24 25.76 20.09
C ILE A 805 -13.23 25.10 19.18
N ARG A 806 -11.95 25.28 19.50
CA ARG A 806 -10.89 24.69 18.69
C ARG A 806 -10.83 23.18 18.87
N THR A 807 -11.03 22.71 20.09
CA THR A 807 -10.99 21.27 20.32
C THR A 807 -12.22 20.60 19.73
N VAL A 808 -13.39 21.25 19.86
CA VAL A 808 -14.61 20.68 19.31
C VAL A 808 -14.52 20.52 17.81
N GLY A 809 -13.93 21.51 17.12
CA GLY A 809 -13.87 21.49 15.68
C GLY A 809 -12.86 20.53 15.08
N ARG A 810 -11.93 20.00 15.87
CA ARG A 810 -10.91 19.13 15.31
C ARG A 810 -11.50 17.83 14.76
N HIS A 811 -12.37 17.18 15.52
CA HIS A 811 -12.80 15.84 15.15
C HIS A 811 -14.18 15.80 14.48
N PHE A 812 -14.51 14.62 13.93
CA PHE A 812 -15.71 14.48 13.11
C PHE A 812 -16.99 14.83 13.87
N PRO A 813 -17.25 14.30 15.07
CA PRO A 813 -18.41 14.77 15.81
C PRO A 813 -18.16 16.18 16.31
N GLY A 814 -19.05 17.09 15.94
CA GLY A 814 -18.87 18.46 16.35
C GLY A 814 -18.03 19.30 15.41
N HIS A 815 -17.57 18.73 14.30
CA HIS A 815 -16.83 19.52 13.32
C HIS A 815 -17.72 20.61 12.75
N LEU A 816 -18.95 20.23 12.41
CA LEU A 816 -19.93 21.17 11.92
C LEU A 816 -20.43 22.04 13.05
N LEU A 817 -20.57 21.43 14.22
CA LEU A 817 -20.98 22.14 15.43
C LEU A 817 -20.08 23.32 15.75
N ALA A 818 -18.77 23.15 15.63
CA ALA A 818 -17.88 24.23 16.04
C ALA A 818 -18.02 25.43 15.13
N TRP A 819 -17.98 25.20 13.82
CA TRP A 819 -18.09 26.33 12.90
C TRP A 819 -19.44 27.01 13.04
N ASP A 820 -20.52 26.24 13.19
CA ASP A 820 -21.83 26.87 13.31
C ASP A 820 -21.95 27.72 14.57
N PHE A 821 -21.41 27.24 15.70
CA PHE A 821 -21.53 27.99 16.94
C PHE A 821 -20.76 29.28 16.85
N VAL A 822 -19.61 29.26 16.19
CA VAL A 822 -18.90 30.49 15.92
C VAL A 822 -19.69 31.36 14.97
N LYS A 823 -20.24 30.75 13.93
CA LYS A 823 -20.98 31.48 12.90
C LYS A 823 -22.26 32.09 13.47
N GLU A 824 -23.06 31.30 14.18
CA GLU A 824 -24.36 31.75 14.68
C GLU A 824 -24.28 32.63 15.93
N ASN A 825 -23.17 32.60 16.65
CA ASN A 825 -22.98 33.40 17.84
C ASN A 825 -21.96 34.50 17.61
N TRP A 826 -21.74 34.84 16.34
CA TRP A 826 -20.62 35.69 15.97
C TRP A 826 -20.63 37.05 16.66
N ASN A 827 -21.76 37.76 16.67
CA ASN A 827 -21.74 39.08 17.30
C ASN A 827 -21.59 39.01 18.82
N LYS A 828 -22.08 37.94 19.46
CA LYS A 828 -21.77 37.83 20.88
C LYS A 828 -20.26 37.64 21.05
N LEU A 829 -19.63 37.01 20.07
CA LEU A 829 -18.19 36.81 20.13
C LEU A 829 -17.42 38.11 19.88
N VAL A 830 -17.97 39.00 19.05
CA VAL A 830 -17.29 40.25 18.73
C VAL A 830 -17.41 41.21 19.89
N GLN A 831 -18.39 40.97 20.75
CA GLN A 831 -18.53 41.84 21.92
C GLN A 831 -17.50 41.46 22.97
N LYS A 832 -17.31 40.15 23.15
CA LYS A 832 -16.36 39.69 24.15
C LYS A 832 -14.92 40.00 23.72
N PHE A 833 -14.55 39.66 22.49
CA PHE A 833 -13.20 39.94 22.01
C PHE A 833 -13.23 40.82 20.76
N PRO A 834 -12.43 41.89 20.71
CA PRO A 834 -12.51 42.82 19.58
C PRO A 834 -12.32 42.19 18.21
N LEU A 835 -12.91 42.84 17.20
CA LEU A 835 -12.75 42.43 15.81
C LEU A 835 -11.30 42.58 15.40
N GLY A 836 -10.69 41.50 14.94
CA GLY A 836 -9.27 41.55 14.63
C GLY A 836 -8.36 41.04 15.72
N SER A 837 -8.88 40.78 16.91
CA SER A 837 -8.14 40.25 18.05
C SER A 837 -7.66 38.82 17.80
N TYR A 838 -6.58 38.45 18.49
CA TYR A 838 -6.06 37.10 18.37
C TYR A 838 -7.12 36.09 18.76
N THR A 839 -7.88 36.40 19.81
CA THR A 839 -8.89 35.48 20.31
C THR A 839 -9.89 35.12 19.23
N ILE A 840 -10.41 36.12 18.53
CA ILE A 840 -11.40 35.87 17.48
C ILE A 840 -10.72 35.34 16.21
N GLN A 841 -9.47 35.72 15.96
CA GLN A 841 -8.77 35.15 14.82
C GLN A 841 -8.40 33.70 15.10
N ASN A 842 -8.11 33.37 16.36
CA ASN A 842 -7.85 31.98 16.74
C ASN A 842 -9.09 31.13 16.50
N ILE A 843 -10.27 31.68 16.81
CA ILE A 843 -11.52 30.94 16.68
C ILE A 843 -11.82 30.63 15.21
N VAL A 844 -11.76 31.65 14.36
CA VAL A 844 -12.05 31.44 12.93
C VAL A 844 -11.13 30.38 12.37
N ALA A 845 -9.82 30.56 12.58
CA ALA A 845 -8.85 29.61 12.10
C ALA A 845 -8.98 28.26 12.79
N GLY A 846 -9.35 28.25 14.08
CA GLY A 846 -9.43 27.00 14.80
C GLY A 846 -10.46 26.05 14.27
N SER A 847 -11.55 26.57 13.71
CA SER A 847 -12.63 25.73 13.24
CA SER A 847 -12.64 25.74 13.24
C SER A 847 -12.74 25.65 11.72
N THR A 848 -11.98 26.45 10.99
CA THR A 848 -12.08 26.48 9.53
C THR A 848 -10.90 25.82 8.82
N TYR A 849 -9.86 25.40 9.51
CA TYR A 849 -8.72 24.82 8.80
C TYR A 849 -9.00 23.42 8.24
N LEU A 850 -10.05 22.73 8.68
CA LEU A 850 -10.30 21.36 8.21
C LEU A 850 -11.32 21.27 7.08
N PHE A 851 -11.81 22.38 6.56
CA PHE A 851 -12.70 22.36 5.41
C PHE A 851 -11.87 22.22 4.13
N SER A 852 -12.34 21.37 3.21
CA SER A 852 -11.62 21.20 1.97
C SER A 852 -12.48 21.29 0.71
N THR A 853 -13.72 21.78 0.81
CA THR A 853 -14.64 21.76 -0.34
C THR A 853 -14.90 23.14 -0.93
N LYS A 854 -15.05 23.17 -2.25
CA LYS A 854 -15.43 24.40 -2.94
C LYS A 854 -16.78 24.89 -2.43
N THR A 855 -17.68 23.94 -2.15
CA THR A 855 -18.98 24.27 -1.58
C THR A 855 -18.79 24.90 -0.20
N HIS A 856 -17.90 24.33 0.61
CA HIS A 856 -17.60 24.90 1.92
C HIS A 856 -16.89 26.24 1.77
N LEU A 857 -16.02 26.36 0.78
CA LEU A 857 -15.33 27.62 0.57
C LEU A 857 -16.34 28.73 0.26
N SER A 858 -17.37 28.38 -0.50
CA SER A 858 -18.36 29.36 -0.92
C SER A 858 -19.17 29.89 0.24
N GLU A 859 -19.38 29.06 1.26
CA GLU A 859 -20.18 29.48 2.41
CA GLU A 859 -20.19 29.54 2.38
C GLU A 859 -19.40 30.33 3.41
N VAL A 860 -18.15 30.00 3.65
CA VAL A 860 -17.42 30.85 4.59
C VAL A 860 -17.23 32.22 3.98
N GLN A 861 -16.88 32.23 2.70
CA GLN A 861 -16.74 33.48 1.95
C GLN A 861 -18.05 34.26 1.99
N ALA A 862 -19.16 33.61 1.65
CA ALA A 862 -20.47 34.28 1.71
C ALA A 862 -20.83 34.78 3.11
N PHE A 863 -20.55 34.00 4.16
CA PHE A 863 -20.98 34.41 5.50
C PHE A 863 -20.36 35.74 5.91
N PHE A 864 -19.05 35.88 5.70
CA PHE A 864 -18.40 37.14 6.07
C PHE A 864 -18.86 38.29 5.18
N GLU A 865 -19.23 37.99 3.93
CA GLU A 865 -19.84 39.02 3.09
C GLU A 865 -21.10 39.54 3.75
N ASN A 866 -21.86 38.61 4.33
CA ASN A 866 -23.11 38.91 5.02
C ASN A 866 -22.89 39.82 6.23
N GLN A 867 -21.69 39.78 6.81
CA GLN A 867 -21.40 40.59 7.99
C GLN A 867 -21.14 42.06 7.67
N SER A 868 -19.98 42.40 7.13
CA SER A 868 -19.71 43.79 6.87
C SER A 868 -18.45 43.93 6.05
N GLU A 869 -18.26 45.12 5.51
CA GLU A 869 -17.08 45.36 4.70
C GLU A 869 -15.84 45.45 5.57
N ALA A 870 -15.97 46.01 6.77
CA ALA A 870 -14.84 46.02 7.66
C ALA A 870 -14.42 44.60 8.02
N THR A 871 -15.40 43.74 8.34
CA THR A 871 -15.10 42.36 8.72
C THR A 871 -14.60 41.53 7.55
N PHE A 872 -15.15 41.74 6.34
CA PHE A 872 -14.70 40.92 5.23
C PHE A 872 -13.27 41.25 4.80
N ARG A 873 -12.81 42.48 5.03
CA ARG A 873 -11.45 42.89 4.66
C ARG A 873 -10.42 42.46 5.70
N LEU A 874 -10.86 41.87 6.81
CA LEU A 874 -9.97 41.35 7.86
C LEU A 874 -9.05 40.26 7.34
N ARG A 875 -7.83 40.21 7.92
CA ARG A 875 -6.88 39.19 7.51
C ARG A 875 -7.32 37.80 7.91
N CYS A 876 -7.96 37.66 9.07
CA CYS A 876 -8.37 36.33 9.53
C CYS A 876 -9.37 35.72 8.57
N VAL A 877 -10.33 36.52 8.12
CA VAL A 877 -11.29 36.04 7.14
C VAL A 877 -10.60 35.69 5.83
N GLN A 878 -9.70 36.56 5.38
CA GLN A 878 -9.02 36.35 4.11
C GLN A 878 -8.05 35.18 4.17
N GLU A 879 -7.33 35.04 5.28
CA GLU A 879 -6.36 33.96 5.42
C GLU A 879 -7.05 32.62 5.53
N ALA A 880 -8.07 32.55 6.37
CA ALA A 880 -8.70 31.27 6.66
C ALA A 880 -9.51 30.78 5.48
N LEU A 881 -9.95 31.70 4.63
CA LEU A 881 -10.65 31.32 3.41
C LEU A 881 -9.67 30.72 2.42
N GLU A 882 -8.47 31.31 2.37
CA GLU A 882 -7.42 30.82 1.50
C GLU A 882 -6.90 29.48 2.00
N VAL A 883 -6.99 29.24 3.31
CA VAL A 883 -6.58 27.94 3.86
C VAL A 883 -7.46 26.86 3.27
N ILE A 884 -8.77 27.13 3.23
CA ILE A 884 -9.73 26.20 2.66
C ILE A 884 -9.42 25.97 1.19
N GLN A 885 -9.06 27.05 0.48
CA GLN A 885 -8.72 26.94 -0.93
C GLN A 885 -7.60 25.93 -1.13
N LEU A 886 -6.48 26.13 -0.44
CA LEU A 886 -5.35 25.22 -0.58
C LEU A 886 -5.72 23.79 -0.22
N ASN A 887 -6.62 23.61 0.75
CA ASN A 887 -7.08 22.27 1.08
C ASN A 887 -7.83 21.65 -0.10
N ILE A 888 -8.53 22.47 -0.87
CA ILE A 888 -9.20 21.97 -2.07
C ILE A 888 -8.16 21.45 -3.05
N GLN A 889 -7.08 22.22 -3.23
CA GLN A 889 -6.02 21.86 -4.17
C GLN A 889 -5.22 20.67 -3.69
N TRP A 890 -4.89 20.63 -2.40
CA TRP A 890 -4.15 19.48 -1.91
C TRP A 890 -4.98 18.23 -2.13
N MET A 891 -6.27 18.32 -1.86
CA MET A 891 -7.16 17.19 -2.15
C MET A 891 -7.12 16.89 -3.63
N GLU A 892 -7.04 17.92 -4.45
CA GLU A 892 -7.00 17.70 -5.88
C GLU A 892 -5.74 16.95 -6.27
N LYS A 893 -4.59 17.55 -5.98
CA LYS A 893 -3.33 17.06 -6.54
C LYS A 893 -2.90 15.70 -5.97
N ASN A 894 -3.05 15.48 -4.66
CA ASN A 894 -2.49 14.28 -4.06
C ASN A 894 -3.49 13.24 -3.58
N LEU A 895 -4.77 13.59 -3.42
CA LEU A 895 -5.76 12.63 -2.92
C LEU A 895 -5.85 11.38 -3.80
N LYS A 896 -5.97 11.57 -5.11
CA LYS A 896 -6.14 10.43 -6.00
C LYS A 896 -4.95 9.48 -5.94
N SER A 897 -3.74 10.03 -5.98
CA SER A 897 -2.55 9.19 -5.89
C SER A 897 -2.40 8.59 -4.50
N LEU A 898 -2.80 9.33 -3.46
CA LEU A 898 -2.62 8.84 -2.11
C LEU A 898 -3.34 7.51 -1.94
N THR A 899 -4.51 7.37 -2.56
CA THR A 899 -5.19 6.09 -2.53
C THR A 899 -4.43 5.01 -3.29
N TRP A 900 -3.51 5.40 -4.17
CA TRP A 900 -2.69 4.43 -4.89
C TRP A 900 -1.56 3.88 -4.02
N TRP A 901 -0.78 4.74 -3.33
CA TRP A 901 0.21 4.20 -2.42
C TRP A 901 -0.53 3.52 -1.25
N LEU A 902 -1.72 4.01 -0.94
CA LEU A 902 -2.58 3.44 0.11
C LEU A 902 -3.51 2.37 -0.48
N ARG A 903 -2.93 1.22 -0.84
CA ARG A 903 -3.75 0.10 -1.30
C ARG A 903 -3.02 -1.20 -0.98
N THR A 904 -3.76 -2.29 -0.96
CA THR A 904 -3.19 -3.61 -0.66
C THR A 904 -3.04 -4.39 -1.96
N GLU A 905 -1.80 -4.54 -2.41
CA GLU A 905 -1.48 -5.05 -3.74
C GLU A 905 -1.43 -6.57 -3.68
N THR A 906 -2.50 -7.21 -4.13
CA THR A 906 -2.67 -8.67 -4.19
C THR A 906 -1.71 -9.50 -3.28
N LYS B 36 21.35 -62.24 -5.12
CA LYS B 36 22.04 -60.96 -5.21
C LYS B 36 22.80 -60.65 -3.93
N LEU B 37 23.99 -60.09 -4.06
CA LEU B 37 24.81 -59.66 -2.92
C LEU B 37 24.55 -58.19 -2.58
N PHE B 38 23.32 -57.76 -2.74
CA PHE B 38 22.88 -56.40 -2.47
C PHE B 38 22.01 -56.37 -1.21
N PRO B 39 22.10 -55.33 -0.39
CA PRO B 39 21.41 -55.36 0.91
C PRO B 39 19.92 -55.01 0.83
N TRP B 40 19.42 -54.66 -0.35
CA TRP B 40 18.03 -54.27 -0.53
C TRP B 40 17.37 -55.13 -1.60
N ALA B 41 16.14 -55.59 -1.31
CA ALA B 41 15.42 -56.46 -2.25
C ALA B 41 14.07 -55.89 -2.69
N GLN B 42 13.86 -54.57 -2.60
CA GLN B 42 12.56 -53.99 -2.94
C GLN B 42 12.69 -52.85 -3.94
N ILE B 43 11.59 -52.60 -4.67
CA ILE B 43 11.56 -51.43 -5.53
C ILE B 43 11.47 -50.17 -4.70
N ARG B 44 10.66 -50.22 -3.63
CA ARG B 44 10.45 -49.08 -2.76
C ARG B 44 11.60 -48.91 -1.77
N LEU B 45 12.04 -47.67 -1.60
CA LEU B 45 13.19 -47.37 -0.76
C LEU B 45 12.86 -47.55 0.72
N PRO B 46 13.85 -47.89 1.54
CA PRO B 46 13.60 -48.02 2.98
C PRO B 46 13.41 -46.67 3.64
N THR B 47 12.58 -46.64 4.68
CA THR B 47 12.32 -45.41 5.40
C THR B 47 13.21 -45.25 6.62
N ALA B 48 14.27 -46.06 6.72
CA ALA B 48 15.22 -45.91 7.83
C ALA B 48 15.92 -44.56 7.79
N VAL B 49 16.49 -44.20 6.64
CA VAL B 49 17.19 -42.94 6.41
C VAL B 49 16.26 -41.91 5.76
N VAL B 50 16.40 -40.65 6.14
CA VAL B 50 15.58 -39.57 5.62
C VAL B 50 16.49 -38.42 5.19
N PRO B 51 16.40 -37.94 3.95
CA PRO B 51 17.27 -36.85 3.51
C PRO B 51 16.81 -35.49 4.01
N LEU B 52 17.78 -34.65 4.39
CA LEU B 52 17.49 -33.34 4.98
C LEU B 52 17.94 -32.15 4.16
N ARG B 53 19.01 -32.28 3.36
CA ARG B 53 19.60 -31.14 2.67
C ARG B 53 20.52 -31.64 1.59
N TYR B 54 20.40 -31.10 0.39
CA TYR B 54 21.22 -31.51 -0.73
C TYR B 54 22.11 -30.37 -1.16
N GLU B 55 23.40 -30.63 -1.22
CA GLU B 55 24.34 -29.69 -1.82
C GLU B 55 24.77 -30.38 -3.11
N LEU B 56 24.33 -29.84 -4.24
CA LEU B 56 24.61 -30.41 -5.54
C LEU B 56 25.51 -29.47 -6.31
N SER B 57 26.72 -29.95 -6.62
CA SER B 57 27.75 -29.23 -7.33
C SER B 57 27.90 -29.87 -8.71
N LEU B 58 27.70 -29.08 -9.77
CA LEU B 58 27.66 -29.62 -11.13
C LEU B 58 28.68 -28.93 -12.02
N HIS B 59 29.30 -29.68 -12.94
CA HIS B 59 30.25 -29.09 -13.90
C HIS B 59 29.97 -29.68 -15.28
N PRO B 60 29.05 -29.11 -16.01
CA PRO B 60 28.68 -29.68 -17.32
C PRO B 60 29.36 -29.20 -18.59
N ASN B 61 30.01 -30.11 -19.34
CA ASN B 61 30.57 -29.80 -20.66
C ASN B 61 29.58 -30.17 -21.77
N LEU B 62 28.91 -29.16 -22.37
CA LEU B 62 27.99 -29.43 -23.47
C LEU B 62 28.77 -29.88 -24.70
N THR B 63 29.95 -29.30 -24.88
CA THR B 63 30.79 -29.67 -26.00
C THR B 63 31.16 -31.14 -25.95
N SER B 64 31.51 -31.63 -24.76
CA SER B 64 31.90 -33.01 -24.54
C SER B 64 30.74 -33.89 -24.09
N MET B 65 29.56 -33.31 -23.81
CA MET B 65 28.39 -34.05 -23.33
C MET B 65 28.68 -34.87 -22.07
N THR B 66 29.16 -34.20 -21.03
CA THR B 66 29.53 -34.86 -19.78
C THR B 66 29.57 -33.81 -18.67
N PHE B 67 29.47 -34.28 -17.42
CA PHE B 67 29.49 -33.36 -16.29
C PHE B 67 30.12 -33.96 -15.04
N ARG B 68 30.56 -33.08 -14.14
CA ARG B 68 31.15 -33.43 -12.84
C ARG B 68 30.25 -33.01 -11.67
N GLY B 69 30.00 -33.95 -10.77
CA GLY B 69 29.18 -33.63 -9.62
C GLY B 69 29.64 -34.14 -8.27
N SER B 70 29.46 -33.34 -7.21
CA SER B 70 29.77 -33.71 -5.83
C SER B 70 28.51 -33.42 -5.01
N VAL B 71 27.93 -34.47 -4.42
CA VAL B 71 26.70 -34.34 -3.67
C VAL B 71 27.01 -34.53 -2.20
N THR B 72 26.70 -33.51 -1.42
CA THR B 72 26.79 -33.51 0.03
C THR B 72 25.37 -33.53 0.55
N ILE B 73 25.02 -34.57 1.29
CA ILE B 73 23.66 -34.76 1.78
C ILE B 73 23.65 -34.86 3.30
N SER B 74 22.71 -34.17 3.92
CA SER B 74 22.42 -34.32 5.34
C SER B 74 21.26 -35.29 5.49
N VAL B 75 21.51 -36.40 6.19
CA VAL B 75 20.51 -37.45 6.39
C VAL B 75 20.38 -37.76 7.87
N GLN B 76 19.15 -37.90 8.33
CA GLN B 76 18.86 -38.26 9.71
C GLN B 76 18.38 -39.70 9.75
N ALA B 77 18.87 -40.46 10.71
CA ALA B 77 18.53 -41.87 10.85
C ALA B 77 17.42 -42.05 11.88
N LEU B 78 16.29 -42.61 11.43
CA LEU B 78 15.20 -42.89 12.33
C LEU B 78 15.38 -44.29 12.93
N GLN B 79 16.04 -45.16 12.17
CA GLN B 79 16.26 -46.56 12.50
C GLN B 79 17.75 -46.85 12.39
N VAL B 80 18.22 -47.72 13.28
CA VAL B 80 19.62 -48.13 13.29
C VAL B 80 19.91 -48.96 12.04
N THR B 81 21.00 -48.63 11.35
CA THR B 81 21.36 -49.39 10.17
C THR B 81 22.86 -49.31 9.89
N TRP B 82 23.33 -50.31 9.15
CA TRP B 82 24.69 -50.37 8.62
C TRP B 82 24.73 -49.95 7.16
N ASN B 83 23.56 -49.68 6.57
CA ASN B 83 23.44 -49.37 5.15
C ASN B 83 22.59 -48.12 4.91
N ILE B 84 22.91 -47.46 3.79
CA ILE B 84 22.15 -46.32 3.25
C ILE B 84 21.74 -46.71 1.85
N ILE B 85 20.45 -46.60 1.52
CA ILE B 85 19.96 -46.97 0.19
C ILE B 85 19.34 -45.74 -0.46
N LEU B 86 19.83 -45.39 -1.66
CA LEU B 86 19.29 -44.25 -2.41
C LEU B 86 19.39 -44.55 -3.91
N HIS B 87 18.72 -43.73 -4.71
CA HIS B 87 18.63 -43.96 -6.14
C HIS B 87 19.75 -43.29 -6.91
N SER B 88 20.47 -44.07 -7.72
CA SER B 88 21.56 -43.58 -8.55
C SER B 88 21.73 -44.47 -9.78
N THR B 89 21.91 -43.83 -10.94
CA THR B 89 22.10 -44.52 -12.22
C THR B 89 23.02 -43.72 -13.12
N GLY B 90 23.79 -44.44 -13.94
CA GLY B 90 24.71 -43.86 -14.92
C GLY B 90 25.73 -42.91 -14.35
N HIS B 91 26.27 -43.19 -13.17
CA HIS B 91 27.24 -42.34 -12.51
C HIS B 91 28.49 -43.18 -12.30
N ASN B 92 29.64 -42.60 -12.61
CA ASN B 92 30.91 -43.21 -12.26
C ASN B 92 31.29 -42.57 -10.93
N ILE B 93 31.22 -43.35 -9.85
CA ILE B 93 31.49 -42.79 -8.53
C ILE B 93 32.97 -43.00 -8.24
N SER B 94 33.65 -41.91 -7.95
CA SER B 94 35.08 -41.98 -7.69
C SER B 94 35.35 -42.04 -6.19
N ARG B 95 34.62 -41.24 -5.43
CA ARG B 95 34.86 -41.16 -4.00
C ARG B 95 33.54 -41.04 -3.25
N VAL B 96 33.52 -41.67 -2.07
CA VAL B 96 32.38 -41.66 -1.17
C VAL B 96 32.90 -41.19 0.17
N THR B 97 32.25 -40.19 0.76
CA THR B 97 32.70 -39.57 2.00
C THR B 97 31.59 -39.61 3.04
N PHE B 98 31.91 -40.15 4.21
CA PHE B 98 30.96 -40.30 5.31
C PHE B 98 31.49 -39.57 6.54
N MET B 99 30.66 -38.75 7.18
CA MET B 99 31.16 -38.03 8.34
C MET B 99 30.07 -37.69 9.36
N SER B 100 30.37 -37.91 10.65
CA SER B 100 29.49 -37.46 11.72
C SER B 100 30.22 -37.04 13.01
N ALA B 101 31.52 -37.29 13.07
CA ALA B 101 32.31 -37.03 14.26
C ALA B 101 32.78 -35.58 14.35
N VAL B 102 33.28 -35.22 15.52
CA VAL B 102 33.68 -33.86 15.83
C VAL B 102 34.97 -33.48 15.11
N SER B 103 35.23 -32.16 15.08
CA SER B 103 36.46 -31.56 14.55
C SER B 103 36.72 -31.90 13.07
N SER B 104 35.65 -31.94 12.28
CA SER B 104 35.72 -32.08 10.81
C SER B 104 36.43 -33.36 10.37
N GLN B 105 36.15 -34.45 11.06
CA GLN B 105 36.69 -35.75 10.66
C GLN B 105 35.97 -36.26 9.42
N GLU B 106 36.69 -36.95 8.55
CA GLU B 106 36.09 -37.48 7.33
C GLU B 106 36.42 -38.96 7.22
N LYS B 107 35.43 -39.76 6.82
CA LYS B 107 35.53 -41.21 6.74
C LYS B 107 35.13 -41.68 5.34
N GLN B 108 35.84 -42.69 4.86
CA GLN B 108 35.62 -43.26 3.53
C GLN B 108 34.77 -44.52 3.59
N ALA B 109 33.88 -44.67 2.60
CA ALA B 109 33.00 -45.82 2.50
C ALA B 109 33.00 -46.38 1.08
N GLU B 110 32.60 -47.64 0.95
CA GLU B 110 32.54 -48.32 -0.34
C GLU B 110 31.09 -48.49 -0.76
N ILE B 111 30.78 -48.14 -2.01
CA ILE B 111 29.40 -48.17 -2.48
C ILE B 111 29.17 -49.46 -3.25
N LEU B 112 28.03 -50.07 -3.00
CA LEU B 112 27.63 -51.28 -3.69
C LEU B 112 26.57 -50.85 -4.69
N GLU B 113 26.62 -51.40 -5.89
CA GLU B 113 25.70 -50.99 -6.94
C GLU B 113 24.92 -52.19 -7.47
N TYR B 114 23.60 -52.03 -7.55
CA TYR B 114 22.70 -53.05 -8.08
C TYR B 114 22.31 -52.69 -9.50
N ALA B 115 21.58 -51.57 -9.64
CA ALA B 115 21.24 -50.85 -10.87
C ALA B 115 20.07 -51.44 -11.65
N TYR B 116 19.62 -52.67 -11.37
CA TYR B 116 18.42 -53.15 -12.04
C TYR B 116 17.22 -52.33 -11.59
N HIS B 117 17.18 -52.03 -10.30
CA HIS B 117 16.17 -51.15 -9.72
C HIS B 117 16.71 -49.74 -9.59
N GLY B 118 17.88 -49.47 -10.14
CA GLY B 118 18.51 -48.17 -10.06
C GLY B 118 18.81 -47.70 -8.65
N GLN B 119 19.48 -48.55 -7.88
CA GLN B 119 19.80 -48.27 -6.49
C GLN B 119 21.29 -48.44 -6.20
N ILE B 120 21.74 -47.76 -5.15
CA ILE B 120 23.10 -47.92 -4.64
C ILE B 120 23.04 -48.03 -3.12
N ALA B 121 24.05 -48.69 -2.55
CA ALA B 121 24.22 -48.81 -1.10
C ALA B 121 25.53 -48.20 -0.65
N ILE B 122 25.48 -47.35 0.38
CA ILE B 122 26.68 -46.80 1.00
C ILE B 122 26.95 -47.59 2.27
N VAL B 123 28.03 -48.37 2.25
CA VAL B 123 28.36 -49.25 3.36
C VAL B 123 28.88 -48.44 4.52
N ALA B 124 28.32 -48.65 5.70
CA ALA B 124 28.73 -47.83 6.83
C ALA B 124 30.01 -48.35 7.47
N PRO B 125 30.98 -47.47 7.75
CA PRO B 125 32.19 -47.92 8.47
C PRO B 125 31.89 -48.21 9.94
N GLU B 126 31.04 -47.38 10.53
CA GLU B 126 30.60 -47.49 11.91
C GLU B 126 29.08 -47.41 11.88
N ALA B 127 28.45 -48.07 12.85
CA ALA B 127 27.01 -48.23 12.78
C ALA B 127 26.33 -46.88 12.77
N LEU B 128 25.34 -46.74 11.90
CA LEU B 128 24.57 -45.51 11.87
C LEU B 128 23.60 -45.55 13.03
N LEU B 129 23.60 -44.49 13.81
CA LEU B 129 22.83 -44.51 15.02
C LEU B 129 21.50 -43.79 14.79
N ALA B 130 20.48 -44.15 15.55
CA ALA B 130 19.16 -43.56 15.43
C ALA B 130 19.06 -42.16 16.05
N GLY B 131 18.58 -41.19 15.25
CA GLY B 131 18.39 -39.82 15.69
C GLY B 131 19.61 -38.94 15.49
N HIS B 132 20.70 -39.51 15.02
CA HIS B 132 21.93 -38.80 14.77
C HIS B 132 21.96 -38.36 13.33
N ASN B 133 22.31 -37.10 13.12
CA ASN B 133 22.40 -36.54 11.78
C ASN B 133 23.78 -36.83 11.21
N TYR B 134 23.82 -37.21 9.95
CA TYR B 134 25.08 -37.49 9.27
C TYR B 134 25.15 -36.65 8.02
N THR B 135 26.37 -36.57 7.48
CA THR B 135 26.66 -35.83 6.26
C THR B 135 27.36 -36.79 5.31
N LEU B 136 26.66 -37.17 4.25
CA LEU B 136 27.15 -38.14 3.27
C LEU B 136 27.47 -37.41 1.99
N LYS B 137 28.71 -37.53 1.52
CA LYS B 137 29.17 -36.84 0.33
C LYS B 137 29.55 -37.84 -0.75
N ILE B 138 28.95 -37.69 -1.93
CA ILE B 138 29.22 -38.54 -3.07
C ILE B 138 29.84 -37.68 -4.16
N GLU B 139 31.01 -38.10 -4.62
CA GLU B 139 31.71 -37.43 -5.71
C GLU B 139 31.58 -38.34 -6.92
N TYR B 140 31.17 -37.79 -8.07
CA TYR B 140 30.91 -38.69 -9.19
C TYR B 140 31.03 -37.98 -10.52
N SER B 141 31.18 -38.79 -11.56
CA SER B 141 31.27 -38.35 -12.95
C SER B 141 30.24 -39.11 -13.77
N ALA B 142 29.58 -38.40 -14.68
CA ALA B 142 28.53 -39.00 -15.48
C ALA B 142 28.40 -38.27 -16.81
N ASN B 143 27.47 -38.75 -17.63
CA ASN B 143 27.24 -38.21 -18.95
C ASN B 143 25.91 -37.46 -19.02
N ILE B 144 25.84 -36.58 -20.02
CA ILE B 144 24.58 -35.92 -20.35
C ILE B 144 23.77 -36.87 -21.23
N SER B 145 22.47 -36.95 -20.97
CA SER B 145 21.66 -37.94 -21.67
C SER B 145 21.30 -37.48 -23.08
N SER B 146 21.17 -38.44 -23.98
CA SER B 146 20.71 -38.21 -25.35
C SER B 146 19.20 -38.34 -25.44
N SER B 147 18.56 -38.74 -24.35
CA SER B 147 17.12 -38.90 -24.22
C SER B 147 16.52 -37.54 -23.93
N TYR B 148 15.19 -37.46 -23.96
CA TYR B 148 14.49 -36.24 -23.61
C TYR B 148 14.17 -36.19 -22.12
N TYR B 149 14.67 -37.16 -21.35
CA TYR B 149 14.39 -37.39 -19.94
C TYR B 149 15.55 -36.91 -19.07
N GLY B 150 15.25 -36.46 -17.86
CA GLY B 150 16.30 -36.09 -16.92
C GLY B 150 17.21 -34.99 -17.45
N PHE B 151 18.50 -35.12 -17.15
CA PHE B 151 19.49 -34.12 -17.54
C PHE B 151 19.98 -34.45 -18.92
N TYR B 152 19.68 -33.58 -19.89
CA TYR B 152 19.98 -33.83 -21.29
C TYR B 152 20.49 -32.57 -21.98
N GLY B 153 21.14 -32.78 -23.12
CA GLY B 153 21.66 -31.70 -23.92
C GLY B 153 21.27 -31.87 -25.38
N PHE B 154 21.32 -30.74 -26.09
CA PHE B 154 21.00 -30.71 -27.51
C PHE B 154 21.66 -29.48 -28.10
N SER B 155 21.82 -29.51 -29.43
CA SER B 155 22.43 -28.44 -30.20
C SER B 155 21.45 -27.85 -31.20
N TYR B 156 21.37 -26.51 -31.24
CA TYR B 156 20.50 -25.82 -32.18
C TYR B 156 21.27 -24.75 -32.94
N THR B 157 20.75 -24.39 -34.13
CA THR B 157 21.35 -23.38 -34.98
C THR B 157 20.51 -22.10 -34.92
N ASP B 158 21.18 -20.98 -34.69
CA ASP B 158 20.52 -19.69 -34.47
C ASP B 158 20.19 -18.98 -35.78
N GLU B 159 19.64 -17.77 -35.63
CA GLU B 159 19.23 -16.96 -36.77
C GLU B 159 20.40 -16.62 -37.69
N SER B 160 21.58 -16.42 -37.12
CA SER B 160 22.78 -16.07 -37.87
C SER B 160 23.50 -17.29 -38.42
N ASN B 161 22.88 -18.47 -38.27
CA ASN B 161 23.47 -19.74 -38.72
C ASN B 161 24.74 -20.03 -37.92
N GLU B 162 24.65 -19.80 -36.62
CA GLU B 162 25.70 -20.07 -35.64
C GLU B 162 25.25 -21.25 -34.76
N LYS B 163 26.07 -22.28 -34.68
CA LYS B 163 25.72 -23.43 -33.86
C LYS B 163 25.67 -23.05 -32.39
N LYS B 164 24.67 -23.56 -31.68
CA LYS B 164 24.51 -23.27 -30.25
C LYS B 164 24.24 -24.56 -29.46
N TYR B 165 24.49 -24.49 -28.15
CA TYR B 165 24.26 -25.60 -27.23
C TYR B 165 23.27 -25.19 -26.14
N PHE B 166 22.50 -26.14 -25.62
CA PHE B 166 21.54 -25.84 -24.57
C PHE B 166 21.32 -27.08 -23.70
N ALA B 167 21.35 -26.90 -22.38
CA ALA B 167 21.17 -27.99 -21.42
C ALA B 167 19.94 -27.74 -20.55
N ALA B 168 19.15 -28.80 -20.32
CA ALA B 168 17.93 -28.69 -19.52
C ALA B 168 17.73 -29.96 -18.69
N THR B 169 16.66 -29.96 -17.86
CA THR B 169 16.35 -31.08 -16.96
C THR B 169 14.88 -31.47 -17.04
N GLN B 170 14.63 -32.79 -17.09
CA GLN B 170 13.29 -33.34 -16.98
C GLN B 170 13.36 -34.45 -15.94
N PHE B 171 13.30 -34.07 -14.67
CA PHE B 171 13.43 -35.04 -13.58
C PHE B 171 12.14 -35.72 -13.15
N GLU B 172 11.04 -35.47 -13.85
CA GLU B 172 9.74 -36.12 -13.63
C GLU B 172 9.85 -37.65 -13.62
N PRO B 173 8.80 -38.39 -13.37
CA PRO B 173 8.94 -39.69 -12.66
C PRO B 173 10.20 -40.07 -11.90
N LEU B 174 11.10 -40.77 -12.61
CA LEU B 174 12.27 -41.37 -11.99
C LEU B 174 13.61 -40.96 -12.63
N ALA B 175 13.70 -39.77 -13.22
CA ALA B 175 14.92 -39.41 -13.94
C ALA B 175 15.93 -38.64 -13.11
N ALA B 176 15.60 -38.21 -11.90
CA ALA B 176 16.54 -37.39 -11.13
C ALA B 176 17.78 -38.19 -10.76
N ARG B 177 17.61 -39.47 -10.42
CA ARG B 177 18.73 -40.34 -10.09
C ARG B 177 19.76 -40.38 -11.22
N SER B 178 19.31 -40.27 -12.47
CA SER B 178 20.22 -40.25 -13.60
C SER B 178 21.22 -39.10 -13.48
N ALA B 179 20.74 -37.94 -13.03
CA ALA B 179 21.58 -36.77 -12.82
C ALA B 179 22.43 -36.88 -11.56
N PHE B 180 21.79 -37.09 -10.41
CA PHE B 180 22.52 -37.11 -9.15
C PHE B 180 22.08 -38.21 -8.21
N PRO B 181 22.92 -38.62 -7.32
CA PRO B 181 22.49 -39.62 -6.36
C PRO B 181 21.58 -39.09 -5.27
N CYS B 182 20.35 -39.57 -5.19
CA CYS B 182 19.42 -39.06 -4.20
C CYS B 182 18.40 -40.11 -3.81
N PHE B 183 17.60 -39.78 -2.79
CA PHE B 183 16.47 -40.63 -2.43
C PHE B 183 15.34 -40.22 -3.36
N ASP B 184 15.21 -40.93 -4.48
CA ASP B 184 14.33 -40.52 -5.58
C ASP B 184 12.89 -40.93 -5.29
N GLU B 185 12.31 -40.26 -4.30
CA GLU B 185 10.93 -40.58 -3.94
C GLU B 185 10.17 -39.30 -3.61
N PRO B 186 8.94 -39.17 -4.12
CA PRO B 186 8.21 -37.92 -3.90
C PRO B 186 7.91 -37.64 -2.43
N ALA B 187 7.74 -38.68 -1.62
CA ALA B 187 7.43 -38.45 -0.22
C ALA B 187 8.64 -37.95 0.54
N PHE B 188 9.84 -38.23 0.02
CA PHE B 188 11.11 -37.80 0.64
C PHE B 188 11.40 -36.33 0.26
N LYS B 189 10.61 -35.44 0.85
CA LYS B 189 10.82 -34.02 0.68
C LYS B 189 12.13 -33.62 1.34
N ALA B 190 12.84 -32.68 0.74
CA ALA B 190 14.11 -32.21 1.31
C ALA B 190 14.52 -30.89 0.67
N THR B 191 15.47 -30.20 1.31
CA THR B 191 16.00 -28.92 0.86
C THR B 191 17.18 -29.13 -0.09
N PHE B 192 17.33 -28.21 -1.03
CA PHE B 192 18.36 -28.27 -2.06
C PHE B 192 19.12 -26.94 -2.11
N ILE B 193 20.45 -27.06 -2.25
CA ILE B 193 21.35 -25.90 -2.43
C ILE B 193 22.17 -26.23 -3.66
N ILE B 194 21.92 -25.52 -4.78
CA ILE B 194 22.51 -25.89 -6.07
C ILE B 194 23.68 -24.97 -6.43
N LYS B 195 24.79 -25.61 -6.82
CA LYS B 195 26.00 -24.95 -7.31
C LYS B 195 26.33 -25.43 -8.72
N ILE B 196 26.26 -24.54 -9.72
CA ILE B 196 26.51 -24.93 -11.11
C ILE B 196 27.65 -24.14 -11.73
N ILE B 197 28.43 -24.81 -12.60
CA ILE B 197 29.57 -24.20 -13.30
C ILE B 197 29.22 -24.11 -14.78
N ARG B 198 29.24 -22.88 -15.31
CA ARG B 198 28.88 -22.55 -16.68
C ARG B 198 29.98 -21.74 -17.37
N ASP B 199 29.87 -21.63 -18.70
CA ASP B 199 30.76 -20.79 -19.48
C ASP B 199 30.39 -19.31 -19.32
N GLU B 200 31.26 -18.41 -19.81
CA GLU B 200 31.02 -16.99 -19.57
C GLU B 200 29.86 -16.44 -20.40
N GLN B 201 29.57 -17.07 -21.53
CA GLN B 201 28.41 -16.63 -22.29
C GLN B 201 27.13 -17.33 -21.85
N TYR B 202 27.26 -18.50 -21.21
CA TYR B 202 26.09 -19.30 -20.86
C TYR B 202 25.42 -18.84 -19.58
N THR B 203 24.08 -18.93 -19.60
CA THR B 203 23.20 -18.55 -18.50
C THR B 203 22.67 -19.79 -17.78
N ALA B 204 22.89 -19.86 -16.47
CA ALA B 204 22.39 -20.96 -15.65
C ALA B 204 21.23 -20.50 -14.79
N LEU B 205 20.12 -21.21 -14.89
CA LEU B 205 18.89 -20.90 -14.19
C LEU B 205 18.49 -22.10 -13.34
N SER B 206 17.78 -21.84 -12.25
CA SER B 206 17.42 -22.97 -11.39
C SER B 206 16.22 -22.61 -10.53
N ASN B 207 15.98 -23.42 -9.50
CA ASN B 207 14.82 -23.26 -8.63
C ASN B 207 14.88 -21.96 -7.87
N MET B 208 15.91 -21.80 -7.05
CA MET B 208 15.99 -20.60 -6.23
C MET B 208 16.69 -19.50 -7.01
N PRO B 209 16.39 -18.25 -6.68
CA PRO B 209 17.12 -17.16 -7.33
C PRO B 209 18.61 -17.27 -7.08
N LYS B 210 19.37 -16.84 -8.09
CA LYS B 210 20.81 -16.94 -8.07
C LYS B 210 21.39 -16.04 -6.99
N LYS B 211 22.51 -16.46 -6.41
CA LYS B 211 23.13 -15.66 -5.37
C LYS B 211 24.56 -15.25 -5.69
N SER B 212 25.49 -16.19 -5.86
CA SER B 212 26.90 -15.83 -6.03
C SER B 212 27.51 -16.43 -7.28
N SER B 213 28.33 -15.64 -7.97
CA SER B 213 29.04 -16.06 -9.17
C SER B 213 30.51 -15.65 -9.04
N VAL B 214 31.40 -16.64 -9.10
CA VAL B 214 32.83 -16.41 -9.05
C VAL B 214 33.31 -16.68 -10.46
N VAL B 215 34.28 -15.89 -10.91
CA VAL B 215 34.70 -16.02 -12.29
C VAL B 215 35.31 -17.39 -12.53
N LEU B 216 35.80 -18.02 -11.46
CA LEU B 216 36.52 -19.28 -11.50
C LEU B 216 37.83 -19.28 -12.29
N ASP B 217 38.08 -18.26 -13.10
CA ASP B 217 39.43 -17.99 -13.52
C ASP B 217 39.84 -18.93 -14.66
N ASP B 218 38.86 -19.41 -15.43
CA ASP B 218 39.28 -20.12 -16.65
C ASP B 218 38.28 -20.02 -17.81
N GLY B 219 37.59 -18.89 -18.01
CA GLY B 219 36.49 -18.83 -18.96
C GLY B 219 35.15 -19.30 -18.40
N LEU B 220 35.17 -19.84 -17.20
CA LEU B 220 34.01 -20.35 -16.49
C LEU B 220 33.30 -19.25 -15.72
N VAL B 221 32.40 -19.66 -14.82
CA VAL B 221 31.69 -18.87 -13.82
C VAL B 221 30.92 -19.89 -13.00
N GLN B 222 30.92 -19.77 -11.67
CA GLN B 222 30.23 -20.74 -10.82
C GLN B 222 29.07 -20.04 -10.14
N ASP B 223 27.86 -20.40 -10.55
CA ASP B 223 26.65 -19.78 -10.03
C ASP B 223 26.10 -20.64 -8.91
N GLU B 224 25.86 -20.01 -7.77
CA GLU B 224 25.29 -20.66 -6.61
C GLU B 224 23.93 -20.05 -6.31
N PHE B 225 22.92 -20.91 -6.28
CA PHE B 225 21.55 -20.50 -6.02
C PHE B 225 21.24 -20.66 -4.52
N SER B 226 20.17 -20.02 -4.09
CA SER B 226 19.83 -20.06 -2.68
C SER B 226 19.27 -21.43 -2.31
N GLU B 227 19.23 -21.72 -1.01
CA GLU B 227 18.60 -22.96 -0.57
C GLU B 227 17.11 -22.84 -0.81
N SER B 228 16.50 -23.94 -1.24
CA SER B 228 15.08 -23.89 -1.57
C SER B 228 14.25 -24.62 -0.54
N VAL B 229 12.95 -24.39 -0.64
CA VAL B 229 12.04 -24.90 0.34
C VAL B 229 12.03 -26.42 0.31
N LYS B 230 11.56 -26.99 1.41
CA LYS B 230 11.36 -28.43 1.49
C LYS B 230 10.41 -28.84 0.37
N MET B 231 10.99 -29.48 -0.64
CA MET B 231 10.28 -29.96 -1.82
C MET B 231 10.79 -31.34 -2.20
N SER B 232 9.98 -32.09 -2.95
CA SER B 232 10.43 -33.41 -3.34
C SER B 232 11.46 -33.33 -4.47
N THR B 233 12.25 -34.40 -4.61
CA THR B 233 13.42 -34.39 -5.47
C THR B 233 13.09 -34.29 -6.96
N TYR B 234 11.90 -34.72 -7.39
CA TYR B 234 11.61 -34.74 -8.81
C TYR B 234 11.35 -33.35 -9.41
N LEU B 235 11.15 -32.35 -8.56
CA LEU B 235 10.86 -30.99 -9.00
C LEU B 235 12.10 -30.14 -9.16
N VAL B 236 13.27 -30.69 -8.88
CA VAL B 236 14.54 -29.97 -9.01
C VAL B 236 14.87 -29.77 -10.47
N ALA B 237 15.13 -28.54 -10.88
CA ALA B 237 15.47 -28.29 -12.29
C ALA B 237 16.45 -27.15 -12.43
N PHE B 238 17.39 -27.31 -13.36
CA PHE B 238 18.37 -26.30 -13.70
C PHE B 238 18.50 -26.20 -15.21
N ILE B 239 18.61 -24.98 -15.70
CA ILE B 239 18.68 -24.68 -17.14
C ILE B 239 20.02 -24.03 -17.41
N VAL B 240 20.67 -24.41 -18.51
CA VAL B 240 21.95 -23.83 -18.90
C VAL B 240 21.91 -23.52 -20.39
N GLY B 241 21.76 -22.24 -20.74
CA GLY B 241 21.71 -21.89 -22.15
C GLY B 241 21.80 -20.39 -22.36
N GLU B 242 21.96 -20.02 -23.63
CA GLU B 242 22.05 -18.63 -24.06
C GLU B 242 20.64 -18.11 -24.30
N MET B 243 20.13 -17.27 -23.41
CA MET B 243 18.75 -16.83 -23.52
C MET B 243 18.62 -15.35 -23.22
N LYS B 244 17.48 -14.81 -23.63
CA LYS B 244 17.10 -13.43 -23.37
C LYS B 244 15.89 -13.49 -22.46
N ASN B 245 15.68 -12.46 -21.66
CA ASN B 245 14.62 -12.51 -20.67
C ASN B 245 13.75 -11.26 -20.67
N LEU B 246 12.46 -11.47 -20.48
CA LEU B 246 11.50 -10.40 -20.27
C LEU B 246 10.80 -10.65 -18.94
N SER B 247 10.82 -9.68 -18.04
CA SER B 247 10.29 -9.87 -16.70
C SER B 247 9.57 -8.62 -16.19
N GLN B 248 8.80 -8.82 -15.12
CA GLN B 248 8.17 -7.72 -14.41
C GLN B 248 7.93 -8.16 -12.96
N ASP B 249 7.88 -7.18 -12.05
CA ASP B 249 7.73 -7.42 -10.62
C ASP B 249 6.25 -7.41 -10.22
N VAL B 250 5.83 -8.40 -9.42
CA VAL B 250 4.44 -8.53 -8.97
C VAL B 250 4.41 -8.75 -7.45
N ASN B 251 4.17 -7.67 -6.70
CA ASN B 251 4.06 -7.70 -5.24
C ASN B 251 5.33 -8.24 -4.59
N GLY B 252 6.49 -7.87 -5.11
CA GLY B 252 7.69 -8.35 -4.46
C GLY B 252 8.37 -9.46 -5.20
N THR B 253 7.61 -10.27 -5.92
CA THR B 253 8.09 -11.42 -6.67
C THR B 253 8.34 -11.00 -8.12
N LEU B 254 9.47 -11.42 -8.68
CA LEU B 254 9.81 -11.08 -10.06
C LEU B 254 9.43 -12.25 -10.95
N VAL B 255 8.46 -12.03 -11.81
CA VAL B 255 8.04 -13.04 -12.76
C VAL B 255 8.79 -12.82 -14.06
N SER B 256 9.61 -13.80 -14.44
CA SER B 256 10.47 -13.76 -15.62
C SER B 256 10.14 -14.85 -16.63
N ILE B 257 10.09 -14.48 -17.91
CA ILE B 257 9.85 -15.41 -19.01
C ILE B 257 11.09 -15.46 -19.91
N TYR B 258 11.68 -16.65 -20.06
CA TYR B 258 12.95 -16.79 -20.79
C TYR B 258 12.76 -17.44 -22.17
N ALA B 259 13.71 -17.14 -23.07
CA ALA B 259 13.75 -17.79 -24.38
C ALA B 259 15.09 -17.52 -25.06
N VAL B 260 15.42 -18.34 -26.07
CA VAL B 260 16.70 -18.12 -26.78
C VAL B 260 16.62 -16.86 -27.63
N PRO B 261 17.69 -16.06 -27.69
CA PRO B 261 17.66 -14.74 -28.33
C PRO B 261 16.90 -14.58 -29.63
N GLU B 262 16.76 -15.66 -30.39
CA GLU B 262 16.10 -15.62 -31.69
C GLU B 262 14.65 -15.17 -31.57
N LYS B 263 13.92 -15.76 -30.64
CA LYS B 263 12.47 -15.62 -30.52
C LYS B 263 12.03 -14.85 -29.27
N ILE B 264 12.86 -13.96 -28.75
CA ILE B 264 12.48 -13.26 -27.52
C ILE B 264 11.36 -12.26 -27.75
N GLY B 265 11.08 -11.88 -29.00
CA GLY B 265 9.99 -10.94 -29.21
C GLY B 265 8.60 -11.56 -29.09
N GLN B 266 8.49 -12.88 -29.16
CA GLN B 266 7.21 -13.58 -29.13
C GLN B 266 6.76 -13.92 -27.71
N VAL B 267 7.46 -13.44 -26.69
CA VAL B 267 7.14 -13.80 -25.32
C VAL B 267 6.16 -12.85 -24.65
N HIS B 268 5.64 -11.84 -25.36
CA HIS B 268 4.76 -10.87 -24.72
C HIS B 268 3.49 -11.52 -24.18
N TYR B 269 2.82 -12.33 -24.99
CA TYR B 269 1.54 -12.90 -24.56
C TYR B 269 1.72 -13.79 -23.35
N ALA B 270 2.78 -14.60 -23.35
CA ALA B 270 2.96 -15.54 -22.25
C ALA B 270 3.13 -14.78 -20.92
N LEU B 271 3.92 -13.69 -20.92
CA LEU B 271 4.09 -12.90 -19.70
C LEU B 271 2.80 -12.21 -19.28
N GLU B 272 2.01 -11.74 -20.25
CA GLU B 272 0.73 -11.13 -19.89
C GLU B 272 -0.19 -12.15 -19.24
N THR B 273 -0.35 -13.31 -19.89
CA THR B 273 -1.21 -14.36 -19.35
C THR B 273 -0.67 -14.87 -18.02
N THR B 274 0.65 -14.92 -17.86
CA THR B 274 1.21 -15.34 -16.58
C THR B 274 0.85 -14.35 -15.48
N VAL B 275 0.78 -13.06 -15.81
CA VAL B 275 0.42 -12.06 -14.81
C VAL B 275 -1.04 -12.21 -14.39
N LYS B 276 -1.96 -12.37 -15.34
CA LYS B 276 -3.37 -12.49 -14.98
C LYS B 276 -3.59 -13.72 -14.11
N LEU B 277 -3.00 -14.85 -14.49
CA LEU B 277 -3.20 -16.09 -13.73
C LEU B 277 -2.61 -16.02 -12.33
N LEU B 278 -1.39 -15.49 -12.20
CA LEU B 278 -0.79 -15.46 -10.87
C LEU B 278 -1.58 -14.53 -9.95
N GLU B 279 -2.17 -13.48 -10.48
CA GLU B 279 -3.05 -12.65 -9.67
C GLU B 279 -4.39 -13.34 -9.36
N PHE B 280 -4.80 -14.28 -10.20
CA PHE B 280 -6.05 -15.02 -10.00
C PHE B 280 -5.92 -16.21 -9.05
N PHE B 281 -4.92 -17.06 -9.29
CA PHE B 281 -4.75 -18.25 -8.46
C PHE B 281 -4.44 -17.87 -7.01
N GLN B 282 -3.81 -16.72 -6.79
CA GLN B 282 -3.57 -16.27 -5.42
C GLN B 282 -4.87 -15.90 -4.71
N ASN B 283 -5.91 -15.57 -5.47
CA ASN B 283 -7.20 -15.25 -4.87
C ASN B 283 -7.92 -16.51 -4.40
N TYR B 284 -7.93 -17.54 -5.24
CA TYR B 284 -8.70 -18.75 -4.95
C TYR B 284 -8.07 -19.58 -3.83
N PHE B 285 -6.78 -19.83 -3.92
CA PHE B 285 -6.14 -20.74 -2.97
C PHE B 285 -5.91 -20.11 -1.61
N GLU B 286 -5.92 -18.78 -1.51
CA GLU B 286 -5.64 -18.02 -0.29
C GLU B 286 -4.18 -18.08 0.13
N ILE B 287 -3.32 -18.60 -0.73
CA ILE B 287 -1.88 -18.68 -0.50
C ILE B 287 -1.16 -18.01 -1.67
N GLN B 288 -0.07 -17.29 -1.38
CA GLN B 288 0.70 -16.60 -2.41
C GLN B 288 1.96 -17.38 -2.77
N TYR B 289 2.42 -17.20 -4.00
CA TYR B 289 3.60 -17.91 -4.50
C TYR B 289 4.79 -17.59 -3.61
N PRO B 290 5.47 -18.60 -3.06
CA PRO B 290 6.37 -18.32 -1.94
C PRO B 290 7.84 -18.06 -2.28
N LEU B 291 8.23 -17.96 -3.54
CA LEU B 291 9.63 -17.72 -3.88
C LEU B 291 9.75 -16.34 -4.54
N LYS B 292 10.93 -15.73 -4.39
CA LYS B 292 11.20 -14.39 -4.90
C LYS B 292 11.26 -14.34 -6.42
N LYS B 293 11.17 -15.49 -7.09
CA LYS B 293 11.26 -15.54 -8.55
C LYS B 293 10.30 -16.58 -9.13
N LEU B 294 9.67 -16.26 -10.26
CA LEU B 294 8.90 -17.26 -11.01
C LEU B 294 9.50 -17.33 -12.39
N ASP B 295 10.08 -18.46 -12.77
CA ASP B 295 10.77 -18.54 -14.05
C ASP B 295 10.11 -19.52 -15.00
N LEU B 296 9.69 -19.00 -16.15
CA LEU B 296 9.11 -19.77 -17.24
C LEU B 296 10.11 -19.76 -18.37
N VAL B 297 10.52 -20.92 -18.88
CA VAL B 297 11.53 -20.96 -19.93
C VAL B 297 10.98 -21.68 -21.16
N ALA B 298 11.25 -21.11 -22.34
CA ALA B 298 10.84 -21.72 -23.61
C ALA B 298 12.03 -22.46 -24.20
N ILE B 299 12.08 -23.75 -23.89
CA ILE B 299 13.21 -24.58 -24.31
C ILE B 299 13.05 -24.96 -25.77
N PRO B 300 14.08 -24.79 -26.60
CA PRO B 300 13.97 -25.19 -28.01
C PRO B 300 13.61 -26.65 -28.21
N ASP B 301 14.38 -27.56 -27.61
CA ASP B 301 14.21 -29.02 -27.71
C ASP B 301 13.64 -29.50 -26.38
N PHE B 302 12.45 -30.06 -26.42
CA PHE B 302 11.75 -30.56 -25.24
C PHE B 302 10.60 -31.41 -25.73
N GLU B 303 10.53 -32.65 -25.24
CA GLU B 303 9.45 -33.50 -25.72
C GLU B 303 8.17 -33.27 -24.93
N ALA B 304 8.28 -33.06 -23.63
CA ALA B 304 7.09 -32.89 -22.81
C ALA B 304 6.41 -31.57 -23.13
N GLY B 305 5.09 -31.53 -22.93
CA GLY B 305 4.36 -30.30 -23.20
C GLY B 305 4.77 -29.18 -22.27
N ALA B 306 4.92 -29.50 -20.99
CA ALA B 306 5.38 -28.54 -20.00
C ALA B 306 5.77 -29.30 -18.75
N MET B 307 6.57 -28.66 -17.92
CA MET B 307 6.91 -29.15 -16.59
C MET B 307 6.58 -28.08 -15.57
N GLU B 308 6.32 -28.50 -14.34
CA GLU B 308 5.84 -27.60 -13.30
C GLU B 308 6.92 -27.22 -12.31
N ASN B 309 8.17 -27.62 -12.55
CA ASN B 309 9.25 -27.45 -11.57
C ASN B 309 9.16 -26.17 -10.75
N TRP B 310 9.15 -26.31 -9.42
CA TRP B 310 8.97 -25.17 -8.53
C TRP B 310 9.94 -24.05 -8.91
N GLY B 311 9.37 -22.90 -9.26
CA GLY B 311 10.14 -21.73 -9.61
C GLY B 311 10.79 -21.76 -10.98
N LEU B 312 10.58 -22.85 -11.76
CA LEU B 312 11.17 -23.03 -13.10
C LEU B 312 10.22 -23.77 -14.03
N LEU B 313 9.14 -23.13 -14.43
CA LEU B 313 8.23 -23.80 -15.35
C LEU B 313 8.91 -23.92 -16.70
N THR B 314 9.10 -25.14 -17.17
CA THR B 314 9.68 -25.40 -18.48
C THR B 314 8.61 -25.82 -19.46
N PHE B 315 8.68 -25.26 -20.66
CA PHE B 315 7.74 -25.53 -21.75
C PHE B 315 8.50 -25.73 -23.06
N ARG B 316 7.75 -26.07 -24.09
CA ARG B 316 8.26 -26.16 -25.44
C ARG B 316 8.19 -24.78 -26.08
N GLU B 317 9.03 -24.56 -27.09
CA GLU B 317 8.97 -23.25 -27.74
C GLU B 317 7.61 -23.03 -28.39
N GLU B 318 7.02 -24.08 -28.96
CA GLU B 318 5.67 -23.94 -29.55
C GLU B 318 4.57 -23.78 -28.50
N THR B 319 4.76 -24.27 -27.28
CA THR B 319 3.78 -24.19 -26.20
C THR B 319 3.82 -22.88 -25.42
N LEU B 320 4.92 -22.14 -25.43
CA LEU B 320 5.05 -20.89 -24.69
C LEU B 320 4.92 -19.62 -25.52
N LEU B 321 5.59 -19.60 -26.67
CA LEU B 321 5.67 -18.43 -27.54
C LEU B 321 4.35 -18.17 -28.25
N TYR B 322 4.13 -16.92 -28.68
CA TYR B 322 2.92 -16.58 -29.43
C TYR B 322 3.10 -15.30 -30.24
N ASP B 323 2.54 -15.28 -31.46
CA ASP B 323 2.43 -14.07 -32.28
C ASP B 323 1.11 -14.05 -33.05
N SER B 324 0.31 -13.00 -32.83
CA SER B 324 -1.01 -12.88 -33.45
C SER B 324 -0.96 -13.02 -34.97
N ASN B 325 0.04 -12.42 -35.62
CA ASN B 325 0.07 -12.45 -37.09
C ASN B 325 0.25 -13.86 -37.64
N THR B 326 0.94 -14.75 -36.94
CA THR B 326 1.10 -16.11 -37.45
C THR B 326 0.49 -17.21 -36.58
N SER B 327 -0.16 -16.89 -35.47
CA SER B 327 -0.74 -17.92 -34.59
C SER B 327 -2.26 -17.78 -34.51
N SER B 328 -2.94 -18.90 -34.66
CA SER B 328 -4.41 -18.94 -34.66
C SER B 328 -4.98 -18.99 -33.26
N MET B 329 -6.31 -18.94 -33.18
CA MET B 329 -6.96 -18.98 -31.88
C MET B 329 -6.67 -20.31 -31.19
N ALA B 330 -6.67 -21.40 -31.96
CA ALA B 330 -6.42 -22.72 -31.37
C ALA B 330 -5.03 -22.77 -30.74
N ASP B 331 -4.05 -22.13 -31.37
CA ASP B 331 -2.72 -22.03 -30.78
C ASP B 331 -2.73 -21.09 -29.58
N ARG B 332 -3.44 -19.97 -29.70
CA ARG B 332 -3.55 -19.04 -28.58
C ARG B 332 -4.25 -19.70 -27.41
N LYS B 333 -5.21 -20.58 -27.72
CA LYS B 333 -5.93 -21.28 -26.66
C LYS B 333 -5.03 -22.28 -25.96
N LEU B 334 -4.09 -22.87 -26.71
CA LEU B 334 -3.21 -23.86 -26.11
C LEU B 334 -2.15 -23.23 -25.21
N VAL B 335 -1.52 -22.14 -25.64
CA VAL B 335 -0.46 -21.52 -24.83
C VAL B 335 -1.03 -20.91 -23.55
N THR B 336 -2.28 -20.45 -23.62
CA THR B 336 -2.94 -19.92 -22.44
C THR B 336 -3.42 -21.04 -21.52
N LYS B 337 -3.86 -22.16 -22.10
CA LYS B 337 -4.32 -23.30 -21.31
C LYS B 337 -3.18 -23.93 -20.52
N ILE B 338 -2.03 -24.10 -21.18
CA ILE B 338 -0.89 -24.77 -20.56
C ILE B 338 -0.30 -23.96 -19.42
N ILE B 339 -0.18 -22.65 -19.60
CA ILE B 339 0.38 -21.85 -18.53
C ILE B 339 -0.55 -21.88 -17.31
N ALA B 340 -1.86 -21.87 -17.55
CA ALA B 340 -2.81 -21.97 -16.45
C ALA B 340 -2.66 -23.29 -15.70
N HIS B 341 -2.47 -24.37 -16.44
CA HIS B 341 -2.28 -25.68 -15.84
C HIS B 341 -1.01 -25.73 -15.02
N GLU B 342 0.08 -25.15 -15.52
CA GLU B 342 1.34 -25.20 -14.82
C GLU B 342 1.30 -24.40 -13.53
N LEU B 343 0.68 -23.21 -13.55
CA LEU B 343 0.63 -22.40 -12.34
C LEU B 343 -0.18 -23.09 -11.24
N ALA B 344 -1.22 -23.83 -11.62
CA ALA B 344 -1.99 -24.56 -10.61
C ALA B 344 -1.11 -25.60 -9.92
N HIS B 345 -0.17 -26.17 -10.67
CA HIS B 345 0.71 -27.17 -10.10
C HIS B 345 1.57 -26.63 -8.97
N GLN B 346 1.91 -25.33 -9.02
CA GLN B 346 2.61 -24.70 -7.90
C GLN B 346 1.95 -25.05 -6.58
N TRP B 347 0.62 -25.03 -6.54
CA TRP B 347 -0.11 -25.39 -5.34
C TRP B 347 -0.46 -26.88 -5.34
N PHE B 348 -0.96 -27.39 -6.46
CA PHE B 348 -1.30 -28.79 -6.57
C PHE B 348 -0.12 -29.54 -7.17
N GLY B 349 0.66 -30.20 -6.35
CA GLY B 349 1.78 -30.95 -6.90
C GLY B 349 3.15 -30.40 -6.60
N ASN B 350 3.24 -29.19 -6.06
CA ASN B 350 4.52 -28.60 -5.68
C ASN B 350 4.54 -28.34 -4.18
N LEU B 351 3.66 -27.46 -3.71
CA LEU B 351 3.61 -27.10 -2.30
C LEU B 351 3.13 -28.27 -1.49
N VAL B 352 1.98 -28.82 -1.90
CA VAL B 352 1.37 -29.99 -1.29
C VAL B 352 1.49 -31.10 -2.30
N THR B 353 2.16 -32.20 -1.94
CA THR B 353 2.42 -33.26 -2.90
C THR B 353 1.91 -34.60 -2.41
N MET B 354 1.74 -35.52 -3.34
CA MET B 354 1.29 -36.88 -3.03
C MET B 354 2.37 -37.67 -2.32
N LYS B 355 1.94 -38.62 -1.46
CA LYS B 355 2.91 -39.51 -0.85
C LYS B 355 3.59 -40.37 -1.91
N TRP B 356 2.80 -40.90 -2.84
CA TRP B 356 3.29 -41.81 -3.88
C TRP B 356 2.47 -41.62 -5.15
N TRP B 357 3.05 -42.08 -6.25
CA TRP B 357 2.41 -41.98 -7.56
C TRP B 357 1.07 -42.69 -7.64
N ASN B 358 0.82 -43.68 -6.77
CA ASN B 358 -0.45 -44.36 -6.85
C ASN B 358 -1.63 -43.39 -6.68
N ASP B 359 -1.33 -42.17 -6.27
CA ASP B 359 -2.29 -41.07 -6.25
C ASP B 359 -1.76 -39.94 -7.12
N LEU B 360 -1.35 -40.26 -8.35
CA LEU B 360 -0.88 -39.21 -9.26
C LEU B 360 -1.98 -38.24 -9.62
N TRP B 361 -3.23 -38.71 -9.66
CA TRP B 361 -4.37 -37.87 -9.97
C TRP B 361 -4.59 -36.73 -8.98
N LEU B 362 -3.89 -36.74 -7.85
CA LEU B 362 -4.07 -35.70 -6.85
C LEU B 362 -3.35 -34.43 -7.23
N ASN B 363 -2.51 -34.49 -8.27
CA ASN B 363 -1.74 -33.37 -8.82
C ASN B 363 -2.18 -33.04 -10.23
N GLU B 364 -2.06 -34.02 -11.11
CA GLU B 364 -2.44 -33.83 -12.50
C GLU B 364 -3.95 -33.70 -12.63
N GLY B 365 -4.69 -34.50 -11.85
CA GLY B 365 -6.14 -34.38 -11.85
C GLY B 365 -6.62 -33.05 -11.32
N PHE B 366 -5.97 -32.56 -10.26
CA PHE B 366 -6.37 -31.29 -9.65
C PHE B 366 -5.93 -30.09 -10.48
N ALA B 367 -4.73 -30.13 -11.04
CA ALA B 367 -4.26 -29.01 -11.86
C ALA B 367 -5.12 -28.84 -13.10
N THR B 368 -5.48 -29.97 -13.75
CA THR B 368 -6.31 -29.91 -14.94
C THR B 368 -7.66 -29.30 -14.63
N PHE B 369 -8.24 -29.66 -13.49
CA PHE B 369 -9.48 -29.02 -13.08
C PHE B 369 -9.26 -27.52 -12.98
N MET B 370 -8.12 -27.12 -12.43
CA MET B 370 -7.83 -25.70 -12.25
C MET B 370 -7.62 -24.98 -13.58
N GLU B 371 -7.01 -25.64 -14.57
CA GLU B 371 -6.72 -24.92 -15.81
C GLU B 371 -8.02 -24.52 -16.51
N TYR B 372 -8.96 -25.45 -16.63
CA TYR B 372 -10.22 -25.11 -17.28
C TYR B 372 -11.09 -24.26 -16.38
N PHE B 373 -10.89 -24.37 -15.06
CA PHE B 373 -11.63 -23.54 -14.12
C PHE B 373 -11.13 -22.11 -14.17
N SER B 374 -9.80 -21.94 -14.14
CA SER B 374 -9.21 -20.61 -14.18
C SER B 374 -9.58 -19.89 -15.46
N LEU B 375 -9.52 -20.60 -16.59
CA LEU B 375 -9.88 -20.00 -17.86
C LEU B 375 -11.33 -19.53 -17.86
N GLU B 376 -12.25 -20.36 -17.36
CA GLU B 376 -13.67 -20.03 -17.43
C GLU B 376 -14.03 -18.77 -16.64
N LYS B 377 -13.30 -18.48 -15.57
CA LYS B 377 -13.66 -17.31 -14.77
C LYS B 377 -13.09 -16.03 -15.36
N ILE B 378 -11.81 -16.04 -15.74
CA ILE B 378 -11.23 -14.84 -16.31
C ILE B 378 -11.24 -14.83 -17.84
N PHE B 379 -10.79 -15.92 -18.45
CA PHE B 379 -10.72 -15.99 -19.93
C PHE B 379 -11.99 -16.59 -20.48
N LYS B 380 -13.13 -16.01 -20.12
CA LYS B 380 -14.39 -16.58 -20.59
C LYS B 380 -14.43 -16.55 -22.10
N GLU B 381 -13.75 -15.55 -22.69
CA GLU B 381 -13.76 -15.28 -24.12
C GLU B 381 -13.39 -16.48 -24.98
N LEU B 382 -12.39 -17.25 -24.55
CA LEU B 382 -11.85 -18.34 -25.37
C LEU B 382 -12.76 -19.53 -25.61
N SER B 383 -13.86 -19.68 -24.87
CA SER B 383 -14.69 -20.86 -24.98
C SER B 383 -13.83 -22.11 -24.85
N SER B 384 -13.08 -22.16 -23.75
CA SER B 384 -12.20 -23.27 -23.46
C SER B 384 -12.94 -24.48 -22.90
N TYR B 385 -14.22 -24.32 -22.57
CA TYR B 385 -15.03 -25.43 -22.11
C TYR B 385 -15.20 -26.50 -23.17
N GLU B 386 -15.13 -26.10 -24.44
CA GLU B 386 -15.29 -27.03 -25.54
C GLU B 386 -14.19 -28.10 -25.48
N ASP B 387 -12.96 -27.66 -25.26
CA ASP B 387 -11.82 -28.57 -25.19
C ASP B 387 -11.92 -29.51 -23.99
N PHE B 388 -12.39 -29.00 -22.86
CA PHE B 388 -12.54 -29.86 -21.68
C PHE B 388 -13.53 -30.98 -21.98
N LEU B 389 -14.66 -30.62 -22.60
CA LEU B 389 -15.67 -31.60 -22.96
C LEU B 389 -15.13 -32.61 -23.96
N ASP B 390 -14.51 -32.12 -25.05
CA ASP B 390 -13.97 -33.03 -26.05
C ASP B 390 -13.01 -34.03 -25.41
N ALA B 391 -12.15 -33.54 -24.52
CA ALA B 391 -11.16 -34.41 -23.90
C ALA B 391 -11.79 -35.47 -23.01
N ARG B 392 -12.90 -35.13 -22.34
CA ARG B 392 -13.55 -36.10 -21.47
C ARG B 392 -14.26 -37.18 -22.27
N PHE B 393 -14.77 -36.81 -23.44
CA PHE B 393 -15.38 -37.82 -24.30
C PHE B 393 -14.38 -38.93 -24.56
N LYS B 394 -13.11 -38.57 -24.78
CA LYS B 394 -12.06 -39.52 -25.10
C LYS B 394 -11.64 -40.35 -23.90
N THR B 395 -11.60 -39.76 -22.71
CA THR B 395 -11.14 -40.51 -21.55
C THR B 395 -12.17 -41.56 -21.17
N MET B 396 -13.45 -41.24 -21.32
CA MET B 396 -14.47 -42.21 -20.95
C MET B 396 -14.42 -43.43 -21.86
N LYS B 397 -14.08 -43.23 -23.12
CA LYS B 397 -13.95 -44.37 -24.02
C LYS B 397 -12.77 -45.24 -23.58
N LYS B 398 -11.67 -44.61 -23.17
CA LYS B 398 -10.54 -45.38 -22.64
C LYS B 398 -10.90 -45.98 -21.29
N ASP B 399 -11.65 -45.25 -20.48
CA ASP B 399 -12.06 -45.77 -19.18
C ASP B 399 -13.06 -46.91 -19.34
N SER B 400 -13.84 -46.89 -20.42
CA SER B 400 -14.86 -47.92 -20.63
C SER B 400 -14.25 -49.31 -20.86
N LEU B 401 -13.03 -49.37 -21.36
CA LEU B 401 -12.38 -50.63 -21.70
C LEU B 401 -12.08 -51.46 -20.44
N ASN B 402 -11.96 -52.77 -20.62
CA ASN B 402 -11.69 -53.61 -19.45
C ASN B 402 -10.26 -53.44 -18.96
N SER B 403 -9.36 -52.92 -19.78
CA SER B 403 -7.97 -52.81 -19.35
C SER B 403 -7.76 -51.64 -18.41
N SER B 404 -8.74 -50.74 -18.32
CA SER B 404 -8.60 -49.56 -17.48
C SER B 404 -8.57 -49.95 -16.01
N HIS B 405 -7.83 -49.16 -15.24
CA HIS B 405 -7.50 -49.32 -13.84
C HIS B 405 -8.08 -48.19 -13.00
N PRO B 406 -8.28 -48.38 -11.69
CA PRO B 406 -8.78 -47.27 -10.87
C PRO B 406 -7.77 -46.12 -10.83
N ILE B 407 -8.29 -44.89 -10.83
CA ILE B 407 -7.39 -43.74 -10.84
C ILE B 407 -6.39 -43.79 -9.69
N SER B 408 -6.77 -44.39 -8.56
CA SER B 408 -5.84 -44.71 -7.47
C SER B 408 -5.56 -46.21 -7.56
N SER B 409 -4.36 -46.56 -8.03
CA SER B 409 -4.03 -47.97 -8.21
C SER B 409 -2.60 -48.27 -7.76
N SER B 410 -2.42 -49.42 -7.09
CA SER B 410 -1.08 -49.83 -6.66
C SER B 410 -0.16 -49.89 -7.87
N VAL B 411 0.97 -49.18 -7.78
CA VAL B 411 1.96 -49.11 -8.84
C VAL B 411 3.31 -49.51 -8.27
N GLN B 412 3.99 -50.45 -8.92
CA GLN B 412 5.25 -50.97 -8.40
C GLN B 412 6.43 -50.73 -9.34
N SER B 413 6.36 -51.21 -10.56
CA SER B 413 7.50 -51.13 -11.47
C SER B 413 7.66 -49.73 -12.03
N SER B 414 8.86 -49.47 -12.57
CA SER B 414 9.14 -48.17 -13.18
C SER B 414 8.22 -47.91 -14.36
N GLU B 415 8.00 -48.92 -15.20
CA GLU B 415 7.15 -48.74 -16.37
C GLU B 415 5.72 -48.36 -15.99
N GLN B 416 5.21 -48.94 -14.90
CA GLN B 416 3.87 -48.60 -14.44
C GLN B 416 3.79 -47.16 -13.98
N ILE B 417 4.86 -46.65 -13.35
CA ILE B 417 4.87 -45.24 -12.96
C ILE B 417 4.80 -44.38 -14.21
N GLU B 418 5.46 -44.82 -15.28
CA GLU B 418 5.50 -44.05 -16.51
C GLU B 418 4.14 -43.96 -17.18
N GLU B 419 3.30 -45.01 -17.06
CA GLU B 419 2.00 -44.93 -17.69
C GLU B 419 0.92 -44.43 -16.74
N MET B 420 1.31 -43.99 -15.55
CA MET B 420 0.32 -43.34 -14.70
C MET B 420 -0.09 -42.01 -15.33
N PHE B 421 0.78 -41.45 -16.16
CA PHE B 421 0.50 -40.21 -16.88
C PHE B 421 -0.29 -40.52 -18.15
N ASP B 422 -1.55 -40.91 -17.96
CA ASP B 422 -2.41 -41.18 -19.09
C ASP B 422 -3.66 -40.31 -18.94
N SER B 423 -4.58 -40.46 -19.89
CA SER B 423 -5.76 -39.61 -19.89
C SER B 423 -6.55 -39.73 -18.60
N LEU B 424 -6.60 -40.94 -18.01
CA LEU B 424 -7.40 -41.15 -16.81
C LEU B 424 -6.94 -40.29 -15.64
N SER B 425 -5.63 -40.25 -15.39
CA SER B 425 -5.14 -39.51 -14.22
C SER B 425 -5.48 -38.04 -14.35
N TYR B 426 -5.34 -37.46 -15.54
CA TYR B 426 -5.70 -36.07 -15.74
C TYR B 426 -7.21 -35.85 -15.81
N PHE B 427 -7.90 -36.53 -16.72
CA PHE B 427 -9.32 -36.23 -16.93
C PHE B 427 -10.28 -37.01 -16.04
N LYS B 428 -9.89 -38.16 -15.51
CA LYS B 428 -10.81 -38.70 -14.51
C LYS B 428 -10.67 -37.94 -13.20
N GLY B 429 -9.45 -37.52 -12.86
CA GLY B 429 -9.29 -36.70 -11.68
C GLY B 429 -9.93 -35.33 -11.85
N SER B 430 -9.97 -34.84 -13.10
CA SER B 430 -10.60 -33.56 -13.36
C SER B 430 -12.12 -33.69 -13.41
N SER B 431 -12.62 -34.74 -14.06
CA SER B 431 -14.06 -34.95 -14.11
C SER B 431 -14.64 -35.29 -12.75
N LEU B 432 -13.92 -36.07 -11.93
CA LEU B 432 -14.40 -36.36 -10.57
C LEU B 432 -14.61 -35.09 -9.77
N LEU B 433 -13.60 -34.22 -9.74
CA LEU B 433 -13.71 -32.97 -9.00
C LEU B 433 -14.82 -32.12 -9.57
N LEU B 434 -14.98 -32.11 -10.90
CA LEU B 434 -16.05 -31.31 -11.49
C LEU B 434 -17.40 -31.73 -10.96
N MET B 435 -17.64 -33.05 -10.89
CA MET B 435 -18.87 -33.52 -10.26
C MET B 435 -19.01 -33.00 -8.84
N LEU B 436 -17.90 -33.01 -8.09
CA LEU B 436 -17.93 -32.52 -6.72
C LEU B 436 -18.19 -31.01 -6.69
N LYS B 437 -17.53 -30.26 -7.58
CA LYS B 437 -17.76 -28.82 -7.61
C LYS B 437 -19.21 -28.52 -7.97
N THR B 438 -19.75 -29.22 -8.97
CA THR B 438 -21.14 -29.02 -9.37
C THR B 438 -22.12 -29.43 -8.28
N TYR B 439 -21.83 -30.55 -7.59
CA TYR B 439 -22.73 -31.08 -6.57
C TYR B 439 -22.92 -30.12 -5.40
N LEU B 440 -21.81 -29.59 -4.87
CA LEU B 440 -21.82 -28.70 -3.73
C LEU B 440 -21.85 -27.24 -4.18
N SER B 441 -21.79 -26.34 -3.21
CA SER B 441 -21.75 -24.93 -3.60
C SER B 441 -20.34 -24.59 -4.05
N GLU B 442 -20.21 -23.49 -4.78
CA GLU B 442 -18.89 -23.09 -5.26
C GLU B 442 -17.99 -22.72 -4.09
N ASP B 443 -18.55 -22.03 -3.10
CA ASP B 443 -17.78 -21.67 -1.90
C ASP B 443 -17.36 -22.91 -1.14
N VAL B 444 -18.23 -23.93 -1.08
CA VAL B 444 -17.90 -25.15 -0.35
C VAL B 444 -16.66 -25.80 -0.95
N PHE B 445 -16.58 -25.87 -2.28
CA PHE B 445 -15.42 -26.47 -2.92
C PHE B 445 -14.17 -25.64 -2.67
N GLN B 446 -14.30 -24.30 -2.80
CA GLN B 446 -13.17 -23.41 -2.56
C GLN B 446 -12.70 -23.49 -1.11
N HIS B 447 -13.65 -23.59 -0.18
CA HIS B 447 -13.29 -23.75 1.22
C HIS B 447 -12.49 -25.02 1.42
N ALA B 448 -12.92 -26.10 0.78
CA ALA B 448 -12.24 -27.38 0.90
C ALA B 448 -10.85 -27.33 0.31
N VAL B 449 -10.69 -26.62 -0.81
CA VAL B 449 -9.37 -26.52 -1.42
C VAL B 449 -8.40 -25.82 -0.47
N VAL B 450 -8.84 -24.70 0.11
CA VAL B 450 -7.96 -23.90 0.96
C VAL B 450 -7.57 -24.66 2.21
N LEU B 451 -8.54 -25.31 2.87
CA LEU B 451 -8.23 -26.05 4.08
C LEU B 451 -7.25 -27.18 3.82
N TYR B 452 -7.45 -27.87 2.70
CA TYR B 452 -6.58 -28.98 2.30
C TYR B 452 -5.15 -28.49 2.08
N LEU B 453 -5.00 -27.35 1.41
CA LEU B 453 -3.68 -26.79 1.10
C LEU B 453 -2.97 -26.29 2.36
N HIS B 454 -3.72 -25.65 3.26
CA HIS B 454 -3.13 -25.09 4.47
C HIS B 454 -2.59 -26.18 5.40
N ASN B 455 -3.40 -27.21 5.64
CA ASN B 455 -3.03 -28.26 6.57
C ASN B 455 -1.81 -29.04 6.09
N HIS B 456 -1.74 -29.29 4.77
CA HIS B 456 -0.75 -30.18 4.21
C HIS B 456 0.38 -29.47 3.46
N SER B 457 0.50 -28.16 3.61
CA SER B 457 1.55 -27.41 2.92
C SER B 457 2.92 -27.98 3.26
N TYR B 458 3.78 -28.06 2.22
CA TYR B 458 5.14 -28.57 2.34
C TYR B 458 5.20 -29.98 2.92
N ALA B 459 4.21 -30.80 2.57
CA ALA B 459 4.14 -32.18 3.03
C ALA B 459 3.41 -33.02 2.00
N SER B 460 3.52 -34.34 2.17
CA SER B 460 2.92 -35.30 1.26
C SER B 460 1.48 -35.63 1.65
N ILE B 461 0.64 -35.83 0.62
CA ILE B 461 -0.77 -36.17 0.82
C ILE B 461 -1.19 -37.49 0.18
N GLN B 462 -2.35 -37.98 0.64
CA GLN B 462 -2.95 -39.23 0.18
C GLN B 462 -4.38 -38.97 -0.28
N SER B 463 -4.98 -39.97 -0.95
CA SER B 463 -6.33 -39.84 -1.47
C SER B 463 -7.31 -39.52 -0.35
N ASP B 464 -7.26 -40.28 0.75
CA ASP B 464 -8.15 -40.06 1.88
C ASP B 464 -7.92 -38.70 2.54
N ASP B 465 -6.70 -38.16 2.46
CA ASP B 465 -6.45 -36.85 3.07
C ASP B 465 -7.31 -35.78 2.41
N LEU B 466 -7.41 -35.81 1.08
CA LEU B 466 -8.19 -34.79 0.40
C LEU B 466 -9.68 -34.95 0.69
N TRP B 467 -10.16 -36.19 0.77
CA TRP B 467 -11.58 -36.40 1.05
C TRP B 467 -11.90 -35.92 2.45
N ASP B 468 -10.95 -36.08 3.37
CA ASP B 468 -11.14 -35.58 4.72
C ASP B 468 -11.40 -34.09 4.72
N SER B 469 -10.63 -33.34 3.93
CA SER B 469 -10.80 -31.90 3.82
C SER B 469 -12.18 -31.55 3.29
N PHE B 470 -12.66 -32.28 2.28
CA PHE B 470 -14.01 -32.07 1.78
C PHE B 470 -15.04 -32.43 2.85
N ASN B 471 -14.83 -33.55 3.53
CA ASN B 471 -15.74 -33.96 4.59
C ASN B 471 -15.65 -32.99 5.75
N GLU B 472 -14.48 -32.38 5.96
CA GLU B 472 -14.33 -31.46 7.07
C GLU B 472 -15.25 -30.25 6.95
N VAL B 473 -15.33 -29.65 5.76
CA VAL B 473 -16.10 -28.42 5.63
C VAL B 473 -17.60 -28.70 5.71
N THR B 474 -18.05 -29.83 5.14
CA THR B 474 -19.48 -30.08 5.11
C THR B 474 -20.00 -30.41 6.49
N ASN B 475 -19.36 -31.35 7.18
CA ASN B 475 -19.74 -31.80 8.50
C ASN B 475 -21.24 -32.10 8.57
N GLN B 476 -21.70 -32.91 7.62
CA GLN B 476 -23.11 -33.29 7.61
C GLN B 476 -23.29 -34.82 7.58
N ASP B 479 -22.26 -34.85 2.79
CA ASP B 479 -22.19 -35.77 3.92
C ASP B 479 -20.77 -36.34 4.04
N VAL B 480 -20.66 -37.59 4.52
CA VAL B 480 -19.35 -38.23 4.61
C VAL B 480 -18.84 -38.55 3.20
N LYS B 481 -17.52 -38.54 3.03
CA LYS B 481 -16.93 -38.77 1.71
C LYS B 481 -16.74 -40.25 1.40
N ARG B 482 -17.79 -41.05 1.63
CA ARG B 482 -17.85 -42.43 1.15
C ARG B 482 -18.22 -42.47 -0.33
N MET B 483 -18.74 -41.34 -0.82
CA MET B 483 -19.25 -41.23 -2.18
C MET B 483 -18.18 -41.48 -3.22
N MET B 484 -16.97 -41.03 -2.94
CA MET B 484 -15.85 -41.15 -3.87
C MET B 484 -15.15 -42.49 -3.78
N LYS B 485 -15.54 -43.35 -2.83
CA LYS B 485 -14.86 -44.63 -2.68
C LYS B 485 -14.89 -45.45 -3.96
N THR B 486 -16.07 -45.64 -4.54
CA THR B 486 -16.13 -46.38 -5.78
C THR B 486 -15.59 -45.58 -6.96
N TRP B 487 -15.60 -44.25 -6.88
CA TRP B 487 -15.05 -43.45 -7.97
C TRP B 487 -13.54 -43.62 -8.09
N THR B 488 -12.81 -43.73 -6.98
CA THR B 488 -11.37 -43.91 -7.02
C THR B 488 -10.91 -45.35 -6.89
N LEU B 489 -11.75 -46.26 -6.42
CA LEU B 489 -11.32 -47.62 -6.19
C LEU B 489 -11.94 -48.62 -7.16
N GLN B 490 -12.68 -48.16 -8.14
CA GLN B 490 -13.28 -49.06 -9.11
C GLN B 490 -13.07 -48.51 -10.51
N LYS B 491 -12.76 -49.39 -11.42
CA LYS B 491 -12.51 -49.04 -12.80
C LYS B 491 -13.81 -48.64 -13.50
N GLY B 492 -13.68 -47.70 -14.42
CA GLY B 492 -14.77 -47.25 -15.26
C GLY B 492 -15.77 -46.33 -14.58
N PHE B 493 -16.89 -46.14 -15.27
CA PHE B 493 -17.97 -45.27 -14.81
C PHE B 493 -19.32 -45.96 -14.98
N PRO B 494 -20.34 -45.51 -14.25
CA PRO B 494 -21.67 -46.10 -14.37
C PRO B 494 -22.45 -45.74 -15.63
N LEU B 495 -23.44 -46.58 -15.91
CA LEU B 495 -24.42 -46.37 -16.98
C LEU B 495 -25.79 -46.18 -16.34
N VAL B 496 -26.40 -45.00 -16.55
CA VAL B 496 -27.71 -44.69 -16.01
C VAL B 496 -28.76 -44.92 -17.09
N THR B 497 -29.69 -45.84 -16.84
CA THR B 497 -30.79 -46.14 -17.78
C THR B 497 -32.02 -45.36 -17.37
N VAL B 498 -32.57 -44.56 -18.28
CA VAL B 498 -33.69 -43.66 -17.98
C VAL B 498 -34.91 -44.07 -18.78
N GLN B 499 -36.01 -44.33 -18.07
CA GLN B 499 -37.30 -44.68 -18.65
C GLN B 499 -38.35 -43.72 -18.11
N LYS B 500 -39.12 -43.07 -18.98
CA LYS B 500 -40.15 -42.14 -18.52
C LYS B 500 -41.51 -42.81 -18.64
N LYS B 501 -42.14 -43.04 -17.48
CA LYS B 501 -43.42 -43.70 -17.34
C LYS B 501 -44.36 -42.76 -16.58
N GLY B 502 -45.41 -42.29 -17.23
CA GLY B 502 -46.28 -41.38 -16.53
C GLY B 502 -45.49 -40.17 -16.09
N LYS B 503 -45.59 -39.82 -14.82
CA LYS B 503 -44.94 -38.61 -14.32
C LYS B 503 -43.67 -38.92 -13.54
N GLU B 504 -43.12 -40.11 -13.71
CA GLU B 504 -41.91 -40.55 -13.04
C GLU B 504 -40.93 -41.13 -14.06
N LEU B 505 -39.65 -40.85 -13.85
CA LEU B 505 -38.56 -41.42 -14.64
C LEU B 505 -37.89 -42.50 -13.79
N PHE B 506 -37.78 -43.70 -14.33
CA PHE B 506 -37.15 -44.78 -13.59
C PHE B 506 -35.63 -44.75 -13.82
N ILE B 507 -34.89 -44.89 -12.73
CA ILE B 507 -33.44 -44.79 -12.75
C ILE B 507 -32.83 -46.07 -12.18
N GLN B 508 -31.91 -46.67 -12.95
CA GLN B 508 -31.08 -47.79 -12.53
C GLN B 508 -29.64 -47.57 -12.99
N GLN B 509 -28.69 -48.07 -12.20
CA GLN B 509 -27.26 -47.91 -12.50
C GLN B 509 -26.53 -49.23 -12.74
N GLU B 510 -25.68 -49.25 -13.77
CA GLU B 510 -24.87 -50.42 -14.06
C GLU B 510 -23.52 -50.02 -14.65
N ARG B 511 -22.57 -50.94 -14.55
CA ARG B 511 -21.26 -50.75 -15.14
C ARG B 511 -21.37 -50.79 -16.66
N PHE B 512 -20.50 -50.04 -17.34
CA PHE B 512 -20.55 -49.94 -18.79
C PHE B 512 -19.63 -51.02 -19.34
N PHE B 513 -20.22 -52.04 -19.96
CA PHE B 513 -19.50 -53.17 -20.51
C PHE B 513 -19.71 -53.22 -22.02
N LEU B 514 -18.81 -53.93 -22.69
CA LEU B 514 -18.95 -54.10 -24.13
C LEU B 514 -19.00 -55.58 -24.50
N TYR B 527 -19.70 -53.72 -7.53
CA TYR B 527 -19.87 -52.55 -6.68
C TYR B 527 -20.64 -51.45 -7.39
N LEU B 528 -21.42 -50.72 -6.61
CA LEU B 528 -22.27 -49.65 -7.10
C LEU B 528 -21.59 -48.31 -6.93
N TRP B 529 -22.18 -47.29 -7.54
CA TRP B 529 -21.63 -45.95 -7.45
C TRP B 529 -22.62 -45.10 -6.67
N HIS B 530 -22.13 -43.97 -6.18
CA HIS B 530 -23.05 -43.00 -5.57
C HIS B 530 -23.10 -41.81 -6.53
N ILE B 531 -24.04 -41.88 -7.47
CA ILE B 531 -24.06 -40.93 -8.59
C ILE B 531 -24.88 -39.71 -8.20
N PRO B 532 -24.41 -38.50 -8.46
CA PRO B 532 -25.23 -37.29 -8.32
C PRO B 532 -25.93 -36.95 -9.62
N LEU B 533 -27.22 -37.23 -9.71
CA LEU B 533 -27.96 -37.05 -10.94
C LEU B 533 -28.44 -35.62 -11.10
N SER B 534 -28.36 -35.14 -12.33
CA SER B 534 -28.80 -33.80 -12.70
C SER B 534 -29.65 -33.92 -13.95
N TYR B 535 -30.90 -33.47 -13.88
CA TYR B 535 -31.81 -33.63 -15.01
C TYR B 535 -32.56 -32.34 -15.33
N VAL B 536 -32.72 -32.07 -16.63
CA VAL B 536 -33.50 -30.93 -17.11
C VAL B 536 -34.75 -31.46 -17.80
N THR B 537 -35.92 -30.96 -17.40
CA THR B 537 -37.17 -31.40 -18.01
C THR B 537 -37.94 -30.21 -18.57
N GLU B 538 -38.63 -30.41 -19.70
CA GLU B 538 -39.55 -29.42 -20.25
C GLU B 538 -40.92 -30.06 -20.41
N GLY B 539 -41.88 -29.56 -19.63
CA GLY B 539 -43.22 -30.07 -19.61
C GLY B 539 -44.21 -29.20 -20.36
N ARG B 540 -45.48 -29.61 -20.27
CA ARG B 540 -46.55 -28.82 -20.86
C ARG B 540 -46.61 -27.47 -20.15
N ASN B 541 -46.57 -26.41 -20.95
CA ASN B 541 -46.65 -24.99 -20.60
C ASN B 541 -45.29 -24.37 -20.95
N TYR B 542 -44.58 -25.02 -21.87
CA TYR B 542 -43.33 -24.60 -22.53
C TYR B 542 -42.44 -23.74 -21.66
N SER B 543 -42.11 -24.27 -20.49
CA SER B 543 -41.14 -23.69 -19.56
C SER B 543 -40.08 -24.74 -19.24
N LYS B 544 -38.82 -24.32 -19.09
CA LYS B 544 -37.73 -25.26 -18.80
C LYS B 544 -37.18 -25.01 -17.40
N TYR B 545 -37.08 -26.09 -16.61
CA TYR B 545 -36.64 -26.08 -15.22
C TYR B 545 -35.79 -27.34 -14.96
N GLN B 546 -34.77 -27.19 -14.13
CA GLN B 546 -33.81 -28.28 -13.88
C GLN B 546 -33.73 -28.63 -12.40
N SER B 547 -33.42 -29.90 -12.13
CA SER B 547 -33.33 -30.40 -10.76
C SER B 547 -32.16 -31.37 -10.60
N VAL B 548 -31.91 -31.72 -9.34
CA VAL B 548 -30.81 -32.59 -8.92
C VAL B 548 -31.31 -33.62 -7.91
N SER B 549 -30.85 -34.86 -8.06
CA SER B 549 -31.08 -35.93 -7.09
C SER B 549 -29.85 -36.83 -7.07
N LEU B 550 -29.61 -37.48 -5.93
CA LEU B 550 -28.41 -38.32 -5.79
C LEU B 550 -28.79 -39.79 -5.68
N LEU B 551 -28.20 -40.60 -6.55
CA LEU B 551 -28.45 -42.05 -6.58
C LEU B 551 -27.30 -42.74 -5.90
N ASP B 552 -27.55 -43.29 -4.72
CA ASP B 552 -26.56 -44.09 -4.04
C ASP B 552 -26.97 -45.56 -3.93
N LYS B 553 -28.06 -45.95 -4.60
CA LYS B 553 -28.59 -47.31 -4.62
C LYS B 553 -28.73 -47.76 -6.07
N LYS B 554 -28.94 -49.07 -6.26
CA LYS B 554 -28.99 -49.65 -7.61
C LYS B 554 -30.14 -49.09 -8.43
N SER B 555 -31.30 -48.96 -7.83
CA SER B 555 -32.47 -48.47 -8.54
C SER B 555 -32.99 -47.21 -7.87
N GLY B 556 -33.69 -46.40 -8.65
CA GLY B 556 -34.28 -45.18 -8.11
C GLY B 556 -35.38 -44.60 -8.98
N VAL B 557 -36.25 -43.79 -8.39
CA VAL B 557 -37.36 -43.18 -9.12
C VAL B 557 -37.50 -41.73 -8.68
N ILE B 558 -37.47 -40.82 -9.65
CA ILE B 558 -37.60 -39.38 -9.42
C ILE B 558 -38.97 -38.97 -9.92
N ASN B 559 -39.67 -38.14 -9.15
CA ASN B 559 -41.01 -37.67 -9.50
C ASN B 559 -40.97 -36.29 -10.15
N LEU B 560 -41.74 -36.13 -11.24
CA LEU B 560 -41.85 -34.88 -11.97
C LEU B 560 -43.19 -34.24 -11.62
N THR B 561 -43.21 -32.91 -11.52
CA THR B 561 -44.42 -32.24 -11.02
C THR B 561 -45.61 -32.44 -11.97
N GLU B 562 -45.40 -32.34 -13.28
CA GLU B 562 -46.49 -32.46 -14.25
C GLU B 562 -46.01 -33.21 -15.48
N GLU B 563 -46.96 -33.57 -16.35
CA GLU B 563 -46.67 -34.24 -17.61
C GLU B 563 -45.65 -33.44 -18.42
N VAL B 564 -44.60 -34.12 -18.90
CA VAL B 564 -43.51 -33.43 -19.57
C VAL B 564 -43.35 -33.87 -21.01
N LEU B 565 -42.67 -33.03 -21.80
CA LEU B 565 -42.44 -33.31 -23.22
C LEU B 565 -41.20 -34.19 -23.40
N TRP B 566 -40.11 -33.85 -22.73
CA TRP B 566 -38.90 -34.63 -22.80
C TRP B 566 -38.10 -34.45 -21.53
N VAL B 567 -37.16 -35.35 -21.33
CA VAL B 567 -36.29 -35.34 -20.17
C VAL B 567 -34.85 -35.47 -20.64
N LYS B 568 -33.96 -34.82 -19.90
CA LYS B 568 -32.53 -34.85 -20.17
C LYS B 568 -31.82 -35.10 -18.86
N VAL B 569 -31.06 -36.17 -18.81
CA VAL B 569 -30.31 -36.51 -17.62
C VAL B 569 -28.83 -36.22 -17.86
N ASN B 570 -28.15 -35.85 -16.77
CA ASN B 570 -26.73 -35.55 -16.72
C ASN B 570 -26.46 -34.30 -17.56
N ILE B 571 -27.04 -33.19 -17.09
CA ILE B 571 -26.98 -31.93 -17.80
C ILE B 571 -25.54 -31.48 -18.02
N ASN B 572 -25.22 -31.10 -19.27
CA ASN B 572 -23.90 -30.57 -19.64
C ASN B 572 -22.77 -31.54 -19.32
N MET B 573 -23.10 -32.83 -19.18
CA MET B 573 -22.11 -33.87 -18.93
C MET B 573 -21.32 -33.53 -17.69
N ASN B 574 -22.01 -32.94 -16.71
CA ASN B 574 -21.40 -32.61 -15.42
C ASN B 574 -20.96 -33.86 -14.69
N GLY B 575 -21.67 -34.98 -14.88
CA GLY B 575 -21.36 -36.23 -14.21
C GLY B 575 -20.56 -37.16 -15.11
N TYR B 576 -19.77 -38.03 -14.47
CA TYR B 576 -18.89 -38.97 -15.16
C TYR B 576 -19.65 -40.25 -15.47
N TYR B 577 -20.62 -40.14 -16.37
CA TYR B 577 -21.40 -41.32 -16.75
C TYR B 577 -22.05 -41.08 -18.11
N ILE B 578 -22.43 -42.21 -18.73
CA ILE B 578 -23.11 -42.24 -20.02
C ILE B 578 -24.56 -42.59 -19.72
N VAL B 579 -25.49 -41.81 -20.24
CA VAL B 579 -26.91 -42.00 -19.93
C VAL B 579 -27.64 -42.59 -21.13
N HIS B 580 -28.39 -43.66 -20.87
CA HIS B 580 -29.21 -44.35 -21.86
C HIS B 580 -30.69 -44.19 -21.54
N TYR B 581 -31.51 -43.97 -22.57
CA TYR B 581 -32.93 -43.74 -22.38
C TYR B 581 -33.81 -44.79 -23.07
N ALA B 582 -35.07 -44.85 -22.64
CA ALA B 582 -36.03 -45.72 -23.31
C ALA B 582 -36.26 -45.21 -24.72
N ASP B 583 -36.51 -46.15 -25.64
CA ASP B 583 -36.50 -45.83 -27.07
C ASP B 583 -37.34 -44.62 -27.40
N ASP B 584 -38.54 -44.51 -26.80
CA ASP B 584 -39.36 -43.32 -27.01
C ASP B 584 -38.69 -42.07 -26.47
N ASP B 585 -38.08 -42.18 -25.28
CA ASP B 585 -37.38 -41.04 -24.69
C ASP B 585 -36.19 -40.62 -25.55
N TRP B 586 -35.52 -41.59 -26.18
CA TRP B 586 -34.52 -41.18 -27.16
C TRP B 586 -35.21 -40.43 -28.29
N GLU B 587 -36.33 -40.96 -28.78
CA GLU B 587 -37.08 -40.29 -29.85
C GLU B 587 -37.68 -38.98 -29.39
N ALA B 588 -38.02 -38.86 -28.11
CA ALA B 588 -38.55 -37.58 -27.63
C ALA B 588 -37.53 -36.49 -27.84
N LEU B 589 -36.28 -36.75 -27.43
CA LEU B 589 -35.20 -35.77 -27.63
C LEU B 589 -34.88 -35.58 -29.11
N ILE B 590 -34.83 -36.69 -29.86
CA ILE B 590 -34.50 -36.61 -31.29
C ILE B 590 -35.51 -35.73 -32.01
N HIS B 591 -36.79 -35.87 -31.67
CA HIS B 591 -37.79 -35.00 -32.29
C HIS B 591 -37.57 -33.55 -31.88
N GLN B 592 -37.35 -33.31 -30.59
CA GLN B 592 -37.18 -31.94 -30.11
C GLN B 592 -36.02 -31.24 -30.79
N LEU B 593 -34.86 -31.90 -30.86
CA LEU B 593 -33.69 -31.28 -31.48
C LEU B 593 -33.92 -31.00 -32.95
N LYS B 594 -34.68 -31.86 -33.63
CA LYS B 594 -34.92 -31.61 -35.05
C LYS B 594 -35.81 -30.39 -35.25
N ILE B 595 -36.80 -30.19 -34.37
CA ILE B 595 -37.71 -29.06 -34.50
C ILE B 595 -36.93 -27.83 -34.04
N ASN B 596 -36.46 -27.88 -32.79
CA ASN B 596 -35.65 -26.81 -32.25
C ASN B 596 -34.55 -27.38 -31.34
N PRO B 597 -33.28 -27.33 -31.74
CA PRO B 597 -32.17 -27.92 -30.97
C PRO B 597 -31.67 -27.11 -29.77
N TYR B 598 -32.10 -25.87 -29.62
CA TYR B 598 -31.47 -25.01 -28.64
C TYR B 598 -32.07 -25.04 -27.27
N VAL B 599 -33.17 -25.76 -27.08
CA VAL B 599 -33.70 -25.81 -25.73
C VAL B 599 -32.66 -26.45 -24.84
N LEU B 600 -31.85 -27.31 -25.44
CA LEU B 600 -30.77 -27.91 -24.69
C LEU B 600 -29.55 -26.99 -24.72
N SER B 601 -28.58 -27.26 -23.84
CA SER B 601 -27.41 -26.41 -24.00
C SER B 601 -26.48 -27.07 -25.01
N ASP B 602 -25.51 -26.29 -25.50
CA ASP B 602 -24.61 -26.88 -26.48
C ASP B 602 -23.71 -27.92 -25.82
N LYS B 603 -23.35 -27.68 -24.57
CA LYS B 603 -22.56 -28.66 -23.83
C LYS B 603 -23.38 -29.92 -23.64
N ASP B 604 -24.68 -29.75 -23.48
CA ASP B 604 -25.64 -30.85 -23.30
C ASP B 604 -25.94 -31.52 -24.64
N ARG B 605 -25.91 -30.72 -25.71
CA ARG B 605 -26.30 -31.21 -27.02
C ARG B 605 -25.21 -32.09 -27.62
N ALA B 606 -23.96 -31.81 -27.27
CA ALA B 606 -22.86 -32.64 -27.75
C ALA B 606 -22.72 -33.90 -26.91
N ASN B 607 -23.30 -33.91 -25.72
CA ASN B 607 -23.29 -35.11 -24.89
C ASN B 607 -24.23 -36.14 -25.48
N LEU B 608 -25.32 -35.68 -26.10
CA LEU B 608 -26.28 -36.59 -26.72
C LEU B 608 -25.68 -37.24 -27.95
N ILE B 609 -24.93 -36.47 -28.75
CA ILE B 609 -24.31 -37.03 -29.95
C ILE B 609 -23.24 -38.03 -29.55
N ASN B 610 -22.43 -37.69 -28.54
CA ASN B 610 -21.40 -38.62 -28.10
C ASN B 610 -21.99 -39.90 -27.54
N ASN B 611 -22.98 -39.79 -26.65
CA ASN B 611 -23.48 -40.98 -25.96
C ASN B 611 -24.14 -41.95 -26.93
N ILE B 612 -24.95 -41.46 -27.87
CA ILE B 612 -25.67 -42.39 -28.73
C ILE B 612 -24.70 -43.18 -29.62
N PHE B 613 -23.66 -42.53 -30.15
CA PHE B 613 -22.68 -43.28 -30.93
C PHE B 613 -21.93 -44.24 -30.03
N GLU B 614 -21.58 -43.80 -28.83
CA GLU B 614 -20.97 -44.69 -27.84
C GLU B 614 -21.90 -45.84 -27.52
N LEU B 615 -23.17 -45.53 -27.28
CA LEU B 615 -24.16 -46.57 -26.97
C LEU B 615 -24.34 -47.51 -28.15
N ALA B 616 -24.37 -46.95 -29.36
CA ALA B 616 -24.49 -47.75 -30.58
C ALA B 616 -23.28 -48.65 -30.79
N GLY B 617 -22.11 -48.25 -30.30
CA GLY B 617 -20.94 -49.07 -30.49
C GLY B 617 -21.10 -50.44 -29.88
N LEU B 618 -21.65 -50.51 -28.67
CA LEU B 618 -21.84 -51.77 -28.00
C LEU B 618 -23.14 -52.46 -28.39
N GLY B 619 -24.03 -51.77 -29.11
CA GLY B 619 -25.26 -52.37 -29.57
C GLY B 619 -26.51 -52.17 -28.73
N LYS B 620 -26.48 -51.32 -27.71
CA LYS B 620 -27.70 -51.09 -26.94
C LYS B 620 -28.77 -50.49 -27.84
N VAL B 621 -28.37 -49.57 -28.73
CA VAL B 621 -29.27 -48.90 -29.67
C VAL B 621 -28.70 -49.02 -31.07
N PRO B 622 -29.52 -49.26 -32.09
CA PRO B 622 -28.98 -49.40 -33.45
C PRO B 622 -28.25 -48.20 -34.01
N LEU B 623 -27.31 -48.49 -34.92
CA LEU B 623 -26.54 -47.44 -35.56
C LEU B 623 -27.45 -46.44 -36.27
N LYS B 624 -28.55 -46.91 -36.87
CA LYS B 624 -29.44 -45.98 -37.58
C LYS B 624 -30.03 -44.95 -36.63
N ARG B 625 -30.36 -45.39 -35.42
CA ARG B 625 -30.87 -44.50 -34.38
C ARG B 625 -29.84 -43.46 -34.00
N ALA B 626 -28.57 -43.84 -33.95
CA ALA B 626 -27.52 -42.86 -33.73
C ALA B 626 -27.49 -41.85 -34.87
N PHE B 627 -27.62 -42.35 -36.10
CA PHE B 627 -27.69 -41.49 -37.28
C PHE B 627 -28.99 -40.68 -37.28
N ASP B 628 -30.07 -41.22 -36.72
CA ASP B 628 -31.32 -40.48 -36.66
C ASP B 628 -31.20 -39.26 -35.75
N LEU B 629 -30.36 -39.33 -34.72
CA LEU B 629 -30.17 -38.16 -33.87
C LEU B 629 -29.51 -37.03 -34.64
N ILE B 630 -28.52 -37.35 -35.48
CA ILE B 630 -27.75 -36.29 -36.14
C ILE B 630 -28.46 -35.66 -37.34
N ASN B 631 -29.71 -36.00 -37.61
CA ASN B 631 -30.35 -35.30 -38.73
C ASN B 631 -30.69 -33.86 -38.33
N TYR B 632 -30.61 -33.54 -37.05
CA TYR B 632 -30.91 -32.19 -36.59
C TYR B 632 -29.79 -31.22 -36.90
N LEU B 633 -28.62 -31.75 -37.25
CA LEU B 633 -27.43 -30.97 -37.51
C LEU B 633 -27.58 -30.01 -38.69
N GLY B 634 -28.55 -30.23 -39.57
CA GLY B 634 -28.70 -29.33 -40.70
C GLY B 634 -29.00 -27.91 -40.26
N ASN B 635 -29.88 -27.76 -39.25
CA ASN B 635 -30.21 -26.47 -38.66
C ASN B 635 -29.41 -26.26 -37.37
N GLU B 636 -28.08 -26.37 -37.50
CA GLU B 636 -27.14 -26.23 -36.38
C GLU B 636 -25.96 -25.30 -36.74
N ASN B 637 -25.67 -24.30 -35.90
CA ASN B 637 -24.50 -23.44 -36.16
C ASN B 637 -23.51 -23.32 -34.99
N HIS B 638 -23.60 -24.15 -33.94
CA HIS B 638 -22.67 -24.16 -32.81
C HIS B 638 -21.59 -25.23 -32.97
N THR B 639 -20.46 -25.01 -32.27
CA THR B 639 -19.24 -25.83 -32.38
C THR B 639 -19.23 -27.11 -31.58
N ALA B 640 -19.58 -27.07 -30.29
CA ALA B 640 -19.40 -28.23 -29.43
C ALA B 640 -20.13 -29.46 -29.95
N PRO B 641 -21.40 -29.38 -30.37
CA PRO B 641 -22.01 -30.57 -31.01
C PRO B 641 -21.41 -30.94 -32.35
N ILE B 642 -21.11 -29.95 -33.21
CA ILE B 642 -20.67 -30.24 -34.57
C ILE B 642 -19.31 -30.96 -34.58
N THR B 643 -18.39 -30.57 -33.70
CA THR B 643 -17.11 -31.25 -33.67
C THR B 643 -17.28 -32.71 -33.27
N GLU B 644 -18.10 -32.99 -32.24
CA GLU B 644 -18.39 -34.36 -31.87
C GLU B 644 -19.18 -35.09 -32.92
N ALA B 645 -19.98 -34.36 -33.70
CA ALA B 645 -20.63 -34.98 -34.85
C ALA B 645 -19.59 -35.34 -35.89
N LEU B 646 -18.65 -34.42 -36.12
CA LEU B 646 -17.58 -34.67 -37.07
C LEU B 646 -16.59 -35.70 -36.55
N PHE B 647 -16.24 -35.66 -35.26
CA PHE B 647 -15.28 -36.67 -34.78
C PHE B 647 -15.87 -38.07 -34.88
N GLN B 648 -17.13 -38.25 -34.50
CA GLN B 648 -17.73 -39.57 -34.63
C GLN B 648 -17.80 -39.98 -36.09
N THR B 649 -18.17 -39.07 -36.97
CA THR B 649 -18.17 -39.38 -38.40
C THR B 649 -16.73 -39.50 -38.93
N ASP B 650 -15.79 -38.73 -38.36
CA ASP B 650 -14.38 -38.88 -38.75
C ASP B 650 -13.87 -40.28 -38.42
N LEU B 651 -14.23 -40.80 -37.26
CA LEU B 651 -13.73 -42.10 -36.84
C LEU B 651 -14.18 -43.20 -37.79
N ILE B 652 -15.45 -43.16 -38.20
CA ILE B 652 -15.98 -44.22 -39.04
C ILE B 652 -15.29 -44.22 -40.40
N TYR B 653 -15.14 -43.02 -41.00
CA TYR B 653 -14.54 -42.95 -42.33
C TYR B 653 -13.13 -43.53 -42.32
N ASN B 654 -12.35 -43.22 -41.29
CA ASN B 654 -10.99 -43.71 -41.21
C ASN B 654 -10.95 -45.23 -41.08
N LEU B 655 -11.85 -45.80 -40.29
CA LEU B 655 -11.88 -47.26 -40.12
C LEU B 655 -12.14 -47.94 -41.45
N LEU B 656 -13.14 -47.44 -42.18
CA LEU B 656 -13.57 -48.05 -43.43
C LEU B 656 -12.48 -47.96 -44.50
N GLU B 657 -11.83 -46.80 -44.60
CA GLU B 657 -10.89 -46.53 -45.68
C GLU B 657 -9.83 -47.61 -45.77
N LYS B 658 -9.33 -48.04 -44.61
CA LYS B 658 -8.30 -49.07 -44.58
C LYS B 658 -8.84 -50.41 -45.02
N LEU B 659 -10.06 -50.75 -44.60
CA LEU B 659 -10.60 -52.06 -44.90
C LEU B 659 -11.07 -52.16 -46.34
N GLY B 660 -10.91 -51.09 -47.12
CA GLY B 660 -11.22 -51.09 -48.53
C GLY B 660 -12.58 -50.58 -48.93
N TYR B 661 -13.41 -50.16 -47.98
CA TYR B 661 -14.74 -49.64 -48.32
C TYR B 661 -14.67 -48.13 -48.58
N MET B 662 -13.90 -47.78 -49.61
CA MET B 662 -13.77 -46.40 -50.04
C MET B 662 -15.09 -45.87 -50.61
N ASP B 663 -15.86 -46.73 -51.27
CA ASP B 663 -17.19 -46.32 -51.71
C ASP B 663 -18.05 -45.95 -50.51
N LEU B 664 -18.15 -46.86 -49.54
CA LEU B 664 -18.94 -46.60 -48.34
C LEU B 664 -18.34 -45.44 -47.55
N ALA B 665 -17.01 -45.41 -47.44
CA ALA B 665 -16.36 -44.35 -46.71
C ALA B 665 -16.70 -42.98 -47.29
N SER B 666 -16.51 -42.82 -48.60
CA SER B 666 -16.80 -41.53 -49.23
C SER B 666 -18.28 -41.19 -49.14
N ARG B 667 -19.14 -42.20 -49.21
CA ARG B 667 -20.59 -41.97 -49.08
C ARG B 667 -20.95 -41.50 -47.69
N LEU B 668 -20.25 -41.98 -46.68
CA LEU B 668 -20.57 -41.60 -45.31
C LEU B 668 -20.32 -40.13 -45.07
N VAL B 669 -19.15 -39.64 -45.49
CA VAL B 669 -18.83 -38.24 -45.27
C VAL B 669 -19.69 -37.32 -46.15
N THR B 670 -20.13 -37.78 -47.32
CA THR B 670 -21.01 -36.91 -48.10
C THR B 670 -22.34 -36.68 -47.38
N ARG B 671 -22.90 -37.73 -46.76
CA ARG B 671 -24.17 -37.56 -46.05
C ARG B 671 -24.07 -36.54 -44.92
N VAL B 672 -22.94 -36.50 -44.22
CA VAL B 672 -22.75 -35.47 -43.20
C VAL B 672 -22.57 -34.11 -43.85
N PHE B 673 -21.93 -34.07 -45.02
CA PHE B 673 -21.73 -32.83 -45.75
C PHE B 673 -23.06 -32.23 -46.19
N LYS B 674 -23.98 -33.07 -46.68
CA LYS B 674 -25.29 -32.59 -47.10
C LYS B 674 -26.09 -32.03 -45.92
N LEU B 675 -25.87 -32.59 -44.73
CA LEU B 675 -26.49 -32.03 -43.53
C LEU B 675 -25.99 -30.62 -43.31
N LEU B 676 -24.67 -30.44 -43.39
CA LEU B 676 -24.00 -29.18 -43.14
C LEU B 676 -23.73 -28.42 -44.43
N GLN B 677 -24.55 -28.66 -45.47
CA GLN B 677 -24.33 -28.00 -46.76
C GLN B 677 -24.43 -26.50 -46.63
N ASN B 678 -25.39 -26.02 -45.85
CA ASN B 678 -25.56 -24.59 -45.65
C ASN B 678 -24.45 -24.03 -44.78
N GLN B 679 -24.18 -24.68 -43.64
CA GLN B 679 -23.19 -24.12 -42.71
C GLN B 679 -21.80 -24.09 -43.32
N ILE B 680 -21.42 -25.15 -44.03
CA ILE B 680 -20.08 -25.21 -44.61
C ILE B 680 -19.92 -24.20 -45.72
N GLN B 681 -20.91 -24.08 -46.60
CA GLN B 681 -20.81 -23.22 -47.76
C GLN B 681 -20.84 -21.73 -47.43
N GLN B 682 -21.40 -21.34 -46.28
CA GLN B 682 -21.49 -19.93 -45.91
C GLN B 682 -20.29 -19.50 -45.08
N GLN B 683 -19.32 -20.38 -44.92
CA GLN B 683 -18.11 -20.09 -44.15
C GLN B 683 -17.15 -19.24 -44.98
N THR B 684 -16.51 -18.27 -44.33
CA THR B 684 -15.59 -17.34 -44.99
C THR B 684 -14.15 -17.77 -44.74
N TRP B 685 -13.28 -17.51 -45.70
CA TRP B 685 -11.87 -17.88 -45.59
C TRP B 685 -11.07 -16.74 -44.97
N THR B 686 -11.37 -16.45 -43.70
CA THR B 686 -10.76 -15.33 -42.99
C THR B 686 -10.53 -15.69 -41.53
N ASP B 687 -9.92 -14.75 -40.79
CA ASP B 687 -9.68 -14.86 -39.36
C ASP B 687 -10.75 -14.17 -38.53
N GLU B 688 -11.96 -14.06 -39.08
CA GLU B 688 -13.00 -13.26 -38.45
C GLU B 688 -13.85 -14.11 -37.53
N GLY B 689 -14.36 -13.47 -36.48
CA GLY B 689 -15.21 -14.20 -35.57
C GLY B 689 -14.56 -14.41 -34.21
N THR B 690 -15.40 -14.64 -33.21
CA THR B 690 -15.02 -14.96 -31.84
C THR B 690 -14.44 -16.37 -31.73
N PRO B 691 -13.46 -16.60 -30.88
CA PRO B 691 -12.81 -17.92 -30.79
C PRO B 691 -13.59 -19.19 -31.11
N SER B 692 -14.81 -19.41 -30.60
CA SER B 692 -15.53 -20.62 -30.94
C SER B 692 -15.94 -20.62 -32.40
N MET B 693 -16.32 -19.46 -32.91
CA MET B 693 -16.67 -19.33 -34.32
C MET B 693 -15.46 -19.58 -35.19
N ARG B 694 -14.29 -19.18 -34.71
CA ARG B 694 -13.05 -19.38 -35.46
C ARG B 694 -12.69 -20.86 -35.53
N GLU B 695 -12.79 -21.57 -34.39
CA GLU B 695 -12.53 -23.00 -34.40
C GLU B 695 -13.59 -23.73 -35.20
N LEU B 696 -14.80 -23.17 -35.23
CA LEU B 696 -15.88 -23.71 -36.05
C LEU B 696 -15.52 -23.61 -37.52
N ARG B 697 -14.79 -22.56 -37.89
CA ARG B 697 -14.39 -22.36 -39.26
C ARG B 697 -13.42 -23.44 -39.71
N SER B 698 -12.40 -23.68 -38.87
CA SER B 698 -11.34 -24.60 -39.24
C SER B 698 -11.87 -25.99 -39.49
N ALA B 699 -12.77 -26.48 -38.62
CA ALA B 699 -13.25 -27.85 -38.72
C ALA B 699 -14.00 -28.09 -40.03
N LEU B 700 -14.90 -27.18 -40.40
CA LEU B 700 -15.66 -27.37 -41.62
C LEU B 700 -14.81 -27.23 -42.88
N LEU B 701 -13.85 -26.30 -42.87
CA LEU B 701 -12.94 -26.21 -44.00
C LEU B 701 -12.08 -27.47 -44.09
N GLU B 702 -11.64 -27.97 -42.93
CA GLU B 702 -10.88 -29.21 -42.91
C GLU B 702 -11.73 -30.37 -43.38
N PHE B 703 -12.95 -30.50 -42.85
CA PHE B 703 -13.81 -31.63 -43.19
C PHE B 703 -14.18 -31.66 -44.67
N ALA B 704 -14.53 -30.49 -45.23
CA ALA B 704 -14.97 -30.46 -46.62
C ALA B 704 -13.82 -30.62 -47.60
N CYS B 705 -12.69 -29.96 -47.37
CA CYS B 705 -11.58 -30.04 -48.31
C CYS B 705 -10.82 -31.36 -48.18
N THR B 706 -10.74 -31.93 -46.97
CA THR B 706 -10.01 -33.19 -46.77
C THR B 706 -10.65 -34.33 -47.54
N HIS B 707 -11.97 -34.31 -47.72
CA HIS B 707 -12.67 -35.39 -48.39
C HIS B 707 -13.20 -35.00 -49.77
N ASN B 708 -12.67 -33.94 -50.39
CA ASN B 708 -13.01 -33.55 -51.76
C ASN B 708 -14.52 -33.34 -51.95
N LEU B 709 -15.06 -32.40 -51.18
CA LEU B 709 -16.48 -32.07 -51.26
C LEU B 709 -16.63 -30.60 -51.64
N GLY B 710 -17.35 -30.31 -52.72
CA GLY B 710 -17.66 -28.94 -53.13
C GLY B 710 -16.50 -28.11 -53.65
N ASN B 711 -16.60 -26.78 -53.43
CA ASN B 711 -15.62 -25.83 -53.94
C ASN B 711 -14.39 -25.70 -53.06
N CYS B 712 -14.39 -26.33 -51.89
CA CYS B 712 -13.31 -26.11 -50.92
C CYS B 712 -11.96 -26.49 -51.48
N SER B 713 -11.88 -27.60 -52.21
CA SER B 713 -10.60 -28.01 -52.80
C SER B 713 -10.11 -26.94 -53.77
N THR B 714 -11.02 -26.45 -54.62
CA THR B 714 -10.67 -25.43 -55.60
C THR B 714 -10.29 -24.11 -54.94
N THR B 715 -11.01 -23.71 -53.90
CA THR B 715 -10.77 -22.43 -53.24
C THR B 715 -9.38 -22.39 -52.60
N ALA B 716 -8.99 -23.48 -51.94
CA ALA B 716 -7.70 -23.52 -51.26
C ALA B 716 -6.53 -23.51 -52.24
N MET B 717 -6.72 -24.04 -53.45
CA MET B 717 -5.63 -24.04 -54.41
C MET B 717 -5.24 -22.63 -54.83
N LYS B 718 -6.22 -21.78 -55.12
CA LYS B 718 -5.93 -20.39 -55.50
C LYS B 718 -5.28 -19.65 -54.35
N LEU B 719 -5.70 -19.93 -53.12
CA LEU B 719 -5.06 -19.30 -51.97
C LEU B 719 -3.61 -19.75 -51.82
N PHE B 720 -3.35 -21.05 -52.02
CA PHE B 720 -1.98 -21.58 -51.91
C PHE B 720 -1.14 -21.16 -53.10
N ASP B 721 -1.75 -21.10 -54.29
CA ASP B 721 -1.00 -20.70 -55.48
C ASP B 721 -0.32 -19.36 -55.23
N ASP B 722 -1.04 -18.45 -54.57
CA ASP B 722 -0.56 -17.12 -54.24
C ASP B 722 0.46 -17.12 -53.11
N TRP B 723 0.18 -17.89 -52.05
CA TRP B 723 1.03 -17.83 -50.87
C TRP B 723 2.45 -18.26 -51.21
N MET B 724 2.57 -19.31 -51.99
CA MET B 724 3.87 -19.84 -52.40
C MET B 724 4.61 -18.95 -53.39
N ALA B 725 3.88 -18.24 -54.27
CA ALA B 725 4.43 -17.31 -55.24
C ALA B 725 4.67 -15.95 -54.61
N SER B 726 4.60 -15.88 -53.28
CA SER B 726 4.88 -14.69 -52.48
C SER B 726 5.94 -15.01 -51.44
N ASN B 727 6.62 -16.15 -51.60
CA ASN B 727 7.54 -16.69 -50.62
C ASN B 727 6.69 -16.91 -49.37
N GLY B 728 6.69 -15.96 -48.45
CA GLY B 728 5.94 -16.05 -47.20
C GLY B 728 5.30 -14.72 -46.86
N THR B 729 5.31 -13.84 -47.87
CA THR B 729 4.87 -12.45 -47.73
C THR B 729 3.37 -12.30 -47.66
N GLN B 730 2.67 -12.78 -48.69
CA GLN B 730 1.27 -12.48 -48.86
C GLN B 730 0.48 -12.91 -47.64
N SER B 731 -0.39 -12.02 -47.18
CA SER B 731 -1.16 -12.29 -45.97
C SER B 731 -2.13 -13.42 -46.22
N LEU B 732 -1.97 -14.49 -45.46
CA LEU B 732 -2.84 -15.67 -45.56
C LEU B 732 -3.45 -15.91 -44.19
N PRO B 733 -4.77 -15.87 -44.06
CA PRO B 733 -5.42 -16.01 -42.74
C PRO B 733 -4.99 -17.23 -41.92
N THR B 734 -4.88 -16.99 -40.61
CA THR B 734 -4.38 -18.02 -39.72
C THR B 734 -5.31 -19.24 -39.65
N ASP B 735 -6.63 -19.03 -39.56
CA ASP B 735 -7.55 -20.17 -39.41
C ASP B 735 -7.52 -21.10 -40.62
N VAL B 736 -7.40 -20.54 -41.83
CA VAL B 736 -7.44 -21.36 -43.02
C VAL B 736 -6.05 -21.81 -43.47
N MET B 737 -5.02 -21.51 -42.68
CA MET B 737 -3.64 -21.85 -43.04
C MET B 737 -3.41 -23.35 -43.20
N THR B 738 -3.66 -24.13 -42.14
CA THR B 738 -3.37 -25.57 -42.16
C THR B 738 -4.11 -26.25 -43.30
N THR B 739 -5.32 -25.79 -43.59
CA THR B 739 -6.09 -26.34 -44.72
C THR B 739 -5.41 -26.02 -46.04
N VAL B 740 -4.85 -24.81 -46.18
CA VAL B 740 -4.18 -24.38 -47.41
C VAL B 740 -2.82 -25.06 -47.58
N PHE B 741 -2.04 -25.18 -46.50
CA PHE B 741 -0.73 -25.83 -46.61
C PHE B 741 -0.90 -27.28 -47.03
N LYS B 742 -1.92 -27.93 -46.49
CA LYS B 742 -2.22 -29.32 -46.77
C LYS B 742 -2.45 -29.53 -48.25
N VAL B 743 -3.16 -28.61 -48.89
CA VAL B 743 -3.52 -28.78 -50.29
C VAL B 743 -2.32 -28.59 -51.21
N GLY B 744 -1.51 -27.56 -50.97
CA GLY B 744 -0.37 -27.34 -51.85
C GLY B 744 0.58 -28.51 -51.83
N ALA B 745 0.72 -29.14 -50.66
CA ALA B 745 1.57 -30.30 -50.46
C ALA B 745 1.13 -31.52 -51.28
N LYS B 746 -0.09 -31.50 -51.82
CA LYS B 746 -0.56 -32.61 -52.65
C LYS B 746 0.21 -32.70 -53.96
N THR B 747 0.67 -31.58 -54.49
CA THR B 747 1.62 -31.52 -55.60
C THR B 747 3.03 -31.63 -55.04
N ASP B 748 3.96 -32.06 -55.88
CA ASP B 748 5.35 -32.14 -55.41
C ASP B 748 6.03 -30.77 -55.34
N LYS B 749 5.64 -29.81 -56.18
CA LYS B 749 6.20 -28.46 -56.05
C LYS B 749 5.79 -27.81 -54.74
N GLY B 750 4.49 -27.79 -54.45
CA GLY B 750 4.02 -27.25 -53.19
C GLY B 750 4.64 -27.95 -51.99
N TRP B 751 4.72 -29.29 -52.05
CA TRP B 751 5.32 -30.03 -50.94
C TRP B 751 6.78 -29.67 -50.76
N SER B 752 7.55 -29.65 -51.85
CA SER B 752 8.97 -29.34 -51.72
C SER B 752 9.17 -27.89 -51.35
N PHE B 753 8.28 -27.02 -51.83
CA PHE B 753 8.34 -25.60 -51.46
C PHE B 753 8.01 -25.42 -49.98
N LEU B 754 6.97 -26.12 -49.51
CA LEU B 754 6.52 -26.00 -48.13
C LEU B 754 7.62 -26.46 -47.19
N LEU B 755 8.24 -27.60 -47.52
CA LEU B 755 9.35 -28.10 -46.72
C LEU B 755 10.43 -27.05 -46.58
N GLY B 756 10.67 -26.28 -47.64
CA GLY B 756 11.69 -25.25 -47.57
C GLY B 756 11.34 -24.18 -46.56
N LYS B 757 10.04 -23.88 -46.44
CA LYS B 757 9.59 -22.88 -45.48
C LYS B 757 9.85 -23.34 -44.06
N TYR B 758 9.50 -24.59 -43.75
CA TYR B 758 9.70 -25.13 -42.42
C TYR B 758 11.15 -25.00 -42.01
N ILE B 759 12.06 -25.29 -42.94
CA ILE B 759 13.49 -25.14 -42.69
C ILE B 759 13.89 -23.69 -42.51
N SER B 760 13.15 -22.73 -43.05
CA SER B 760 13.52 -21.32 -42.90
C SER B 760 12.74 -20.51 -41.86
N ILE B 761 11.41 -20.66 -41.75
CA ILE B 761 10.58 -19.68 -41.01
C ILE B 761 10.88 -19.66 -39.50
N GLY B 762 10.42 -18.59 -38.86
CA GLY B 762 10.60 -18.38 -37.42
C GLY B 762 9.39 -18.60 -36.52
N SER B 763 8.22 -18.91 -37.07
CA SER B 763 7.03 -19.19 -36.27
C SER B 763 6.92 -20.70 -36.04
N GLU B 764 7.17 -21.13 -34.80
CA GLU B 764 7.03 -22.55 -34.47
C GLU B 764 5.57 -22.96 -34.65
N ALA B 765 4.65 -22.11 -34.19
CA ALA B 765 3.23 -22.39 -34.32
C ALA B 765 2.84 -22.54 -35.78
N GLU B 766 3.48 -21.76 -36.67
CA GLU B 766 3.21 -21.94 -38.09
C GLU B 766 3.88 -23.19 -38.61
N LYS B 767 5.03 -23.56 -38.05
CA LYS B 767 5.77 -24.72 -38.53
C LYS B 767 4.99 -26.00 -38.29
N ASN B 768 4.25 -26.08 -37.18
CA ASN B 768 3.45 -27.28 -36.96
C ASN B 768 2.31 -27.37 -37.96
N LYS B 769 1.86 -26.23 -38.47
CA LYS B 769 0.81 -26.26 -39.48
C LYS B 769 1.35 -26.78 -40.80
N ILE B 770 2.55 -26.33 -41.15
CA ILE B 770 3.21 -26.82 -42.34
C ILE B 770 3.56 -28.29 -42.21
N LEU B 771 4.02 -28.70 -41.02
CA LEU B 771 4.41 -30.08 -40.86
C LEU B 771 3.21 -31.00 -40.99
N GLU B 772 2.07 -30.64 -40.37
CA GLU B 772 0.89 -31.50 -40.48
C GLU B 772 0.52 -31.68 -41.93
N ALA B 773 0.74 -30.65 -42.74
CA ALA B 773 0.45 -30.74 -44.16
C ALA B 773 1.42 -31.70 -44.84
N LEU B 774 2.69 -31.65 -44.46
CA LEU B 774 3.70 -32.52 -45.06
C LEU B 774 3.34 -33.99 -44.82
N ALA B 775 2.89 -34.31 -43.61
CA ALA B 775 2.49 -35.66 -43.21
C ALA B 775 1.18 -36.09 -43.86
N SER B 776 0.38 -35.15 -44.37
CA SER B 776 -0.86 -35.48 -45.05
C SER B 776 -0.61 -35.93 -46.49
N SER B 777 0.64 -35.96 -46.91
CA SER B 777 0.97 -36.36 -48.28
C SER B 777 0.64 -37.82 -48.52
N GLU B 778 0.28 -38.13 -49.76
CA GLU B 778 -0.05 -39.50 -50.14
C GLU B 778 1.12 -40.22 -50.78
N ASP B 779 2.24 -39.53 -50.97
CA ASP B 779 3.46 -40.09 -51.55
C ASP B 779 4.24 -40.76 -50.40
N VAL B 780 4.15 -42.09 -50.35
CA VAL B 780 4.68 -42.85 -49.21
C VAL B 780 6.18 -42.65 -49.03
N ARG B 781 6.92 -42.47 -50.13
CA ARG B 781 8.36 -42.27 -49.98
C ARG B 781 8.66 -40.96 -49.27
N LYS B 782 7.86 -39.93 -49.52
CA LYS B 782 8.05 -38.67 -48.82
C LYS B 782 7.78 -38.85 -47.33
N LEU B 783 6.72 -39.59 -47.00
CA LEU B 783 6.32 -39.78 -45.61
C LEU B 783 7.39 -40.51 -44.82
N TYR B 784 7.92 -41.61 -45.38
CA TYR B 784 8.88 -42.43 -44.66
C TYR B 784 10.05 -41.60 -44.18
N TRP B 785 10.62 -40.80 -45.08
CA TRP B 785 11.78 -40.00 -44.73
C TRP B 785 11.49 -39.12 -43.54
N LEU B 786 10.26 -38.58 -43.48
CA LEU B 786 9.85 -37.74 -42.37
C LEU B 786 9.90 -38.48 -41.04
N MET B 787 9.71 -39.80 -41.04
CA MET B 787 9.76 -40.55 -39.79
C MET B 787 11.17 -40.93 -39.33
N LYS B 788 12.10 -41.31 -40.22
CA LYS B 788 13.45 -41.58 -39.76
C LYS B 788 14.23 -40.31 -39.49
N SER B 789 13.93 -39.23 -40.21
CA SER B 789 14.59 -37.95 -39.97
C SER B 789 14.23 -37.41 -38.60
N SER B 790 12.93 -37.37 -38.27
CA SER B 790 12.52 -36.91 -36.95
C SER B 790 13.05 -37.82 -35.86
N LEU B 791 12.99 -39.13 -36.09
CA LEU B 791 13.56 -40.11 -35.17
C LEU B 791 15.05 -39.84 -34.96
N ASN B 792 15.76 -39.54 -36.05
CA ASN B 792 17.17 -39.22 -35.94
C ASN B 792 17.38 -37.84 -35.34
N GLY B 793 16.41 -36.95 -35.53
CA GLY B 793 16.55 -35.63 -34.95
C GLY B 793 17.27 -34.65 -35.85
N ASP B 794 17.47 -34.99 -37.12
CA ASP B 794 18.22 -34.15 -38.04
C ASP B 794 17.41 -33.01 -38.68
N ASN B 795 16.71 -33.27 -39.78
CA ASN B 795 15.93 -32.19 -40.38
C ASN B 795 14.77 -31.79 -39.46
N PHE B 796 14.18 -32.76 -38.77
CA PHE B 796 13.07 -32.53 -37.86
C PHE B 796 13.47 -32.96 -36.46
N ARG B 797 13.13 -32.15 -35.46
CA ARG B 797 13.44 -32.48 -34.07
C ARG B 797 12.61 -33.66 -33.60
N THR B 798 13.18 -34.43 -32.67
CA THR B 798 12.53 -35.63 -32.15
C THR B 798 11.20 -35.34 -31.44
N GLN B 799 10.99 -34.12 -30.93
CA GLN B 799 9.74 -33.83 -30.21
C GLN B 799 8.54 -33.90 -31.15
N LYS B 800 8.75 -33.65 -32.44
CA LYS B 800 7.65 -33.77 -33.39
C LYS B 800 7.42 -35.19 -33.85
N LEU B 801 8.30 -36.14 -33.51
CA LEU B 801 8.17 -37.49 -34.04
C LEU B 801 6.83 -38.11 -33.62
N SER B 802 6.45 -37.91 -32.35
CA SER B 802 5.19 -38.49 -31.89
C SER B 802 4.02 -37.98 -32.74
N PHE B 803 4.08 -36.70 -33.11
CA PHE B 803 3.05 -36.10 -33.97
C PHE B 803 3.06 -36.75 -35.34
N ILE B 804 4.25 -36.93 -35.93
CA ILE B 804 4.39 -37.44 -37.29
C ILE B 804 3.88 -38.88 -37.44
N ILE B 805 4.13 -39.75 -36.45
CA ILE B 805 3.74 -41.15 -36.65
C ILE B 805 2.23 -41.32 -36.71
N ARG B 806 1.48 -40.55 -35.91
CA ARG B 806 0.03 -40.67 -35.96
C ARG B 806 -0.55 -39.97 -37.18
N THR B 807 0.03 -38.85 -37.59
CA THR B 807 -0.48 -38.14 -38.75
C THR B 807 -0.28 -38.94 -40.03
N VAL B 808 0.85 -39.66 -40.13
CA VAL B 808 1.11 -40.49 -41.30
C VAL B 808 0.12 -41.64 -41.38
N GLY B 809 -0.11 -42.31 -40.25
CA GLY B 809 -0.97 -43.48 -40.16
C GLY B 809 -2.44 -43.20 -40.22
N ARG B 810 -2.85 -41.93 -40.11
CA ARG B 810 -4.26 -41.62 -40.09
C ARG B 810 -4.93 -42.03 -41.39
N HIS B 811 -4.32 -41.71 -42.51
CA HIS B 811 -4.93 -41.97 -43.80
C HIS B 811 -4.33 -43.18 -44.49
N PHE B 812 -4.90 -43.51 -45.64
CA PHE B 812 -4.58 -44.75 -46.33
C PHE B 812 -3.10 -44.93 -46.65
N PRO B 813 -2.34 -43.92 -47.12
CA PRO B 813 -0.95 -44.22 -47.55
C PRO B 813 -0.04 -44.65 -46.42
N GLY B 814 -0.02 -43.90 -45.34
CA GLY B 814 0.82 -44.26 -44.22
C GLY B 814 0.21 -45.22 -43.24
N HIS B 815 -1.00 -45.73 -43.50
CA HIS B 815 -1.65 -46.62 -42.55
C HIS B 815 -0.79 -47.84 -42.27
N LEU B 816 -0.33 -48.49 -43.32
CA LEU B 816 0.59 -49.62 -43.22
C LEU B 816 2.00 -49.14 -43.02
N LEU B 817 2.37 -48.06 -43.72
CA LEU B 817 3.70 -47.47 -43.58
C LEU B 817 4.02 -47.11 -42.14
N ALA B 818 3.06 -46.54 -41.42
CA ALA B 818 3.36 -46.07 -40.07
C ALA B 818 3.61 -47.22 -39.10
N TRP B 819 2.74 -48.23 -39.11
CA TRP B 819 2.88 -49.29 -38.11
C TRP B 819 4.22 -49.99 -38.23
N ASP B 820 4.67 -50.21 -39.47
CA ASP B 820 5.96 -50.85 -39.66
C ASP B 820 7.08 -50.01 -39.09
N PHE B 821 6.99 -48.68 -39.22
CA PHE B 821 8.05 -47.83 -38.67
C PHE B 821 8.08 -47.88 -37.16
N VAL B 822 6.94 -48.05 -36.51
CA VAL B 822 6.92 -48.21 -35.06
C VAL B 822 7.61 -49.51 -34.67
N LYS B 823 7.26 -50.59 -35.34
CA LYS B 823 7.82 -51.90 -35.06
C LYS B 823 9.30 -51.99 -35.42
N GLU B 824 9.66 -51.55 -36.63
CA GLU B 824 11.03 -51.76 -37.09
C GLU B 824 12.03 -50.85 -36.42
N ASN B 825 11.58 -49.75 -35.82
CA ASN B 825 12.47 -48.88 -35.09
C ASN B 825 12.16 -48.89 -33.60
N TRP B 826 11.40 -49.90 -33.15
CA TRP B 826 10.95 -49.95 -31.76
C TRP B 826 12.11 -49.93 -30.78
N ASN B 827 13.16 -50.69 -31.09
CA ASN B 827 14.30 -50.71 -30.18
C ASN B 827 14.91 -49.32 -30.07
N LYS B 828 14.96 -48.58 -31.19
CA LYS B 828 15.52 -47.23 -31.16
C LYS B 828 14.60 -46.23 -30.47
N LEU B 829 13.29 -46.31 -30.70
CA LEU B 829 12.34 -45.37 -30.10
C LEU B 829 12.07 -45.66 -28.63
N VAL B 830 12.24 -46.90 -28.18
CA VAL B 830 12.06 -47.27 -26.78
C VAL B 830 13.26 -46.85 -25.93
N GLN B 831 14.38 -46.49 -26.54
CA GLN B 831 15.54 -45.95 -25.86
C GLN B 831 15.41 -44.46 -25.57
N LYS B 832 14.83 -43.71 -26.52
CA LYS B 832 14.63 -42.27 -26.33
C LYS B 832 13.57 -41.98 -25.27
N PHE B 833 12.46 -42.63 -25.35
CA PHE B 833 11.34 -42.42 -24.45
C PHE B 833 11.17 -43.63 -23.53
N PRO B 834 10.95 -43.37 -22.23
CA PRO B 834 11.18 -44.34 -21.15
C PRO B 834 10.49 -45.70 -21.15
N LEU B 835 9.51 -45.93 -22.03
CA LEU B 835 8.70 -47.15 -22.10
C LEU B 835 7.72 -47.11 -20.94
N GLY B 836 6.44 -47.10 -21.29
CA GLY B 836 5.34 -46.82 -20.40
C GLY B 836 5.02 -45.36 -20.40
N SER B 837 5.95 -44.54 -20.89
CA SER B 837 5.76 -43.10 -20.96
C SER B 837 4.69 -42.76 -21.97
N TYR B 838 4.02 -41.62 -21.75
CA TYR B 838 2.95 -41.21 -22.67
C TYR B 838 3.46 -41.12 -24.09
N THR B 839 4.70 -40.68 -24.27
CA THR B 839 5.26 -40.55 -25.61
C THR B 839 5.25 -41.86 -26.38
N ILE B 840 5.73 -42.95 -25.78
CA ILE B 840 5.64 -44.21 -26.49
C ILE B 840 4.22 -44.74 -26.42
N GLN B 841 3.45 -44.29 -25.43
CA GLN B 841 2.06 -44.71 -25.27
C GLN B 841 1.17 -44.14 -26.38
N ASN B 842 1.38 -42.87 -26.74
CA ASN B 842 0.61 -42.26 -27.83
C ASN B 842 0.97 -42.87 -29.17
N ILE B 843 2.26 -43.16 -29.38
CA ILE B 843 2.70 -43.66 -30.68
C ILE B 843 1.96 -44.96 -31.01
N VAL B 844 1.92 -45.88 -30.05
CA VAL B 844 1.29 -47.19 -30.27
C VAL B 844 -0.17 -47.02 -30.66
N ALA B 845 -0.95 -46.38 -29.80
CA ALA B 845 -2.37 -46.19 -30.08
C ALA B 845 -2.58 -45.36 -31.33
N GLY B 846 -1.65 -44.42 -31.60
CA GLY B 846 -1.73 -43.64 -32.83
C GLY B 846 -1.57 -44.48 -34.09
N SER B 847 -0.78 -45.56 -34.00
CA SER B 847 -0.53 -46.43 -35.13
C SER B 847 -1.53 -47.59 -35.22
N THR B 848 -1.95 -48.12 -34.07
CA THR B 848 -2.70 -49.36 -34.02
C THR B 848 -4.21 -49.19 -33.91
N TYR B 849 -4.71 -47.97 -33.72
CA TYR B 849 -6.14 -47.83 -33.47
C TYR B 849 -7.03 -48.01 -34.69
N LEU B 850 -6.50 -47.94 -35.91
CA LEU B 850 -7.33 -48.03 -37.10
C LEU B 850 -7.38 -49.42 -37.73
N PHE B 851 -6.80 -50.44 -37.08
CA PHE B 851 -6.89 -51.81 -37.61
C PHE B 851 -8.21 -52.40 -37.10
N SER B 852 -8.96 -53.03 -37.99
CA SER B 852 -10.24 -53.64 -37.61
C SER B 852 -10.28 -55.11 -37.99
N THR B 853 -9.11 -55.68 -38.24
CA THR B 853 -8.95 -57.02 -38.77
C THR B 853 -8.51 -57.99 -37.68
N LYS B 854 -9.10 -59.17 -37.68
CA LYS B 854 -8.63 -60.23 -36.79
C LYS B 854 -7.22 -60.66 -37.16
N THR B 855 -6.90 -60.60 -38.45
CA THR B 855 -5.52 -60.87 -38.88
C THR B 855 -4.57 -59.89 -38.23
N HIS B 856 -4.94 -58.62 -38.25
CA HIS B 856 -4.13 -57.57 -37.65
C HIS B 856 -4.05 -57.73 -36.14
N LEU B 857 -5.13 -58.21 -35.52
CA LEU B 857 -5.13 -58.38 -34.07
C LEU B 857 -4.02 -59.32 -33.63
N SER B 858 -3.85 -60.42 -34.37
CA SER B 858 -2.78 -61.36 -34.12
C SER B 858 -1.41 -60.81 -34.53
N GLU B 859 -1.39 -59.89 -35.50
CA GLU B 859 -0.13 -59.24 -35.86
C GLU B 859 0.40 -58.41 -34.69
N VAL B 860 -0.48 -57.59 -34.09
CA VAL B 860 -0.10 -56.79 -32.95
C VAL B 860 0.10 -57.66 -31.71
N GLN B 861 -0.77 -58.65 -31.51
CA GLN B 861 -0.62 -59.56 -30.36
C GLN B 861 0.74 -60.22 -30.38
N ALA B 862 1.07 -60.87 -31.50
CA ALA B 862 2.35 -61.56 -31.61
C ALA B 862 3.53 -60.60 -31.44
N PHE B 863 3.47 -59.41 -32.03
CA PHE B 863 4.64 -58.52 -31.96
C PHE B 863 4.97 -58.11 -30.54
N PHE B 864 3.97 -57.69 -29.76
CA PHE B 864 4.27 -57.22 -28.43
C PHE B 864 4.76 -58.35 -27.52
N GLU B 865 4.33 -59.57 -27.76
CA GLU B 865 4.86 -60.70 -26.99
C GLU B 865 6.35 -60.87 -27.23
N ASN B 866 6.81 -60.63 -28.46
CA ASN B 866 8.24 -60.80 -28.79
C ASN B 866 9.15 -59.82 -28.08
N GLN B 867 8.66 -58.64 -27.69
CA GLN B 867 9.53 -57.65 -27.07
C GLN B 867 9.95 -58.12 -25.68
N SER B 868 8.98 -58.33 -24.79
CA SER B 868 9.26 -58.88 -23.46
C SER B 868 7.94 -59.13 -22.79
N GLU B 869 7.95 -59.78 -21.64
CA GLU B 869 6.69 -59.86 -20.91
C GLU B 869 6.35 -58.57 -20.19
N ALA B 870 7.37 -57.83 -19.73
CA ALA B 870 7.12 -56.53 -19.12
C ALA B 870 6.46 -55.59 -20.12
N THR B 871 6.94 -55.61 -21.37
CA THR B 871 6.31 -54.82 -22.41
C THR B 871 4.93 -55.35 -22.76
N PHE B 872 4.76 -56.67 -22.84
CA PHE B 872 3.45 -57.20 -23.22
C PHE B 872 2.44 -56.95 -22.11
N ARG B 873 2.88 -56.96 -20.86
CA ARG B 873 1.92 -56.77 -19.78
C ARG B 873 1.56 -55.30 -19.62
N LEU B 874 2.19 -54.42 -20.38
CA LEU B 874 1.88 -53.00 -20.24
C LEU B 874 0.42 -52.79 -20.60
N ARG B 875 -0.27 -51.99 -19.79
CA ARG B 875 -1.67 -51.72 -20.08
C ARG B 875 -1.87 -50.89 -21.34
N CYS B 876 -0.92 -50.05 -21.71
CA CYS B 876 -1.08 -49.28 -22.95
C CYS B 876 -1.20 -50.24 -24.14
N VAL B 877 -0.38 -51.28 -24.16
CA VAL B 877 -0.47 -52.31 -25.19
C VAL B 877 -1.77 -53.09 -25.03
N GLN B 878 -2.13 -53.41 -23.79
CA GLN B 878 -3.34 -54.21 -23.54
C GLN B 878 -4.58 -53.48 -24.01
N GLU B 879 -4.63 -52.17 -23.79
CA GLU B 879 -5.76 -51.37 -24.25
C GLU B 879 -5.81 -51.31 -25.78
N ALA B 880 -4.63 -51.32 -26.42
CA ALA B 880 -4.48 -51.28 -27.87
C ALA B 880 -4.94 -52.56 -28.56
N LEU B 881 -5.02 -53.67 -27.81
CA LEU B 881 -5.58 -54.93 -28.29
C LEU B 881 -7.10 -54.98 -28.20
N GLU B 882 -7.67 -54.43 -27.12
CA GLU B 882 -9.12 -54.46 -26.94
C GLU B 882 -9.82 -53.58 -27.95
N VAL B 883 -9.19 -52.47 -28.33
CA VAL B 883 -9.76 -51.57 -29.33
C VAL B 883 -9.88 -52.28 -30.67
N ILE B 884 -8.87 -53.07 -31.05
CA ILE B 884 -8.96 -53.83 -32.29
C ILE B 884 -10.10 -54.84 -32.20
N GLN B 885 -10.24 -55.49 -31.05
CA GLN B 885 -11.35 -56.43 -30.86
C GLN B 885 -12.68 -55.72 -31.09
N LEU B 886 -12.91 -54.63 -30.37
CA LEU B 886 -14.10 -53.83 -30.55
C LEU B 886 -14.19 -53.27 -31.97
N ASN B 887 -13.05 -53.06 -32.64
CA ASN B 887 -13.11 -52.63 -34.03
C ASN B 887 -13.71 -53.71 -34.91
N ILE B 888 -13.32 -54.96 -34.68
CA ILE B 888 -13.86 -56.06 -35.47
C ILE B 888 -15.35 -56.18 -35.21
N GLN B 889 -15.74 -56.09 -33.95
CA GLN B 889 -17.14 -56.25 -33.56
C GLN B 889 -17.97 -55.12 -34.11
N TRP B 890 -17.46 -53.89 -33.98
CA TRP B 890 -18.17 -52.75 -34.53
C TRP B 890 -18.39 -52.95 -36.02
N MET B 891 -17.35 -53.41 -36.72
CA MET B 891 -17.47 -53.70 -38.14
C MET B 891 -18.43 -54.85 -38.40
N GLU B 892 -18.40 -55.88 -37.56
CA GLU B 892 -19.38 -56.95 -37.69
C GLU B 892 -20.79 -56.45 -37.38
N LYS B 893 -20.97 -55.87 -36.19
CA LYS B 893 -22.31 -55.51 -35.73
C LYS B 893 -22.99 -54.47 -36.63
N ASN B 894 -22.24 -53.51 -37.20
CA ASN B 894 -22.89 -52.40 -37.88
C ASN B 894 -22.67 -52.30 -39.40
N LEU B 895 -21.60 -52.87 -39.96
CA LEU B 895 -21.22 -52.52 -41.35
C LEU B 895 -22.24 -52.97 -42.40
N LYS B 896 -22.63 -54.24 -42.42
CA LYS B 896 -23.54 -54.66 -43.50
C LYS B 896 -24.83 -53.85 -43.43
N SER B 897 -25.34 -53.63 -42.23
CA SER B 897 -26.53 -52.81 -42.06
C SER B 897 -26.25 -51.37 -42.46
N LEU B 898 -25.06 -50.87 -42.13
CA LEU B 898 -24.72 -49.51 -42.50
C LEU B 898 -24.73 -49.36 -44.03
N THR B 899 -24.33 -50.42 -44.74
CA THR B 899 -24.26 -50.33 -46.19
C THR B 899 -25.64 -50.12 -46.81
N TRP B 900 -26.68 -50.59 -46.12
CA TRP B 900 -28.02 -50.53 -46.67
C TRP B 900 -28.54 -49.10 -46.72
N TRP B 901 -28.35 -48.34 -45.64
CA TRP B 901 -28.82 -46.97 -45.67
C TRP B 901 -28.04 -46.15 -46.70
N LEU B 902 -26.75 -46.44 -46.85
CA LEU B 902 -25.95 -45.66 -47.79
C LEU B 902 -26.14 -46.16 -49.21
C1 NAG C . -19.49 49.76 47.44
C2 NAG C . -18.62 49.97 48.69
C3 NAG C . -18.90 48.86 49.69
C4 NAG C . -20.40 48.69 49.96
C5 NAG C . -21.21 48.65 48.66
C6 NAG C . -22.71 48.68 48.87
C7 NAG C . -16.56 51.06 47.85
C8 NAG C . -15.10 50.87 47.54
N2 NAG C . -17.20 49.99 48.32
O3 NAG C . -18.18 49.12 50.89
O4 NAG C . -20.62 47.43 50.60
O5 NAG C . -20.88 49.76 47.82
O6 NAG C . -23.43 48.88 47.65
O7 NAG C . -17.12 52.14 47.69
C1 NAG C . -21.11 47.50 51.98
C2 NAG C . -20.32 46.75 53.08
C3 NAG C . -21.02 46.99 54.40
C4 NAG C . -21.14 48.49 54.73
C5 NAG C . -21.90 49.24 53.63
C6 NAG C . -21.85 50.75 53.86
C7 NAG C . -19.82 44.62 51.78
C8 NAG C . -19.59 43.13 51.95
N2 NAG C . -20.10 45.31 52.90
O3 NAG C . -20.35 46.22 55.39
O4 NAG C . -21.76 48.69 56.01
O5 NAG C . -21.26 48.99 52.38
O6 NAG C . -20.83 51.40 53.11
O7 NAG C . -19.62 45.19 50.71
C1 NAG D . 22.34 55.86 18.14
C2 NAG D . 23.06 55.26 16.92
C3 NAG D . 23.10 56.26 15.77
C4 NAG D . 21.68 56.64 15.41
C5 NAG D . 21.04 57.32 16.62
C6 NAG D . 19.61 57.72 16.39
C7 NAG D . 25.51 55.27 17.66
C8 NAG D . 25.45 56.76 17.94
N2 NAG D . 24.39 54.68 17.20
O3 NAG D . 23.74 55.65 14.65
O4 NAG D . 21.74 57.59 14.36
O5 NAG D . 21.02 56.40 17.72
O6 NAG D . 18.84 56.53 16.26
O7 NAG D . 26.54 54.64 17.84
C1 NAG D . 21.37 57.08 13.08
C2 NAG D . 20.63 58.25 12.41
C3 NAG D . 20.20 57.87 11.01
C4 NAG D . 21.37 57.33 10.20
C5 NAG D . 22.10 56.22 10.96
C6 NAG D . 23.33 55.70 10.27
C7 NAG D . 18.70 59.69 12.99
C8 NAG D . 17.54 59.88 13.91
N2 NAG D . 19.46 58.62 13.21
O3 NAG D . 19.70 59.03 10.36
O4 NAG D . 20.83 56.80 9.00
O5 NAG D . 22.48 56.70 12.27
O6 NAG D . 22.98 54.87 9.16
O7 NAG D . 18.93 60.48 12.07
C1 BMA D . 21.14 57.66 7.89
C2 BMA D . 21.81 56.77 6.85
C3 BMA D . 22.31 57.63 5.75
C4 BMA D . 21.13 58.37 5.09
C5 BMA D . 20.30 59.18 6.13
C6 BMA D . 19.00 59.74 5.53
O2 BMA D . 20.86 55.91 6.25
O3 BMA D . 22.99 56.85 4.77
O4 BMA D . 21.60 59.23 4.06
O5 BMA D . 19.98 58.35 7.32
O6 BMA D . 17.97 59.73 6.51
C1 NAG E . 38.34 12.63 5.40
C2 NAG E . 39.55 12.99 4.47
C3 NAG E . 40.13 14.35 4.87
C4 NAG E . 39.09 15.45 4.89
C5 NAG E . 38.03 15.05 5.90
C6 NAG E . 36.99 16.12 6.19
C7 NAG E . 41.48 11.66 3.61
C8 NAG E . 41.38 12.45 2.33
N2 NAG E . 40.59 11.98 4.58
O3 NAG E . 41.23 14.75 4.05
O4 NAG E . 39.84 16.56 5.40
O5 NAG E . 37.38 13.83 5.48
O6 NAG E . 37.66 17.25 6.76
O7 NAG E . 42.34 10.79 3.77
C1 NAG E . 40.07 17.63 4.45
C2 NAG E . 41.53 18.08 4.19
C3 NAG E . 41.49 19.23 3.20
C4 NAG E . 40.82 18.76 1.90
C5 NAG E . 39.43 18.17 2.16
C6 NAG E . 38.84 17.45 0.97
C7 NAG E . 43.59 18.31 5.56
C8 NAG E . 44.33 17.71 4.38
N2 NAG E . 42.26 18.47 5.40
O3 NAG E . 42.78 19.78 2.95
O4 NAG E . 40.67 19.90 1.06
O5 NAG E . 39.49 17.17 3.19
O6 NAG E . 39.74 16.46 0.49
O7 NAG E . 44.18 18.63 6.59
C1 NAG F . -15.22 12.43 46.35
C2 NAG F . -15.97 12.23 47.66
C3 NAG F . -17.11 13.25 47.81
C4 NAG F . -16.62 14.68 47.55
C5 NAG F . -15.82 14.75 46.25
C6 NAG F . -15.20 16.10 45.92
C7 NAG F . -17.63 10.36 47.33
C8 NAG F . -17.82 8.87 47.37
N2 NAG F . -16.43 10.83 47.73
O3 NAG F . -17.64 13.21 49.14
O4 NAG F . -17.73 15.56 47.43
O5 NAG F . -14.77 13.79 46.25
O6 NAG F . -14.60 16.06 44.63
O7 NAG F . -18.51 11.10 46.90
C1 NAG F . -17.58 16.57 48.44
C2 NAG F . -19.00 17.09 48.67
C3 NAG F . -19.09 17.97 49.95
C4 NAG F . -18.25 17.43 51.10
C5 NAG F . -16.87 17.07 50.58
C6 NAG F . -15.91 16.51 51.61
C7 NAG F . -20.43 17.51 46.69
C8 NAG F . -20.67 18.41 45.51
N2 NAG F . -19.42 17.85 47.51
O3 NAG F . -20.46 18.08 50.34
O4 NAG F . -18.13 18.37 52.15
O5 NAG F . -17.07 16.05 49.60
O6 NAG F . -14.68 16.19 50.97
O7 NAG F . -21.11 16.50 46.89
C1 NAG G . 16.03 -9.65 -17.33
C2 NAG G . 15.19 -8.36 -17.53
C3 NAG G . 15.93 -7.16 -16.96
C4 NAG G . 16.39 -7.42 -15.53
C5 NAG G . 17.22 -8.70 -15.45
C6 NAG G . 17.75 -9.06 -14.07
C7 NAG G . 13.96 -7.33 -19.39
C8 NAG G . 13.87 -7.14 -20.89
N2 NAG G . 14.95 -8.12 -18.94
O3 NAG G . 15.06 -6.04 -16.95
O4 NAG G . 17.28 -6.33 -15.35
O5 NAG G . 16.42 -9.79 -15.90
O6 NAG G . 18.20 -10.41 -14.01
O7 NAG G . 13.19 -6.76 -18.62
C1 NAG G . 16.68 -5.47 -14.41
C2 NAG G . 17.82 -4.56 -14.03
C3 NAG G . 17.35 -3.56 -12.98
C4 NAG G . 16.13 -2.78 -13.49
C5 NAG G . 15.04 -3.77 -13.89
C6 NAG G . 13.83 -3.09 -14.49
C7 NAG G . 20.14 -5.38 -14.19
C8 NAG G . 21.19 -6.26 -13.58
N2 NAG G . 18.96 -5.34 -13.55
O3 NAG G . 18.40 -2.65 -12.67
O4 NAG G . 15.65 -1.96 -12.43
O5 NAG G . 15.53 -4.66 -14.89
O6 NAG G . 14.23 -1.93 -15.22
O7 NAG G . 20.34 -4.78 -15.24
C1 NAG H . 34.42 -27.67 -21.63
C2 NAG H . 34.48 -26.31 -20.97
C3 NAG H . 34.68 -25.24 -22.05
C4 NAG H . 35.75 -25.69 -23.08
C5 NAG H . 35.82 -27.21 -23.33
C6 NAG H . 37.11 -27.68 -23.97
C7 NAG H . 33.20 -26.13 -18.85
C8 NAG H . 31.86 -25.84 -18.25
N2 NAG H . 33.26 -26.04 -20.19
O3 NAG H . 35.05 -24.00 -21.47
O4 NAG H . 35.19 -25.36 -24.34
O5 NAG H . 35.65 -27.98 -22.13
O6 NAG H . 37.16 -29.09 -24.19
O7 NAG H . 34.17 -26.42 -18.14
C1 NAG H . 35.78 -24.39 -25.17
C2 NAG H . 35.13 -24.74 -26.51
C3 NAG H . 35.38 -23.67 -27.55
C4 NAG H . 35.05 -22.28 -27.03
C5 NAG H . 35.69 -22.03 -25.67
C6 NAG H . 35.12 -20.79 -25.01
C7 NAG H . 35.09 -26.67 -28.07
C8 NAG H . 35.72 -27.97 -28.42
N2 NAG H . 35.60 -26.03 -27.00
O3 NAG H . 34.54 -23.95 -28.68
O4 NAG H . 35.62 -21.36 -27.94
O5 NAG H . 35.39 -23.11 -24.78
O6 NAG H . 35.51 -20.68 -23.65
O7 NAG H . 34.15 -26.20 -28.72
C1 BMA H . 34.62 -20.52 -28.53
C2 BMA H . 35.38 -19.24 -29.06
C3 BMA H . 34.71 -18.58 -30.26
C4 BMA H . 34.00 -19.60 -31.15
C5 BMA H . 33.04 -20.35 -30.28
C6 BMA H . 32.02 -21.13 -31.08
O2 BMA H . 36.70 -19.57 -29.47
O3 BMA H . 35.65 -17.85 -31.03
O4 BMA H . 33.28 -18.95 -32.17
O5 BMA H . 33.86 -21.22 -29.52
O6 BMA H . 31.49 -20.25 -32.08
C1 NAG I . -46.18 -25.02 -15.49
C2 NAG I . -46.10 -23.74 -14.73
C3 NAG I . -44.96 -23.90 -13.69
C4 NAG I . -45.30 -25.12 -12.78
C5 NAG I . -45.68 -26.38 -13.59
C6 NAG I . -46.44 -27.42 -12.77
C7 NAG I . -46.00 -21.31 -15.64
C8 NAG I . -45.96 -20.54 -16.96
N2 NAG I . -45.91 -22.66 -15.74
O3 NAG I . -44.62 -22.75 -12.93
O4 NAG I . -44.41 -25.45 -11.71
O5 NAG I . -46.60 -26.03 -14.64
O6 NAG I . -47.83 -27.43 -13.05
O7 NAG I . -46.12 -20.73 -14.53
C1 NAG I . -45.06 -25.42 -10.40
C2 NAG I . -44.01 -25.36 -9.29
C3 NAG I . -44.73 -25.24 -7.95
C4 NAG I . -45.73 -24.09 -7.87
C5 NAG I . -46.75 -24.21 -9.01
C6 NAG I . -47.62 -22.97 -9.12
C7 NAG I . -42.10 -27.02 -8.72
C8 NAG I . -40.86 -26.25 -9.13
N2 NAG I . -43.28 -26.61 -9.21
O3 NAG I . -43.77 -25.22 -6.90
O4 NAG I . -46.39 -24.18 -6.61
O5 NAG I . -46.02 -24.28 -10.25
O6 NAG I . -47.10 -22.00 -8.22
O7 NAG I . -42.01 -28.20 -8.32
C14 ONN J . -1.72 36.07 23.79
C14 ONN J . -2.71 36.18 23.97
C11 ONN J . 0.02 34.88 25.39
C11 ONN J . -0.25 35.99 24.66
C2 ONN J . 4.07 34.30 25.41
C2 ONN J . 3.76 35.00 25.46
C4 ONN J . 4.83 32.90 23.54
C4 ONN J . 4.58 33.38 23.80
C5 ONN J . 4.94 31.75 24.54
C5 ONN J . 4.70 32.38 24.94
C6 ONN J . 4.64 31.94 25.80
C6 ONN J . 4.38 32.73 26.16
C1 ONN J . 3.61 35.67 25.89
C1 ONN J . 3.26 36.42 25.73
C10 ONN J . 1.22 35.19 26.26
C10 ONN J . 0.83 36.10 25.71
C15 ONN J . -1.33 37.04 22.67
C15 ONN J . -2.54 36.95 22.65
C16 ONN J . -2.06 34.67 23.24
C16 ONN J . -2.82 34.69 23.68
C19 ONN J . 0.29 34.04 22.33
C19 ONN J . -1.68 32.40 23.40
C20 ONN J . 0.56 34.17 20.85
C20 ONN J . -2.19 31.81 24.71
C21 ONN J . 1.28 33.15 20.22
C21 ONN J . -3.51 31.37 24.81
C22 ONN J . 1.54 33.28 18.86
C22 ONN J . -3.95 30.85 26.01
C23 ONN J . 1.09 34.38 18.16
C23 ONN J . -3.12 30.76 27.11
C24 ONN J . 0.36 35.38 18.78
C24 ONN J . -1.82 31.19 27.02
C25 ONN J . 0.12 35.27 20.13
C25 ONN J . -1.36 31.71 25.83
C26 ONN J . 1.76 31.94 21.03
C26 ONN J . -4.46 31.45 23.61
C27 ONN J . 1.57 30.63 20.26
C27 ONN J . -4.99 30.08 23.20
C3 ONN J . 4.42 34.08 23.95
C3 ONN J . 4.14 34.60 24.04
C31 ONN J . 2.59 38.54 25.67
C31 ONN J . 2.26 39.28 25.37
C32 ONN J . 1.98 39.92 25.49
C32 ONN J . 1.58 40.60 25.05
C35 ONN J . 0.45 39.83 25.42
C35 ONN J . 0.09 40.40 25.29
C36 ONN J . -0.05 40.22 24.03
C36 ONN J . -0.73 41.03 24.19
C7 ONN J . 4.17 33.31 26.27
C7 ONN J . 3.86 34.14 26.44
C9 ONN J . 2.21 35.93 25.36
C9 ONN J . 1.99 36.68 24.94
N13 ONN J . -0.59 36.02 24.70
N13 ONN J . -1.64 36.33 24.95
N18 ONN J . -1.12 33.77 22.57
N18 ONN J . -1.65 33.83 23.63
N30 ONN J . 1.84 37.35 25.27
N30 ONN J . 1.64 38.08 24.79
N34 ONN J . 2.52 40.51 24.28
N34 ONN J . 1.85 40.94 23.66
O12 ONN J . -0.34 33.76 25.28
O12 ONN J . 0.08 35.61 23.59
O17 ONN J . -3.17 34.30 23.36
O17 ONN J . -3.91 34.27 23.51
O28 ONN J . 2.21 29.61 20.61
O28 ONN J . -4.90 29.72 21.99
O29 ONN J . 0.79 30.54 19.27
O29 ONN J . -5.51 29.30 24.05
O33 ONN J . 3.69 38.51 26.14
O33 ONN J . 3.21 39.29 26.07
O8 ONN J . 5.37 30.49 24.10
O8 ONN J . 5.17 31.09 24.69
S37 ONN J . -1.84 39.95 23.99
S37 ONN J . -2.12 39.94 23.80
S38 ONN J . -2.40 38.50 22.57
S38 ONN J . -1.35 38.32 22.71
ZN ZN K . 4.79 39.36 24.52
C1 NAG L . -23.18 61.08 34.45
C2 NAG L . -24.22 60.06 34.76
C3 NAG L . -25.61 60.72 34.73
C4 NAG L . -25.62 62.02 35.54
C5 NAG L . -24.38 62.88 35.27
C6 NAG L . -24.24 64.04 36.23
C7 NAG L . -23.86 57.68 34.20
C8 NAG L . -23.77 56.66 33.09
N2 NAG L . -24.12 58.95 33.82
O3 NAG L . -26.62 59.86 35.21
O4 NAG L . -26.80 62.78 35.31
O5 NAG L . -23.21 62.08 35.41
O6 NAG L . -23.82 63.62 37.51
O7 NAG L . -23.68 57.38 35.37
C1 NAG M . 8.28 72.83 31.08
C2 NAG M . 9.17 74.01 30.61
C3 NAG M . 10.47 73.43 30.02
C4 NAG M . 11.12 72.44 30.98
C5 NAG M . 10.13 71.39 31.47
C6 NAG M . 10.65 70.36 32.47
C7 NAG M . 8.99 75.85 28.95
C8 NAG M . 8.14 76.48 27.89
N2 NAG M . 8.47 74.79 29.59
O3 NAG M . 11.38 74.52 29.91
O4 NAG M . 12.03 71.74 30.16
O5 NAG M . 9.01 72.03 32.06
O6 NAG M . 11.49 69.42 31.83
O7 NAG M . 10.14 76.21 29.14
C1 NAG N . 5.15 40.61 51.29
C2 NAG N . 6.40 39.69 51.66
C3 NAG N . 7.29 40.30 52.77
C4 NAG N . 7.54 41.79 52.60
C5 NAG N . 6.21 42.52 52.47
C6 NAG N . 6.33 44.04 52.44
C7 NAG N . 6.53 37.20 51.99
C8 NAG N . 7.90 37.20 51.37
N2 NAG N . 5.90 38.39 52.08
O3 NAG N . 8.55 39.64 52.83
O4 NAG N . 8.37 42.31 53.63
O5 NAG N . 5.54 42.07 51.29
O6 NAG N . 7.26 44.46 53.44
O7 NAG N . 6.02 36.16 52.39
C1 NAG O . -0.75 -4.66 21.70
C2 NAG O . -1.52 -5.10 20.43
C3 NAG O . -0.63 -6.04 19.61
C4 NAG O . 0.74 -5.45 19.32
C5 NAG O . 1.44 -5.08 20.62
C6 NAG O . 2.84 -4.53 20.43
C7 NAG O . -3.88 -5.86 20.06
C8 NAG O . -3.84 -5.21 18.72
N2 NAG O . -2.76 -5.79 20.81
O3 NAG O . -1.22 -6.42 18.38
O4 NAG O . 1.47 -6.48 18.66
O5 NAG O . 0.62 -4.12 21.32
O6 NAG O . 3.36 -5.08 19.22
O7 NAG O . -4.87 -6.48 20.44
C1 NAG P . -21.29 52.19 30.76
C2 NAG P . -22.81 52.19 30.48
C3 NAG P . -23.25 53.30 29.47
C4 NAG P . -22.43 54.60 29.59
C5 NAG P . -20.97 54.28 29.78
C6 NAG P . -20.13 55.48 30.13
C7 NAG P . -23.58 50.44 28.77
C8 NAG P . -23.25 49.02 28.31
N2 NAG P . -22.92 50.85 29.88
O3 NAG P . -24.59 53.73 29.71
O4 NAG P . -22.53 55.24 28.34
O5 NAG P . -20.84 53.44 30.92
O6 NAG P . -20.70 56.00 31.32
O7 NAG P . -24.48 51.12 28.23
C1 SIN Q . 25.27 26.34 14.52
O1 SIN Q . 24.36 25.65 14.02
O2 SIN Q . 26.43 26.17 14.09
C2 SIN Q . 24.99 27.32 15.63
C3 SIN Q . 25.98 28.49 15.60
C4 SIN Q . 25.33 29.71 16.19
O3 SIN Q . 24.29 29.59 16.85
O4 SIN Q . 25.82 30.85 16.04
C1 EDO R . -15.11 53.89 20.35
O1 EDO R . -16.26 54.42 21.02
C2 EDO R . -15.40 52.53 19.76
O2 EDO R . -16.16 52.78 18.59
C1 EDO S . -12.06 11.53 -12.40
O1 EDO S . -11.80 12.40 -13.51
C2 EDO S . -11.09 10.35 -12.41
O2 EDO S . -11.14 9.66 -11.15
C1 PGE T . 40.52 23.86 -9.27
O1 PGE T . 39.91 23.81 -10.53
C2 PGE T . 40.65 22.46 -8.66
O2 PGE T . 41.97 22.04 -8.41
C3 PGE T . 42.50 21.08 -9.29
C4 PGE T . 41.83 19.71 -9.19
O4 PGE T . 37.44 19.55 -10.74
C6 PGE T . 38.41 20.22 -9.99
C5 PGE T . 39.51 19.28 -9.51
O3 PGE T . 40.74 19.64 -10.08
O1 PG4 U . 7.19 32.43 56.53
C1 PG4 U . 6.43 32.95 55.48
C2 PG4 U . 6.62 34.46 55.37
O2 PG4 U . 6.38 35.08 56.61
C3 PG4 U . 7.43 35.94 56.99
C4 PG4 U . 6.91 37.36 57.20
O3 PG4 U . 7.98 38.22 57.50
C5 PG4 U . 8.89 37.74 58.44
C6 PG4 U . 10.31 37.90 57.90
O4 PG4 U . 10.89 36.63 57.71
C7 PG4 U . 11.88 36.57 56.73
C8 PG4 U . 13.05 37.50 57.09
O5 PG4 U . 14.25 36.93 56.65
P PO4 V . -5.36 -2.08 5.56
O1 PO4 V . -6.44 -2.49 4.58
O2 PO4 V . -5.76 -0.78 6.20
O3 PO4 V . -4.03 -1.92 4.83
O4 PO4 V . -5.24 -3.15 6.62
C14 ONN W . 3.40 -35.03 -22.14
C14 ONN W . 3.29 -34.60 -22.15
C11 ONN W . 2.01 -33.20 -21.10
C11 ONN W . 2.61 -32.35 -21.04
C2 ONN W . 0.01 -30.18 -19.47
C2 ONN W . -0.16 -30.59 -19.20
C4 ONN W . -2.32 -30.24 -20.26
C4 ONN W . -2.17 -30.82 -20.60
C5 ONN W . -1.93 -29.19 -21.29
C5 ONN W . -1.87 -29.43 -21.16
C6 ONN W . -0.70 -28.73 -21.35
C6 ONN W . -0.82 -28.76 -20.73
C1 ONN W . 1.04 -30.72 -18.47
C1 ONN W . 0.73 -31.23 -18.14
C10 ONN W . 2.04 -31.90 -20.33
C10 ONN W . 2.61 -31.50 -19.78
C15 ONN W . 2.64 -36.18 -21.50
C15 ONN W . 3.32 -36.07 -21.72
C16 ONN W . 2.81 -34.67 -23.48
C16 ONN W . 2.04 -34.39 -22.99
C19 ONN W . 0.68 -34.00 -24.81
C19 ONN W . -0.38 -33.84 -22.99
C20 ONN W . 1.47 -32.89 -25.51
C20 ONN W . -1.54 -34.77 -22.65
C21 ONN W . 2.26 -33.25 -26.60
C21 ONN W . -2.68 -34.88 -23.47
C22 ONN W . 3.00 -32.27 -27.23
C22 ONN W . -3.66 -35.77 -23.05
C23 ONN W . 2.98 -30.96 -26.79
C23 ONN W . -3.55 -36.53 -21.89
C24 ONN W . 2.20 -30.61 -25.71
C24 ONN W . -2.42 -36.40 -21.10
C25 ONN W . 1.45 -31.58 -25.07
C25 ONN W . -1.43 -35.52 -21.49
C26 ONN W . 2.26 -34.71 -27.05
C26 ONN W . -2.92 -34.10 -24.77
C27 ONN W . 2.21 -34.85 -28.57
C27 ONN W . -2.39 -32.66 -24.85
C3 ONN W . -1.43 -30.70 -19.41
C3 ONN W . -1.37 -31.35 -19.70
C31 ONN W . 2.97 -32.44 -16.79
C31 ONN W . 3.13 -32.37 -16.57
C32 ONN W . 4.28 -32.97 -16.20
C32 ONN W . 4.24 -33.16 -15.89
C35 ONN W . 5.18 -33.53 -17.30
C35 ONN W . 5.17 -33.72 -16.96
C36 ONN W . 4.90 -35.01 -17.53
C36 ONN W . 4.78 -35.16 -17.31
C7 ONN W . 0.34 -29.25 -20.36
C7 ONN W . 0.10 -29.37 -19.67
C9 ONN W . 1.53 -32.10 -18.91
C9 ONN W . 1.71 -32.22 -18.78
N13 ONN W . 3.30 -33.82 -21.37
N13 ONN W . 3.23 -33.68 -21.01
N18 ONN W . 1.38 -34.38 -23.60
N18 ONN W . 0.81 -34.12 -22.26
N30 ONN W . 2.71 -32.56 -18.21
N30 ONN W . 2.69 -32.81 -17.89
N34 ONN W . 3.98 -33.97 -15.21
N34 ONN W . 3.66 -34.23 -15.09
O12 ONN W . 0.97 -33.64 -21.46
O12 ONN W . 2.06 -31.89 -21.98
O17 ONN W . 3.56 -34.62 -24.39
O17 ONN W . 2.07 -34.39 -24.18
O28 ONN W . 2.72 -35.88 -29.10
O28 ONN W . -1.68 -32.31 -25.84
O29 ONN W . 1.66 -33.97 -29.29
O29 ONN W . -2.62 -31.84 -23.92
O33 ONN W . 2.19 -31.94 -16.05
O33 ONN W . 2.69 -31.43 -16.01
O8 ONN W . -2.87 -28.70 -22.19
O8 ONN W . -2.71 -28.86 -22.12
S37 ONN W . 4.87 -35.32 -19.31
S37 ONN W . 5.06 -35.44 -19.08
S38 ONN W . 3.12 -36.40 -19.77
S38 ONN W . 3.30 -36.24 -19.91
ZN ZN X . 0.47 -31.28 -14.83
C1 NAG Y . -4.92 -31.93 9.29
C2 NAG Y . -6.40 -32.07 9.63
C3 NAG Y . -6.58 -33.24 10.57
C4 NAG Y . -6.14 -34.51 9.87
C5 NAG Y . -4.63 -34.38 9.67
C6 NAG Y . -3.97 -35.55 8.99
C7 NAG Y . -7.65 -29.97 9.51
C8 NAG Y . -8.12 -28.77 10.27
N2 NAG Y . -6.92 -30.85 10.21
O3 NAG Y . -7.95 -33.28 11.00
O4 NAG Y . -6.52 -35.68 10.57
O5 NAG Y . -4.39 -33.23 8.83
O6 NAG Y . -2.57 -35.37 8.84
O7 NAG Y . -7.94 -30.15 8.33
C1 NAG Z . 19.99 -33.01 14.16
C2 NAG Z . 20.24 -32.13 15.39
C3 NAG Z . 18.90 -31.82 16.00
C4 NAG Z . 17.98 -31.10 15.00
C5 NAG Z . 17.81 -31.87 13.68
C6 NAG Z . 17.25 -30.94 12.61
C7 NAG Z . 22.49 -32.79 16.31
C8 NAG Z . 23.23 -33.23 17.54
N2 NAG Z . 21.15 -32.67 16.42
O3 NAG Z . 19.14 -31.12 17.21
O4 NAG Z . 16.69 -30.88 15.59
O5 NAG Z . 19.10 -32.26 13.19
O6 NAG Z . 17.49 -31.40 11.29
O7 NAG Z . 23.07 -32.48 15.27
C1 NAG AA . 29.33 -42.33 -20.28
C2 NAG AA . 29.11 -43.64 -19.52
C3 NAG AA . 29.99 -44.74 -20.12
C4 NAG AA . 29.77 -44.86 -21.62
C5 NAG AA . 30.02 -43.51 -22.28
C6 NAG AA . 29.78 -43.49 -23.77
C7 NAG AA . 28.94 -44.23 -17.12
C8 NAG AA . 29.41 -43.91 -15.74
N2 NAG AA . 29.44 -43.47 -18.10
O3 NAG AA . 29.65 -45.99 -19.52
O4 NAG AA . 30.71 -45.78 -22.15
O5 NAG AA . 29.13 -42.54 -21.69
O6 NAG AA . 28.56 -42.81 -24.08
O7 NAG AA . 28.16 -45.15 -17.34
C1 NAG BA . 12.50 -15.86 -50.96
C2 NAG BA . 13.18 -16.81 -50.01
C3 NAG BA . 14.70 -16.63 -50.10
C4 NAG BA . 15.16 -16.84 -51.54
C5 NAG BA . 14.38 -15.90 -52.47
C6 NAG BA . 14.68 -16.14 -53.94
C7 NAG BA . 12.75 -15.52 -47.93
C8 NAG BA . 12.10 -15.55 -46.57
N2 NAG BA . 12.66 -16.65 -48.66
O3 NAG BA . 15.36 -17.59 -49.27
O4 NAG BA . 16.56 -16.59 -51.70
O5 NAG BA . 12.97 -16.11 -52.30
O6 NAG BA . 13.66 -16.96 -54.51
O7 NAG BA . 13.31 -14.51 -48.36
C1 NAG CA . 26.04 -22.57 -41.42
C2 NAG CA . 25.71 -23.28 -42.71
C3 NAG CA . 26.22 -24.71 -42.64
C4 NAG CA . 27.73 -24.68 -42.45
C5 NAG CA . 28.09 -23.86 -41.20
C6 NAG CA . 29.56 -23.56 -41.14
C7 NAG CA . 24.00 -22.65 -44.33
C8 NAG CA . 22.53 -22.59 -44.67
N2 NAG CA . 24.31 -23.19 -43.14
O3 NAG CA . 25.80 -25.48 -43.76
O4 NAG CA . 28.25 -26.00 -42.32
O5 NAG CA . 27.47 -22.56 -41.25
O6 NAG CA . 29.77 -22.36 -40.40
O7 NAG CA . 24.87 -22.21 -45.09
C1 EDO DA . 17.08 -18.26 1.67
O1 EDO DA . 18.01 -17.17 1.75
C2 EDO DA . 16.38 -18.26 0.31
O2 EDO DA . 15.65 -19.47 0.14
C1 EDO EA . -53.10 -36.04 -19.76
O1 EDO EA . -53.48 -34.68 -20.02
C2 EDO EA . -53.26 -36.84 -21.05
O2 EDO EA . -52.52 -36.23 -22.11
C1 EDO FA . -21.44 -25.78 -12.58
O1 EDO FA . -20.48 -24.86 -13.13
C2 EDO FA . -22.60 -25.01 -11.96
O2 EDO FA . -23.74 -25.00 -12.85
C1 PEG GA . -4.71 -13.79 0.53
O1 PEG GA . -3.93 -13.10 1.47
C2 PEG GA . -5.83 -12.91 -0.01
O2 PEG GA . -5.33 -11.89 -0.84
C3 PEG GA . -5.05 -10.66 -0.21
C4 PEG GA . -6.01 -10.41 0.95
O4 PEG GA . -5.41 -9.56 1.89
#